data_1Z11
#
_entry.id   1Z11
#
_cell.length_a   70.66
_cell.length_b   159.03
_cell.length_c   103.88
_cell.angle_alpha   90.00
_cell.angle_beta   92.00
_cell.angle_gamma   90.00
#
_symmetry.space_group_name_H-M   'P 1 21 1'
#
loop_
_entity.id
_entity.type
_entity.pdbx_description
1 polymer 'cytochrome P450, family 2, subfamily A, polypeptide 6'
2 non-polymer 'PROTOPORPHYRIN IX CONTAINING FE'
3 non-polymer METHOXSALEN
4 water water
#
_entity_poly.entity_id   1
_entity_poly.type   'polypeptide(L)'
_entity_poly.pdbx_seq_one_letter_code
;MAKKTSSKGKLPPGPTPLPFIGNYLQLNTEQMYNSLMKISERYGPVFTIHLGPRRVVVLCGHDAVREALVDQAEEFSGRG
EQATFDWVFKGYGVVFSNGERAKQLRRFSIATLRDFGVGKRGIEERIQEEAGFLIDALRGTGGANIDPTFFLSRTVSNVI
SSIVFGDRFDYKDKEFLSLLRMMLGIFQFTSTSTGQLYEMFSSVMKHLPGPQQQAFQLLQGLEDFIAKKVEHNQRTLDPN
SPRDFIDSFLIRMQEEEKNPNTEFYLKNLVMTTLNLFIGGTETVSTTLRYGFLLLMKHPEVEAKVHEEIDRVIGKNRQPK
FEDRAKMPYMEAVIHEIQRFGDVIPMSLARRVKKDTKFRDFFLPKGTEVYPMLGSVLRDPSFFSNPQDFNPQHFLNEKGQ
FKKSDAFVPFSIGKRNCFGEGLARMELFLFFTTVMQNFRLKSSQSPKDIDVSPKHVGFATIPRNYTMSFLPRHHHH
;
_entity_poly.pdbx_strand_id   A,B,C,D
#
loop_
_chem_comp.id
_chem_comp.type
_chem_comp.name
_chem_comp.formula
8MO non-polymer METHOXSALEN 'C12 H8 O4'
HEM non-polymer 'PROTOPORPHYRIN IX CONTAINING FE' 'C34 H32 Fe N4 O4'
#
# COMPACT_ATOMS: atom_id res chain seq x y z
N LYS A 8 -33.61 6.00 -14.55
CA LYS A 8 -32.71 7.14 -14.21
C LYS A 8 -31.35 7.00 -14.89
N GLY A 9 -30.77 8.12 -15.30
CA GLY A 9 -29.47 8.09 -15.93
C GLY A 9 -28.40 7.79 -14.89
N LYS A 10 -28.62 6.71 -14.15
CA LYS A 10 -27.68 6.33 -13.11
C LYS A 10 -26.93 5.05 -13.43
N LEU A 11 -25.67 5.06 -13.02
CA LEU A 11 -24.75 3.95 -13.18
C LEU A 11 -25.30 2.79 -12.32
N PRO A 12 -25.03 1.53 -12.69
CA PRO A 12 -25.58 0.46 -11.84
C PRO A 12 -25.19 0.64 -10.37
N PRO A 13 -26.03 0.15 -9.44
CA PRO A 13 -25.70 0.29 -8.01
C PRO A 13 -24.55 -0.61 -7.55
N GLY A 14 -23.88 -0.23 -6.47
CA GLY A 14 -22.78 -1.05 -5.98
C GLY A 14 -22.25 -0.50 -4.68
N PRO A 15 -21.31 -1.20 -4.03
CA PRO A 15 -20.76 -0.70 -2.76
C PRO A 15 -19.96 0.60 -2.91
N THR A 16 -19.99 1.44 -1.89
CA THR A 16 -19.31 2.74 -1.93
C THR A 16 -17.77 2.54 -1.96
N PRO A 17 -17.10 3.06 -3.01
CA PRO A 17 -15.65 2.93 -3.17
C PRO A 17 -14.88 4.04 -2.51
N LEU A 18 -13.64 3.71 -2.13
CA LEU A 18 -12.73 4.64 -1.49
C LEU A 18 -11.74 5.12 -2.58
N PRO A 19 -11.23 6.34 -2.45
CA PRO A 19 -10.28 6.85 -3.45
C PRO A 19 -9.15 5.89 -3.83
N PHE A 20 -8.94 5.72 -5.13
CA PHE A 20 -7.87 4.86 -5.66
C PHE A 20 -8.03 3.38 -5.39
N ILE A 21 -8.22 2.99 -4.12
CA ILE A 21 -8.37 1.56 -3.85
C ILE A 21 -9.73 1.02 -4.28
N GLY A 22 -10.68 1.88 -4.59
CA GLY A 22 -11.98 1.40 -5.04
C GLY A 22 -12.70 0.56 -4.00
N ASN A 23 -13.18 -0.62 -4.37
CA ASN A 23 -13.88 -1.53 -3.45
C ASN A 23 -12.97 -2.64 -2.95
N TYR A 24 -11.68 -2.42 -3.09
CA TYR A 24 -10.70 -3.38 -2.65
C TYR A 24 -10.96 -3.95 -1.23
N LEU A 25 -11.33 -3.11 -0.28
CA LEU A 25 -11.53 -3.65 1.09
C LEU A 25 -12.74 -4.62 1.15
N GLN A 26 -13.56 -4.62 0.11
CA GLN A 26 -14.73 -5.52 0.08
C GLN A 26 -14.52 -6.69 -0.89
N LEU A 27 -13.27 -6.95 -1.24
CA LEU A 27 -13.01 -8.02 -2.17
C LEU A 27 -11.89 -8.93 -1.71
N ASN A 28 -12.03 -10.22 -1.97
CA ASN A 28 -10.99 -11.18 -1.64
C ASN A 28 -10.29 -11.50 -2.96
N THR A 29 -9.12 -10.93 -3.19
CA THR A 29 -8.43 -11.17 -4.46
C THR A 29 -8.16 -12.63 -4.76
N GLU A 30 -8.13 -13.48 -3.73
CA GLU A 30 -7.91 -14.88 -4.00
C GLU A 30 -9.19 -15.51 -4.54
N GLN A 31 -10.31 -14.83 -4.40
CA GLN A 31 -11.58 -15.39 -4.88
C GLN A 31 -12.47 -14.29 -5.40
N MET A 32 -12.02 -13.62 -6.45
CA MET A 32 -12.75 -12.52 -7.03
C MET A 32 -14.16 -12.92 -7.40
N TYR A 33 -14.28 -14.09 -8.01
CA TYR A 33 -15.57 -14.58 -8.45
C TYR A 33 -16.56 -14.66 -7.30
N ASN A 34 -16.18 -15.33 -6.22
CA ASN A 34 -17.07 -15.47 -5.07
C ASN A 34 -17.36 -14.10 -4.49
N SER A 35 -16.32 -13.28 -4.32
CA SER A 35 -16.48 -11.93 -3.80
C SER A 35 -17.52 -11.15 -4.61
N LEU A 36 -17.43 -11.24 -5.92
CA LEU A 36 -18.37 -10.52 -6.76
C LEU A 36 -19.80 -11.09 -6.68
N MET A 37 -19.93 -12.41 -6.64
CA MET A 37 -21.25 -13.01 -6.58
C MET A 37 -21.96 -12.64 -5.28
N LYS A 38 -21.17 -12.55 -4.21
CA LYS A 38 -21.69 -12.17 -2.91
C LYS A 38 -22.23 -10.75 -2.96
N ILE A 39 -21.48 -9.84 -3.57
CA ILE A 39 -21.90 -8.46 -3.68
C ILE A 39 -23.17 -8.41 -4.54
N SER A 40 -23.25 -9.31 -5.50
CA SER A 40 -24.41 -9.39 -6.38
C SER A 40 -25.67 -9.76 -5.58
N GLU A 41 -25.50 -10.54 -4.52
CA GLU A 41 -26.61 -10.99 -3.69
C GLU A 41 -27.25 -9.80 -3.02
N ARG A 42 -26.51 -8.70 -2.92
CA ARG A 42 -27.06 -7.53 -2.29
C ARG A 42 -27.52 -6.47 -3.25
N TYR A 43 -26.77 -6.28 -4.34
CA TYR A 43 -27.11 -5.24 -5.28
C TYR A 43 -27.85 -5.68 -6.52
N GLY A 44 -27.92 -6.98 -6.74
CA GLY A 44 -28.59 -7.48 -7.92
C GLY A 44 -27.68 -8.09 -8.97
N PRO A 45 -28.24 -8.53 -10.11
CA PRO A 45 -27.48 -9.14 -11.20
C PRO A 45 -26.57 -8.18 -11.97
N VAL A 46 -26.87 -6.88 -11.93
CA VAL A 46 -26.07 -5.90 -12.65
C VAL A 46 -25.65 -4.85 -11.65
N PHE A 47 -24.35 -4.78 -11.38
CA PHE A 47 -23.86 -3.83 -10.41
C PHE A 47 -22.50 -3.25 -10.80
N THR A 48 -22.12 -2.17 -10.13
CA THR A 48 -20.87 -1.49 -10.39
C THR A 48 -19.87 -1.83 -9.27
N ILE A 49 -18.63 -2.10 -9.65
CA ILE A 49 -17.58 -2.40 -8.69
C ILE A 49 -16.35 -1.58 -9.08
N HIS A 50 -15.52 -1.23 -8.10
CA HIS A 50 -14.32 -0.46 -8.42
C HIS A 50 -13.10 -1.28 -8.10
N LEU A 51 -12.51 -1.86 -9.16
CA LEU A 51 -11.34 -2.68 -8.99
C LEU A 51 -10.23 -1.67 -8.95
N GLY A 52 -9.92 -1.19 -7.76
CA GLY A 52 -8.93 -0.16 -7.64
C GLY A 52 -9.54 1.05 -8.34
N PRO A 53 -8.79 1.77 -9.18
CA PRO A 53 -9.37 2.92 -9.86
C PRO A 53 -10.27 2.57 -11.04
N ARG A 54 -10.33 1.28 -11.39
CA ARG A 54 -11.15 0.83 -12.52
C ARG A 54 -12.64 0.60 -12.23
N ARG A 55 -13.48 1.48 -12.76
CA ARG A 55 -14.93 1.32 -12.55
C ARG A 55 -15.43 0.29 -13.56
N VAL A 56 -16.04 -0.77 -13.04
CA VAL A 56 -16.50 -1.88 -13.85
C VAL A 56 -17.95 -2.29 -13.58
N VAL A 57 -18.72 -2.50 -14.66
CA VAL A 57 -20.10 -3.00 -14.53
C VAL A 57 -20.04 -4.51 -14.61
N VAL A 58 -20.53 -5.17 -13.58
CA VAL A 58 -20.55 -6.63 -13.48
C VAL A 58 -21.92 -7.19 -13.89
N LEU A 59 -21.91 -8.19 -14.79
CA LEU A 59 -23.09 -8.84 -15.31
C LEU A 59 -23.12 -10.30 -14.89
N CYS A 60 -24.11 -10.65 -14.06
CA CYS A 60 -24.25 -12.01 -13.56
C CYS A 60 -25.51 -12.67 -14.07
N GLY A 61 -25.41 -13.95 -14.40
CA GLY A 61 -26.58 -14.67 -14.85
C GLY A 61 -26.79 -14.58 -16.34
N HIS A 62 -27.43 -15.59 -16.91
CA HIS A 62 -27.67 -15.65 -18.35
C HIS A 62 -28.33 -14.43 -18.96
N ASP A 63 -29.48 -14.04 -18.41
CA ASP A 63 -30.20 -12.90 -18.97
C ASP A 63 -29.41 -11.60 -19.03
N ALA A 64 -28.80 -11.19 -17.92
CA ALA A 64 -28.03 -9.94 -17.96
C ALA A 64 -26.91 -10.02 -19.00
N VAL A 65 -26.19 -11.13 -19.01
CA VAL A 65 -25.08 -11.28 -19.92
C VAL A 65 -25.54 -11.27 -21.35
N ARG A 66 -26.53 -12.09 -21.67
CA ARG A 66 -27.04 -12.15 -23.05
C ARG A 66 -27.66 -10.81 -23.46
N GLU A 67 -28.43 -10.20 -22.57
CA GLU A 67 -29.05 -8.92 -22.90
C GLU A 67 -28.03 -7.89 -23.32
N ALA A 68 -26.88 -7.87 -22.65
CA ALA A 68 -25.85 -6.88 -22.96
C ALA A 68 -24.98 -7.21 -24.16
N LEU A 69 -24.29 -8.35 -24.11
CA LEU A 69 -23.38 -8.79 -25.16
C LEU A 69 -24.05 -9.20 -26.48
N VAL A 70 -25.29 -9.69 -26.42
CA VAL A 70 -25.95 -10.05 -27.65
C VAL A 70 -27.08 -9.08 -28.01
N ASP A 71 -28.04 -8.86 -27.11
CA ASP A 71 -29.12 -7.94 -27.46
C ASP A 71 -28.61 -6.53 -27.73
N GLN A 72 -27.55 -6.10 -27.05
CA GLN A 72 -26.97 -4.77 -27.31
C GLN A 72 -25.50 -4.97 -27.71
N ALA A 73 -25.28 -5.96 -28.55
CA ALA A 73 -23.96 -6.36 -29.03
C ALA A 73 -22.99 -5.26 -29.41
N GLU A 74 -23.40 -4.39 -30.32
CA GLU A 74 -22.54 -3.32 -30.78
C GLU A 74 -22.14 -2.37 -29.65
N GLU A 75 -23.06 -2.07 -28.75
CA GLU A 75 -22.73 -1.17 -27.65
C GLU A 75 -21.74 -1.78 -26.67
N PHE A 76 -21.79 -3.11 -26.52
CA PHE A 76 -20.88 -3.81 -25.61
C PHE A 76 -19.73 -4.50 -26.35
N SER A 77 -19.42 -4.01 -27.55
CA SER A 77 -18.38 -4.66 -28.34
C SER A 77 -16.97 -4.12 -28.12
N GLY A 78 -16.81 -3.17 -27.22
CA GLY A 78 -15.49 -2.64 -26.95
C GLY A 78 -14.72 -3.68 -26.12
N ARG A 79 -13.40 -3.56 -26.11
CA ARG A 79 -12.54 -4.50 -25.37
C ARG A 79 -12.04 -3.77 -24.14
N GLY A 80 -12.25 -4.37 -22.98
CA GLY A 80 -11.78 -3.78 -21.74
C GLY A 80 -10.33 -4.21 -21.51
N GLU A 81 -9.84 -4.14 -20.28
CA GLU A 81 -8.46 -4.54 -20.08
C GLU A 81 -8.24 -5.75 -19.19
N GLN A 82 -7.06 -6.33 -19.36
CA GLN A 82 -6.60 -7.44 -18.53
C GLN A 82 -5.18 -6.92 -18.33
N ALA A 83 -4.93 -6.35 -17.15
CA ALA A 83 -3.63 -5.72 -16.86
C ALA A 83 -2.37 -6.55 -17.07
N THR A 84 -2.32 -7.79 -16.59
CA THR A 84 -1.14 -8.59 -16.80
C THR A 84 -0.90 -8.74 -18.32
N PHE A 85 -1.93 -9.09 -19.10
CA PHE A 85 -1.67 -9.21 -20.54
C PHE A 85 -1.39 -7.88 -21.25
N ASP A 86 -2.02 -6.79 -20.83
CA ASP A 86 -1.75 -5.51 -21.47
C ASP A 86 -0.29 -5.08 -21.25
N TRP A 87 0.34 -5.56 -20.18
CA TRP A 87 1.75 -5.26 -19.93
C TRP A 87 2.59 -5.55 -21.20
N VAL A 88 2.36 -6.68 -21.88
CA VAL A 88 3.14 -6.97 -23.10
C VAL A 88 2.46 -6.45 -24.36
N PHE A 89 1.16 -6.65 -24.48
CA PHE A 89 0.41 -6.24 -25.68
C PHE A 89 0.23 -4.74 -25.88
N LYS A 90 0.03 -4.02 -24.78
CA LYS A 90 -0.16 -2.58 -24.81
C LYS A 90 -1.20 -2.10 -25.83
N GLY A 91 -2.28 -2.83 -26.02
CA GLY A 91 -3.28 -2.37 -26.97
C GLY A 91 -3.05 -2.82 -28.42
N TYR A 92 -1.93 -3.48 -28.70
CA TYR A 92 -1.65 -3.98 -30.03
C TYR A 92 -2.06 -5.44 -30.14
N GLY A 93 -2.24 -5.92 -31.37
CA GLY A 93 -2.61 -7.30 -31.60
C GLY A 93 -4.12 -7.42 -31.61
N VAL A 94 -4.64 -8.57 -32.00
CA VAL A 94 -6.09 -8.74 -32.13
C VAL A 94 -6.98 -8.86 -30.87
N VAL A 95 -6.45 -9.45 -29.79
CA VAL A 95 -7.27 -9.64 -28.60
C VAL A 95 -7.55 -8.40 -27.79
N PHE A 96 -6.48 -7.72 -27.39
CA PHE A 96 -6.60 -6.54 -26.54
C PHE A 96 -6.61 -5.25 -27.31
N SER A 97 -7.08 -5.29 -28.55
CA SER A 97 -7.13 -4.08 -29.37
C SER A 97 -8.56 -3.55 -29.45
N ASN A 98 -8.71 -2.32 -29.90
CA ASN A 98 -10.02 -1.71 -30.04
C ASN A 98 -10.17 -0.98 -31.36
N GLY A 99 -11.41 -0.63 -31.66
CA GLY A 99 -11.73 0.10 -32.88
C GLY A 99 -11.24 -0.49 -34.21
N GLU A 100 -10.80 0.40 -35.10
CA GLU A 100 -10.31 0.02 -36.41
C GLU A 100 -9.20 -1.03 -36.34
N ARG A 101 -8.31 -0.89 -35.36
CA ARG A 101 -7.23 -1.86 -35.25
C ARG A 101 -7.79 -3.27 -35.08
N ALA A 102 -8.75 -3.41 -34.18
CA ALA A 102 -9.38 -4.69 -33.91
C ALA A 102 -10.18 -5.22 -35.11
N LYS A 103 -10.97 -4.36 -35.74
CA LYS A 103 -11.78 -4.79 -36.88
C LYS A 103 -10.87 -5.35 -37.98
N GLN A 104 -9.83 -4.58 -38.31
CA GLN A 104 -8.88 -4.97 -39.34
C GLN A 104 -8.16 -6.29 -38.94
N LEU A 105 -7.54 -6.31 -37.76
CA LEU A 105 -6.84 -7.54 -37.32
C LEU A 105 -7.76 -8.74 -37.14
N ARG A 106 -8.99 -8.52 -36.70
CA ARG A 106 -9.88 -9.67 -36.51
C ARG A 106 -10.31 -10.24 -37.86
N ARG A 107 -10.66 -9.36 -38.81
CA ARG A 107 -11.10 -9.82 -40.12
C ARG A 107 -9.95 -10.60 -40.76
N PHE A 108 -8.77 -10.02 -40.74
CA PHE A 108 -7.63 -10.70 -41.34
C PHE A 108 -7.35 -12.04 -40.68
N SER A 109 -7.36 -12.09 -39.34
CA SER A 109 -7.08 -13.33 -38.61
C SER A 109 -8.04 -14.44 -38.93
N ILE A 110 -9.33 -14.14 -38.91
CA ILE A 110 -10.33 -15.16 -39.19
C ILE A 110 -10.13 -15.67 -40.62
N ALA A 111 -9.91 -14.76 -41.55
CA ALA A 111 -9.72 -15.14 -42.95
C ALA A 111 -8.47 -16.00 -43.11
N THR A 112 -7.38 -15.56 -42.49
CA THR A 112 -6.12 -16.29 -42.60
C THR A 112 -6.19 -17.66 -41.96
N LEU A 113 -6.90 -17.77 -40.85
CA LEU A 113 -7.03 -19.07 -40.19
C LEU A 113 -7.80 -20.06 -41.11
N ARG A 114 -8.87 -19.57 -41.76
CA ARG A 114 -9.63 -20.43 -42.66
C ARG A 114 -8.77 -20.80 -43.87
N ASP A 115 -7.97 -19.86 -44.35
CA ASP A 115 -7.11 -20.14 -45.49
C ASP A 115 -6.07 -21.21 -45.14
N PHE A 116 -5.80 -21.39 -43.85
CA PHE A 116 -4.84 -22.40 -43.44
C PHE A 116 -5.50 -23.64 -42.86
N GLY A 117 -6.75 -23.86 -43.23
CA GLY A 117 -7.43 -25.06 -42.77
C GLY A 117 -8.50 -25.01 -41.69
N VAL A 118 -8.59 -23.94 -40.92
CA VAL A 118 -9.60 -23.91 -39.86
C VAL A 118 -11.02 -24.11 -40.41
N GLY A 119 -11.71 -25.13 -39.90
CA GLY A 119 -13.06 -25.42 -40.34
C GLY A 119 -13.10 -26.45 -41.46
N LYS A 120 -12.03 -26.50 -42.24
CA LYS A 120 -11.92 -27.42 -43.37
C LYS A 120 -11.23 -28.75 -43.05
N ARG A 121 -11.10 -29.59 -44.07
CA ARG A 121 -10.48 -30.90 -43.94
C ARG A 121 -9.00 -30.76 -43.54
N GLY A 122 -8.35 -29.73 -44.07
CA GLY A 122 -6.95 -29.49 -43.78
C GLY A 122 -6.59 -29.58 -42.29
N ILE A 123 -7.21 -28.74 -41.48
CA ILE A 123 -6.88 -28.76 -40.07
C ILE A 123 -7.39 -30.03 -39.37
N GLU A 124 -8.48 -30.61 -39.86
CA GLU A 124 -8.98 -31.83 -39.25
C GLU A 124 -7.90 -32.91 -39.37
N GLU A 125 -7.27 -32.98 -40.54
CA GLU A 125 -6.23 -33.98 -40.75
C GLU A 125 -5.05 -33.70 -39.82
N ARG A 126 -4.63 -32.42 -39.75
CA ARG A 126 -3.54 -32.00 -38.88
C ARG A 126 -3.81 -32.39 -37.41
N ILE A 127 -5.05 -32.22 -36.95
CA ILE A 127 -5.45 -32.57 -35.59
C ILE A 127 -5.44 -34.10 -35.40
N GLN A 128 -5.91 -34.83 -36.39
CA GLN A 128 -5.93 -36.28 -36.29
C GLN A 128 -4.51 -36.82 -36.25
N GLU A 129 -3.61 -36.18 -36.97
CA GLU A 129 -2.22 -36.63 -36.98
C GLU A 129 -1.60 -36.36 -35.61
N GLU A 130 -1.84 -35.15 -35.09
CA GLU A 130 -1.29 -34.78 -33.81
C GLU A 130 -1.85 -35.66 -32.70
N ALA A 131 -3.12 -36.04 -32.81
CA ALA A 131 -3.73 -36.90 -31.80
C ALA A 131 -3.07 -38.28 -31.85
N GLY A 132 -2.63 -38.67 -33.05
CA GLY A 132 -1.96 -39.95 -33.21
C GLY A 132 -0.67 -39.88 -32.38
N PHE A 133 0.05 -38.77 -32.53
CA PHE A 133 1.29 -38.55 -31.79
C PHE A 133 1.02 -38.53 -30.27
N LEU A 134 -0.08 -37.93 -29.85
CA LEU A 134 -0.41 -37.94 -28.42
C LEU A 134 -0.59 -39.40 -27.97
N ILE A 135 -1.28 -40.21 -28.78
CA ILE A 135 -1.50 -41.60 -28.43
C ILE A 135 -0.15 -42.35 -28.31
N ASP A 136 0.74 -42.15 -29.26
CA ASP A 136 2.04 -42.79 -29.18
C ASP A 136 2.68 -42.43 -27.82
N ALA A 137 2.73 -41.12 -27.53
CA ALA A 137 3.31 -40.61 -26.28
C ALA A 137 2.73 -41.21 -25.02
N LEU A 138 1.42 -41.41 -24.98
CA LEU A 138 0.82 -41.97 -23.79
C LEU A 138 1.14 -43.45 -23.71
N ARG A 139 1.27 -44.10 -24.88
CA ARG A 139 1.63 -45.53 -24.87
C ARG A 139 3.06 -45.58 -24.33
N GLY A 140 3.83 -44.55 -24.70
CA GLY A 140 5.21 -44.42 -24.27
C GLY A 140 5.40 -44.35 -22.76
N THR A 141 4.35 -44.03 -22.01
CA THR A 141 4.49 -43.97 -20.56
C THR A 141 4.41 -45.39 -19.97
N GLY A 142 4.13 -46.36 -20.83
CA GLY A 142 4.03 -47.73 -20.38
C GLY A 142 3.02 -47.93 -19.26
N GLY A 143 2.00 -47.07 -19.20
CA GLY A 143 0.98 -47.21 -18.17
C GLY A 143 1.41 -46.68 -16.81
N ALA A 144 2.57 -46.04 -16.76
CA ALA A 144 3.09 -45.49 -15.51
C ALA A 144 2.26 -44.27 -15.08
N ASN A 145 2.26 -43.98 -13.79
CA ASN A 145 1.54 -42.84 -13.26
C ASN A 145 2.28 -41.56 -13.70
N ILE A 146 1.56 -40.60 -14.26
CA ILE A 146 2.21 -39.38 -14.73
C ILE A 146 1.39 -38.11 -14.56
N ASP A 147 2.05 -36.99 -14.76
CA ASP A 147 1.41 -35.67 -14.71
C ASP A 147 1.03 -35.49 -16.19
N PRO A 148 -0.26 -35.47 -16.51
CA PRO A 148 -0.62 -35.33 -17.92
C PRO A 148 -0.45 -33.94 -18.49
N THR A 149 -0.18 -32.95 -17.63
CA THR A 149 -0.06 -31.57 -18.04
C THR A 149 0.62 -31.23 -19.37
N PHE A 150 1.89 -31.60 -19.51
CA PHE A 150 2.62 -31.25 -20.72
C PHE A 150 2.45 -32.20 -21.90
N PHE A 151 1.90 -33.37 -21.65
CA PHE A 151 1.60 -34.30 -22.71
C PHE A 151 0.46 -33.63 -23.48
N LEU A 152 -0.55 -33.19 -22.73
CA LEU A 152 -1.71 -32.53 -23.31
C LEU A 152 -1.36 -31.17 -23.93
N SER A 153 -0.57 -30.34 -23.23
CA SER A 153 -0.22 -29.04 -23.80
C SER A 153 0.63 -29.16 -25.07
N ARG A 154 1.59 -30.09 -25.09
CA ARG A 154 2.41 -30.22 -26.30
C ARG A 154 1.55 -30.53 -27.54
N THR A 155 0.57 -31.42 -27.37
CA THR A 155 -0.29 -31.83 -28.46
C THR A 155 -1.17 -30.67 -28.95
N VAL A 156 -1.85 -30.02 -28.01
CA VAL A 156 -2.74 -28.90 -28.32
C VAL A 156 -1.99 -27.79 -29.04
N SER A 157 -0.85 -27.41 -28.45
CA SER A 157 -0.06 -26.34 -29.01
C SER A 157 0.42 -26.55 -30.43
N ASN A 158 0.73 -27.79 -30.79
CA ASN A 158 1.22 -28.07 -32.12
C ASN A 158 0.20 -27.78 -33.21
N VAL A 159 -1.09 -27.86 -32.88
CA VAL A 159 -2.15 -27.55 -33.85
C VAL A 159 -2.03 -26.08 -34.24
N ILE A 160 -2.23 -25.17 -33.29
CA ILE A 160 -2.12 -23.77 -33.64
C ILE A 160 -0.70 -23.45 -34.08
N SER A 161 0.28 -24.15 -33.52
CA SER A 161 1.65 -23.88 -33.95
C SER A 161 1.86 -24.18 -35.44
N SER A 162 1.31 -25.29 -35.93
CA SER A 162 1.51 -25.57 -37.35
C SER A 162 0.82 -24.52 -38.23
N ILE A 163 -0.22 -23.88 -37.71
CA ILE A 163 -0.92 -22.83 -38.46
C ILE A 163 -0.13 -21.51 -38.49
N VAL A 164 0.34 -21.07 -37.32
CA VAL A 164 1.05 -19.79 -37.24
C VAL A 164 2.55 -19.85 -37.55
N PHE A 165 3.18 -21.00 -37.33
CA PHE A 165 4.62 -21.09 -37.57
C PHE A 165 5.04 -21.90 -38.79
N GLY A 166 4.11 -22.68 -39.36
CA GLY A 166 4.44 -23.47 -40.53
C GLY A 166 4.49 -24.97 -40.26
N ASP A 167 4.75 -25.35 -39.01
CA ASP A 167 4.80 -26.77 -38.68
C ASP A 167 4.86 -26.98 -37.18
N ARG A 168 4.74 -28.24 -36.78
CA ARG A 168 4.73 -28.58 -35.37
C ARG A 168 6.10 -28.55 -34.73
N PHE A 169 6.12 -28.60 -33.40
CA PHE A 169 7.36 -28.63 -32.62
C PHE A 169 7.60 -30.11 -32.28
N ASP A 170 8.87 -30.52 -32.25
CA ASP A 170 9.19 -31.89 -31.85
C ASP A 170 8.87 -31.94 -30.35
N TYR A 171 8.34 -33.07 -29.87
CA TYR A 171 7.94 -33.21 -28.47
C TYR A 171 9.13 -33.17 -27.51
N LYS A 172 10.33 -33.26 -28.07
CA LYS A 172 11.55 -33.24 -27.29
C LYS A 172 12.26 -31.89 -27.34
N ASP A 173 11.78 -30.98 -28.18
CA ASP A 173 12.38 -29.65 -28.28
C ASP A 173 12.26 -28.98 -26.90
N LYS A 174 13.36 -28.80 -26.19
CA LYS A 174 13.33 -28.21 -24.85
C LYS A 174 12.83 -26.75 -24.81
N GLU A 175 13.10 -25.98 -25.86
CA GLU A 175 12.59 -24.61 -25.94
C GLU A 175 11.04 -24.65 -26.02
N PHE A 176 10.50 -25.67 -26.70
CA PHE A 176 9.06 -25.85 -26.82
C PHE A 176 8.51 -26.06 -25.41
N LEU A 177 9.13 -26.95 -24.64
CA LEU A 177 8.67 -27.16 -23.26
C LEU A 177 8.74 -25.83 -22.49
N SER A 178 9.83 -25.10 -22.67
CA SER A 178 10.01 -23.80 -22.02
C SER A 178 8.83 -22.82 -22.33
N LEU A 179 8.46 -22.70 -23.61
CA LEU A 179 7.35 -21.83 -24.01
C LEU A 179 6.06 -22.29 -23.35
N LEU A 180 5.88 -23.60 -23.27
CA LEU A 180 4.68 -24.13 -22.64
C LEU A 180 4.64 -23.81 -21.14
N ARG A 181 5.83 -23.81 -20.52
CA ARG A 181 5.94 -23.48 -19.10
C ARG A 181 5.54 -22.02 -18.93
N MET A 182 5.97 -21.18 -19.86
CA MET A 182 5.63 -19.76 -19.78
C MET A 182 4.11 -19.57 -19.86
N MET A 183 3.45 -20.29 -20.76
CA MET A 183 2.01 -20.16 -20.90
C MET A 183 1.29 -20.62 -19.63
N LEU A 184 1.64 -21.81 -19.15
CA LEU A 184 1.05 -22.37 -17.93
C LEU A 184 1.26 -21.39 -16.77
N GLY A 185 2.45 -20.81 -16.68
CA GLY A 185 2.74 -19.88 -15.60
C GLY A 185 1.94 -18.59 -15.63
N ILE A 186 1.73 -18.04 -16.82
CA ILE A 186 0.97 -16.80 -16.94
C ILE A 186 -0.48 -17.03 -16.61
N PHE A 187 -1.06 -18.13 -17.08
CA PHE A 187 -2.46 -18.42 -16.76
C PHE A 187 -2.57 -18.64 -15.25
N GLN A 188 -1.59 -19.31 -14.66
CA GLN A 188 -1.62 -19.56 -13.19
C GLN A 188 -1.51 -18.22 -12.45
N PHE A 189 -0.56 -17.35 -12.84
CA PHE A 189 -0.40 -16.04 -12.19
C PHE A 189 -1.66 -15.17 -12.20
N THR A 190 -2.30 -15.04 -13.36
CA THR A 190 -3.51 -14.22 -13.48
C THR A 190 -4.67 -14.85 -12.73
N SER A 191 -4.49 -16.08 -12.27
CA SER A 191 -5.56 -16.74 -11.52
C SER A 191 -5.33 -16.74 -9.98
N THR A 192 -4.19 -16.17 -9.54
CA THR A 192 -3.87 -16.10 -8.10
C THR A 192 -4.31 -14.77 -7.51
N SER A 193 -4.25 -14.65 -6.19
CA SER A 193 -4.66 -13.37 -5.59
C SER A 193 -3.71 -12.26 -6.00
N THR A 194 -2.41 -12.54 -6.15
CA THR A 194 -1.52 -11.45 -6.54
C THR A 194 -1.86 -10.99 -7.98
N GLY A 195 -2.17 -11.95 -8.84
CA GLY A 195 -2.56 -11.63 -10.21
C GLY A 195 -3.83 -10.78 -10.19
N GLN A 196 -4.79 -11.08 -9.30
CA GLN A 196 -6.04 -10.32 -9.26
C GLN A 196 -5.82 -8.98 -8.58
N LEU A 197 -4.82 -8.90 -7.70
CA LEU A 197 -4.48 -7.65 -7.06
C LEU A 197 -3.84 -6.74 -8.12
N TYR A 198 -3.11 -7.33 -9.05
CA TYR A 198 -2.46 -6.58 -10.11
C TYR A 198 -3.55 -5.92 -10.97
N GLU A 199 -4.66 -6.63 -11.20
CA GLU A 199 -5.78 -6.08 -12.00
C GLU A 199 -6.24 -4.73 -11.43
N MET A 200 -6.13 -4.58 -10.12
CA MET A 200 -6.51 -3.35 -9.44
C MET A 200 -5.39 -2.30 -9.32
N PHE A 201 -4.18 -2.75 -9.03
CA PHE A 201 -3.09 -1.82 -8.75
C PHE A 201 -1.86 -1.84 -9.65
N SER A 202 -2.07 -2.22 -10.91
CA SER A 202 -0.96 -2.32 -11.87
C SER A 202 -0.19 -1.01 -11.95
N SER A 203 -0.86 0.13 -11.71
CA SER A 203 -0.19 1.43 -11.79
C SER A 203 1.02 1.53 -10.90
N VAL A 204 0.97 0.89 -9.74
CA VAL A 204 2.10 0.90 -8.82
C VAL A 204 2.88 -0.39 -8.97
N MET A 205 2.16 -1.50 -8.93
CA MET A 205 2.74 -2.84 -8.99
C MET A 205 3.65 -3.18 -10.17
N LYS A 206 3.36 -2.66 -11.37
CA LYS A 206 4.27 -3.02 -12.48
C LYS A 206 5.68 -2.48 -12.18
N HIS A 207 5.78 -1.46 -11.36
CA HIS A 207 7.09 -0.89 -11.01
C HIS A 207 7.67 -1.48 -9.70
N LEU A 208 6.97 -2.42 -9.08
CA LEU A 208 7.43 -3.01 -7.82
C LEU A 208 7.91 -4.44 -7.94
N PRO A 209 8.83 -4.84 -7.06
CA PRO A 209 9.32 -6.21 -7.10
C PRO A 209 8.16 -7.11 -6.68
N GLY A 210 8.28 -8.40 -6.94
CA GLY A 210 7.19 -9.29 -6.60
C GLY A 210 6.89 -10.32 -7.67
N PRO A 211 5.93 -11.20 -7.43
CA PRO A 211 5.55 -12.26 -8.37
C PRO A 211 5.17 -11.73 -9.76
N GLN A 212 4.58 -10.54 -9.81
CA GLN A 212 4.18 -10.01 -11.10
C GLN A 212 5.41 -9.82 -12.02
N GLN A 213 6.57 -9.48 -11.47
CA GLN A 213 7.76 -9.28 -12.30
C GLN A 213 8.18 -10.58 -13.02
N GLN A 214 8.00 -11.70 -12.34
CA GLN A 214 8.33 -13.00 -12.91
C GLN A 214 7.28 -13.34 -13.97
N ALA A 215 6.06 -12.84 -13.77
CA ALA A 215 5.00 -13.09 -14.71
C ALA A 215 5.33 -12.30 -16.00
N PHE A 216 5.82 -11.07 -15.86
CA PHE A 216 6.18 -10.25 -17.03
C PHE A 216 7.28 -10.89 -17.84
N GLN A 217 8.23 -11.54 -17.18
CA GLN A 217 9.31 -12.19 -17.91
C GLN A 217 8.80 -13.38 -18.74
N LEU A 218 7.73 -14.03 -18.29
CA LEU A 218 7.20 -15.15 -19.05
C LEU A 218 6.59 -14.60 -20.37
N LEU A 219 5.90 -13.48 -20.25
CA LEU A 219 5.28 -12.83 -21.41
C LEU A 219 6.38 -12.32 -22.33
N GLN A 220 7.46 -11.84 -21.71
CA GLN A 220 8.59 -11.30 -22.46
C GLN A 220 9.29 -12.42 -23.24
N GLY A 221 9.42 -13.58 -22.61
CA GLY A 221 10.02 -14.73 -23.27
C GLY A 221 9.17 -15.19 -24.47
N LEU A 222 7.86 -15.12 -24.32
CA LEU A 222 6.96 -15.52 -25.39
C LEU A 222 7.07 -14.50 -26.53
N GLU A 223 7.09 -13.21 -26.20
CA GLU A 223 7.21 -12.16 -27.20
C GLU A 223 8.54 -12.31 -27.95
N ASP A 224 9.63 -12.51 -27.20
CA ASP A 224 10.95 -12.67 -27.80
C ASP A 224 10.97 -13.87 -28.74
N PHE A 225 10.28 -14.94 -28.37
CA PHE A 225 10.26 -16.10 -29.23
C PHE A 225 9.50 -15.76 -30.54
N ILE A 226 8.34 -15.12 -30.42
CA ILE A 226 7.59 -14.79 -31.61
C ILE A 226 8.40 -13.88 -32.50
N ALA A 227 9.01 -12.86 -31.91
CA ALA A 227 9.80 -11.90 -32.70
C ALA A 227 10.96 -12.59 -33.44
N LYS A 228 11.49 -13.67 -32.86
CA LYS A 228 12.56 -14.41 -33.50
C LYS A 228 12.01 -15.23 -34.68
N LYS A 229 10.82 -15.80 -34.53
CA LYS A 229 10.22 -16.58 -35.60
C LYS A 229 9.87 -15.68 -36.79
N VAL A 230 9.39 -14.47 -36.49
CA VAL A 230 9.01 -13.52 -37.53
C VAL A 230 10.22 -13.11 -38.36
N GLU A 231 11.33 -12.79 -37.69
CA GLU A 231 12.55 -12.38 -38.38
C GLU A 231 12.94 -13.42 -39.41
N HIS A 232 13.00 -14.67 -38.97
CA HIS A 232 13.36 -15.78 -39.84
C HIS A 232 12.43 -15.86 -41.06
N ASN A 233 11.13 -15.82 -40.81
CA ASN A 233 10.17 -15.87 -41.90
C ASN A 233 10.43 -14.73 -42.87
N GLN A 234 10.71 -13.55 -42.33
CA GLN A 234 10.98 -12.36 -43.14
C GLN A 234 12.17 -12.57 -44.08
N ARG A 235 13.24 -13.16 -43.57
CA ARG A 235 14.44 -13.39 -44.35
C ARG A 235 14.40 -14.70 -45.13
N THR A 236 13.21 -15.17 -45.48
CA THR A 236 13.05 -16.40 -46.25
C THR A 236 11.66 -16.41 -46.87
N LEU A 237 11.03 -15.24 -46.89
CA LEU A 237 9.66 -15.10 -47.42
C LEU A 237 9.48 -15.15 -48.93
N ASP A 238 8.48 -15.92 -49.36
CA ASP A 238 8.10 -16.01 -50.76
C ASP A 238 6.78 -15.26 -50.83
N PRO A 239 6.82 -13.98 -51.24
CA PRO A 239 5.60 -13.19 -51.33
C PRO A 239 4.47 -13.91 -52.06
N ASN A 240 4.83 -14.92 -52.85
CA ASN A 240 3.83 -15.66 -53.63
C ASN A 240 3.32 -16.92 -52.96
N SER A 241 4.13 -17.54 -52.11
CA SER A 241 3.70 -18.76 -51.45
C SER A 241 3.91 -18.69 -49.95
N PRO A 242 2.93 -18.13 -49.22
CA PRO A 242 3.03 -18.04 -47.76
C PRO A 242 2.96 -19.40 -47.08
N ARG A 243 3.89 -19.63 -46.15
CA ARG A 243 3.99 -20.87 -45.40
C ARG A 243 3.04 -20.99 -44.21
N ASP A 244 2.73 -19.84 -43.61
CA ASP A 244 1.93 -19.82 -42.39
C ASP A 244 1.27 -18.47 -42.14
N PHE A 245 0.65 -18.33 -40.97
CA PHE A 245 -0.02 -17.09 -40.60
C PHE A 245 0.93 -15.92 -40.73
N ILE A 246 2.15 -16.08 -40.22
CA ILE A 246 3.14 -15.02 -40.24
C ILE A 246 3.42 -14.53 -41.66
N ASP A 247 3.68 -15.45 -42.57
CA ASP A 247 3.95 -15.10 -43.97
C ASP A 247 2.79 -14.27 -44.51
N SER A 248 1.57 -14.79 -44.38
CA SER A 248 0.37 -14.08 -44.86
C SER A 248 0.37 -12.63 -44.37
N PHE A 249 0.60 -12.47 -43.07
CA PHE A 249 0.62 -11.14 -42.46
C PHE A 249 1.79 -10.30 -43.01
N LEU A 250 2.95 -10.92 -43.22
CA LEU A 250 4.09 -10.15 -43.75
C LEU A 250 3.77 -9.66 -45.16
N ILE A 251 3.06 -10.49 -45.92
CA ILE A 251 2.69 -10.11 -47.27
C ILE A 251 1.72 -8.92 -47.21
N ARG A 252 0.65 -9.03 -46.40
CA ARG A 252 -0.28 -7.93 -46.29
C ARG A 252 0.46 -6.67 -45.83
N MET A 253 1.48 -6.83 -44.99
CA MET A 253 2.26 -5.70 -44.53
C MET A 253 2.93 -5.03 -45.73
N GLN A 254 3.58 -5.82 -46.58
CA GLN A 254 4.25 -5.25 -47.75
C GLN A 254 3.24 -4.54 -48.63
N GLU A 255 2.08 -5.15 -48.85
CA GLU A 255 1.05 -4.53 -49.65
C GLU A 255 0.69 -3.16 -49.07
N GLU A 256 0.53 -3.09 -47.75
CA GLU A 256 0.16 -1.85 -47.08
C GLU A 256 1.33 -0.92 -46.80
N GLU A 257 2.53 -1.25 -47.27
CA GLU A 257 3.67 -0.39 -47.02
C GLU A 257 3.43 1.07 -47.40
N LYS A 258 2.44 1.31 -48.26
CA LYS A 258 2.12 2.66 -48.71
C LYS A 258 0.98 3.34 -47.95
N ASN A 259 0.26 2.59 -47.13
CA ASN A 259 -0.82 3.17 -46.35
C ASN A 259 -0.22 3.62 -45.02
N PRO A 260 -0.17 4.94 -44.78
CA PRO A 260 0.40 5.49 -43.55
C PRO A 260 -0.45 5.16 -42.32
N ASN A 261 -1.73 4.90 -42.57
CA ASN A 261 -2.66 4.60 -41.50
C ASN A 261 -2.98 3.11 -41.41
N THR A 262 -2.13 2.27 -42.01
CA THR A 262 -2.39 0.83 -41.97
C THR A 262 -2.17 0.22 -40.57
N GLU A 263 -2.96 -0.80 -40.25
CA GLU A 263 -2.85 -1.50 -38.99
C GLU A 263 -1.92 -2.71 -39.21
N PHE A 264 -1.48 -2.88 -40.45
CA PHE A 264 -0.60 -4.00 -40.81
C PHE A 264 0.88 -3.67 -40.77
N TYR A 265 1.41 -3.72 -39.56
CA TYR A 265 2.80 -3.43 -39.29
C TYR A 265 3.32 -4.42 -38.26
N LEU A 266 4.63 -4.55 -38.20
CA LEU A 266 5.27 -5.52 -37.33
C LEU A 266 4.67 -5.71 -35.91
N LYS A 267 4.50 -4.64 -35.14
CA LYS A 267 3.97 -4.81 -33.79
C LYS A 267 2.64 -5.56 -33.77
N ASN A 268 1.73 -5.29 -34.70
CA ASN A 268 0.48 -6.02 -34.66
C ASN A 268 0.65 -7.44 -35.12
N LEU A 269 1.74 -7.72 -35.84
CA LEU A 269 1.95 -9.10 -36.29
C LEU A 269 2.48 -9.93 -35.13
N VAL A 270 3.43 -9.37 -34.39
CA VAL A 270 4.00 -10.09 -33.27
C VAL A 270 2.93 -10.27 -32.21
N MET A 271 2.20 -9.22 -31.87
CA MET A 271 1.18 -9.36 -30.83
C MET A 271 0.06 -10.28 -31.25
N THR A 272 -0.42 -10.17 -32.49
CA THR A 272 -1.51 -11.04 -32.95
C THR A 272 -1.10 -12.52 -32.96
N THR A 273 0.10 -12.80 -33.45
CA THR A 273 0.60 -14.18 -33.48
C THR A 273 0.73 -14.69 -32.04
N LEU A 274 1.22 -13.84 -31.15
CA LEU A 274 1.36 -14.24 -29.75
C LEU A 274 -0.03 -14.52 -29.17
N ASN A 275 -1.00 -13.66 -29.49
CA ASN A 275 -2.38 -13.84 -29.04
C ASN A 275 -2.86 -15.24 -29.41
N LEU A 276 -2.64 -15.65 -30.65
CA LEU A 276 -3.11 -16.96 -31.12
C LEU A 276 -2.30 -18.13 -30.56
N PHE A 277 -0.99 -17.96 -30.46
CA PHE A 277 -0.18 -19.03 -29.92
C PHE A 277 -0.68 -19.33 -28.49
N ILE A 278 -0.81 -18.30 -27.66
CA ILE A 278 -1.25 -18.48 -26.25
C ILE A 278 -2.73 -18.89 -26.22
N GLY A 279 -3.56 -18.12 -26.90
CA GLY A 279 -4.97 -18.41 -26.91
C GLY A 279 -5.30 -19.78 -27.42
N GLY A 280 -4.65 -20.18 -28.51
CA GLY A 280 -4.91 -21.48 -29.07
C GLY A 280 -4.26 -22.62 -28.32
N THR A 281 -3.53 -22.32 -27.24
CA THR A 281 -2.86 -23.36 -26.45
C THR A 281 -3.40 -23.65 -25.04
N GLU A 282 -3.27 -22.66 -24.16
CA GLU A 282 -3.64 -22.82 -22.75
C GLU A 282 -5.12 -23.10 -22.43
N THR A 283 -6.02 -22.47 -23.18
CA THR A 283 -7.45 -22.69 -22.95
C THR A 283 -7.84 -24.15 -23.24
N VAL A 284 -7.51 -24.62 -24.44
CA VAL A 284 -7.81 -26.00 -24.79
C VAL A 284 -7.10 -26.99 -23.84
N SER A 285 -5.82 -26.72 -23.56
CA SER A 285 -5.03 -27.58 -22.69
C SER A 285 -5.62 -27.68 -21.28
N THR A 286 -6.05 -26.56 -20.73
CA THR A 286 -6.61 -26.57 -19.39
C THR A 286 -7.93 -27.37 -19.35
N THR A 287 -8.75 -27.23 -20.42
CA THR A 287 -10.03 -27.94 -20.48
C THR A 287 -9.77 -29.44 -20.57
N LEU A 288 -8.84 -29.85 -21.42
CA LEU A 288 -8.54 -31.28 -21.53
C LEU A 288 -8.12 -31.86 -20.17
N ARG A 289 -7.20 -31.15 -19.51
CA ARG A 289 -6.68 -31.56 -18.23
C ARG A 289 -7.75 -31.67 -17.17
N TYR A 290 -8.67 -30.70 -17.14
CA TYR A 290 -9.75 -30.74 -16.16
C TYR A 290 -10.68 -31.90 -16.54
N GLY A 291 -10.97 -31.98 -17.85
CA GLY A 291 -11.83 -33.04 -18.34
C GLY A 291 -11.44 -34.44 -17.91
N PHE A 292 -10.17 -34.82 -18.10
CA PHE A 292 -9.74 -36.16 -17.68
C PHE A 292 -9.89 -36.41 -16.20
N LEU A 293 -9.74 -35.36 -15.39
CA LEU A 293 -9.88 -35.48 -13.95
C LEU A 293 -11.34 -35.71 -13.59
N LEU A 294 -12.24 -35.05 -14.29
CA LEU A 294 -13.66 -35.21 -14.02
C LEU A 294 -14.13 -36.62 -14.41
N LEU A 295 -13.55 -37.17 -15.47
CA LEU A 295 -13.92 -38.51 -15.94
C LEU A 295 -13.43 -39.60 -14.98
N MET A 296 -12.28 -39.38 -14.34
CA MET A 296 -11.77 -40.38 -13.39
C MET A 296 -12.58 -40.32 -12.13
N LYS A 297 -13.18 -39.16 -11.88
CA LYS A 297 -14.01 -38.96 -10.72
C LYS A 297 -15.38 -39.61 -10.93
N HIS A 298 -15.78 -39.71 -12.20
CA HIS A 298 -17.06 -40.32 -12.54
C HIS A 298 -16.88 -41.43 -13.58
N PRO A 299 -16.42 -42.62 -13.14
CA PRO A 299 -16.19 -43.80 -13.98
C PRO A 299 -17.41 -44.19 -14.85
N GLU A 300 -18.59 -44.02 -14.28
CA GLU A 300 -19.85 -44.34 -14.94
C GLU A 300 -20.00 -43.56 -16.26
N VAL A 301 -19.49 -42.32 -16.26
CA VAL A 301 -19.55 -41.46 -17.44
C VAL A 301 -18.49 -41.90 -18.44
N GLU A 302 -17.34 -42.33 -17.93
CA GLU A 302 -16.28 -42.81 -18.81
C GLU A 302 -16.78 -44.09 -19.47
N ALA A 303 -17.49 -44.89 -18.68
CA ALA A 303 -18.05 -46.15 -19.14
C ALA A 303 -19.00 -45.89 -20.31
N LYS A 304 -19.91 -44.94 -20.14
CA LYS A 304 -20.87 -44.62 -21.20
C LYS A 304 -20.17 -44.02 -22.40
N VAL A 305 -19.04 -43.34 -22.17
CA VAL A 305 -18.35 -42.75 -23.30
C VAL A 305 -17.73 -43.89 -24.08
N HIS A 306 -17.18 -44.85 -23.34
CA HIS A 306 -16.57 -46.01 -23.96
C HIS A 306 -17.59 -46.82 -24.81
N GLU A 307 -18.81 -46.92 -24.29
CA GLU A 307 -19.90 -47.65 -24.97
C GLU A 307 -20.18 -47.00 -26.31
N GLU A 308 -20.40 -45.68 -26.29
CA GLU A 308 -20.68 -44.95 -27.51
C GLU A 308 -19.53 -44.97 -28.50
N ILE A 309 -18.30 -44.89 -28.01
CA ILE A 309 -17.14 -44.90 -28.91
C ILE A 309 -16.97 -46.25 -29.61
N ASP A 310 -17.21 -47.33 -28.85
CA ASP A 310 -17.07 -48.65 -29.44
C ASP A 310 -18.13 -48.95 -30.52
N ARG A 311 -19.34 -48.48 -30.29
CA ARG A 311 -20.45 -48.67 -31.21
C ARG A 311 -20.32 -47.83 -32.47
N VAL A 312 -20.15 -46.52 -32.29
CA VAL A 312 -20.04 -45.60 -33.42
C VAL A 312 -18.72 -45.63 -34.17
N ILE A 313 -17.60 -45.65 -33.46
CA ILE A 313 -16.29 -45.65 -34.11
C ILE A 313 -15.60 -47.00 -34.17
N GLY A 314 -15.74 -47.81 -33.14
CA GLY A 314 -15.07 -49.10 -33.13
C GLY A 314 -13.63 -48.96 -32.64
N LYS A 315 -12.80 -50.00 -32.82
CA LYS A 315 -11.43 -49.94 -32.33
C LYS A 315 -10.31 -49.78 -33.35
N ASN A 316 -10.62 -49.53 -34.62
CA ASN A 316 -9.56 -49.41 -35.60
C ASN A 316 -9.25 -48.05 -36.21
N ARG A 317 -10.23 -47.46 -36.90
CA ARG A 317 -10.01 -46.17 -37.54
C ARG A 317 -9.91 -45.01 -36.57
N GLN A 318 -9.31 -43.94 -37.03
CA GLN A 318 -9.15 -42.75 -36.21
C GLN A 318 -10.48 -42.02 -36.13
N PRO A 319 -10.82 -41.51 -34.95
CA PRO A 319 -12.09 -40.80 -34.93
C PRO A 319 -11.95 -39.61 -35.88
N LYS A 320 -13.06 -39.18 -36.45
CA LYS A 320 -13.06 -38.04 -37.35
C LYS A 320 -14.09 -37.05 -36.80
N PHE A 321 -13.99 -35.79 -37.18
CA PHE A 321 -14.91 -34.80 -36.65
C PHE A 321 -16.40 -35.13 -36.90
N GLU A 322 -16.75 -35.56 -38.11
CA GLU A 322 -18.16 -35.87 -38.39
C GLU A 322 -18.76 -36.93 -37.48
N ASP A 323 -17.91 -37.70 -36.80
CA ASP A 323 -18.40 -38.74 -35.89
C ASP A 323 -19.19 -38.14 -34.76
N ARG A 324 -18.96 -36.86 -34.52
CA ARG A 324 -19.65 -36.17 -33.43
C ARG A 324 -21.16 -36.20 -33.63
N ALA A 325 -21.60 -36.09 -34.88
CA ALA A 325 -23.03 -36.12 -35.21
C ALA A 325 -23.70 -37.40 -34.69
N LYS A 326 -22.94 -38.49 -34.64
CA LYS A 326 -23.46 -39.78 -34.20
C LYS A 326 -23.20 -40.08 -32.72
N MET A 327 -22.62 -39.13 -31.99
CA MET A 327 -22.26 -39.37 -30.60
C MET A 327 -22.78 -38.29 -29.66
N PRO A 328 -24.09 -38.28 -29.40
CA PRO A 328 -24.65 -37.26 -28.52
C PRO A 328 -24.10 -37.31 -27.08
N TYR A 329 -23.83 -38.49 -26.56
CA TYR A 329 -23.34 -38.57 -25.19
C TYR A 329 -21.98 -37.88 -25.07
N MET A 330 -21.04 -38.25 -25.94
CA MET A 330 -19.72 -37.65 -25.93
C MET A 330 -19.86 -36.13 -26.05
N GLU A 331 -20.69 -35.67 -26.98
CA GLU A 331 -20.89 -34.22 -27.18
C GLU A 331 -21.43 -33.58 -25.92
N ALA A 332 -22.23 -34.34 -25.18
CA ALA A 332 -22.82 -33.86 -23.95
C ALA A 332 -21.74 -33.77 -22.87
N VAL A 333 -20.88 -34.78 -22.81
CA VAL A 333 -19.77 -34.81 -21.85
C VAL A 333 -18.80 -33.63 -22.08
N ILE A 334 -18.42 -33.39 -23.33
CA ILE A 334 -17.51 -32.29 -23.59
C ILE A 334 -18.16 -30.96 -23.20
N HIS A 335 -19.45 -30.80 -23.49
CA HIS A 335 -20.16 -29.59 -23.09
C HIS A 335 -20.17 -29.44 -21.55
N GLU A 336 -20.41 -30.55 -20.88
CA GLU A 336 -20.46 -30.52 -19.44
C GLU A 336 -19.06 -30.25 -18.88
N ILE A 337 -18.01 -30.74 -19.54
CA ILE A 337 -16.66 -30.48 -19.05
C ILE A 337 -16.36 -28.97 -19.16
N GLN A 338 -16.67 -28.36 -20.30
CA GLN A 338 -16.43 -26.94 -20.48
C GLN A 338 -17.30 -26.13 -19.54
N ARG A 339 -18.51 -26.63 -19.27
CA ARG A 339 -19.43 -25.93 -18.38
C ARG A 339 -18.88 -26.01 -16.95
N PHE A 340 -18.53 -27.21 -16.50
CA PHE A 340 -18.01 -27.41 -15.14
C PHE A 340 -16.67 -26.71 -14.94
N GLY A 341 -15.76 -26.88 -15.90
CA GLY A 341 -14.44 -26.27 -15.84
C GLY A 341 -14.47 -24.75 -15.79
N ASP A 342 -15.39 -24.11 -16.53
CA ASP A 342 -15.51 -22.66 -16.50
C ASP A 342 -14.11 -22.02 -16.62
N VAL A 343 -13.35 -22.45 -17.63
CA VAL A 343 -11.97 -22.00 -17.85
C VAL A 343 -11.69 -20.51 -17.78
N ILE A 344 -12.55 -19.69 -18.38
CA ILE A 344 -12.37 -18.23 -18.33
C ILE A 344 -13.62 -17.71 -17.65
N PRO A 345 -13.67 -17.81 -16.32
CA PRO A 345 -14.83 -17.41 -15.49
C PRO A 345 -15.40 -16.02 -15.61
N MET A 346 -14.58 -15.03 -15.97
CA MET A 346 -15.08 -13.68 -16.09
C MET A 346 -14.85 -13.13 -17.51
N SER A 347 -14.65 -14.05 -18.46
CA SER A 347 -14.42 -13.74 -19.87
C SER A 347 -13.23 -12.80 -19.91
N LEU A 348 -13.11 -12.06 -21.02
CA LEU A 348 -12.11 -11.02 -21.17
C LEU A 348 -12.99 -9.78 -21.08
N ALA A 349 -12.58 -8.77 -20.32
CA ALA A 349 -13.39 -7.56 -20.15
C ALA A 349 -13.82 -6.91 -21.48
N ARG A 350 -15.04 -6.38 -21.51
CA ARG A 350 -15.54 -5.66 -22.70
C ARG A 350 -15.60 -4.24 -22.17
N ARG A 351 -16.06 -3.31 -23.00
CA ARG A 351 -16.26 -1.93 -22.56
C ARG A 351 -17.28 -1.30 -23.51
N VAL A 352 -18.08 -0.36 -23.03
CA VAL A 352 -19.10 0.24 -23.93
C VAL A 352 -18.46 1.23 -24.88
N LYS A 353 -18.79 1.08 -26.15
CA LYS A 353 -18.23 1.96 -27.18
C LYS A 353 -18.72 3.40 -27.09
N LYS A 354 -19.90 3.60 -26.50
CA LYS A 354 -20.47 4.94 -26.38
C LYS A 354 -21.50 4.96 -25.26
N ASP A 355 -21.91 6.15 -24.82
CA ASP A 355 -22.92 6.26 -23.77
C ASP A 355 -24.03 5.28 -24.06
N THR A 356 -24.24 4.36 -23.14
CA THR A 356 -25.24 3.33 -23.31
C THR A 356 -26.29 3.30 -22.23
N LYS A 357 -27.48 2.86 -22.62
CA LYS A 357 -28.61 2.72 -21.72
C LYS A 357 -28.81 1.21 -21.63
N PHE A 358 -28.75 0.68 -20.41
CA PHE A 358 -28.91 -0.75 -20.21
C PHE A 358 -29.79 -0.98 -19.02
N ARG A 359 -30.92 -1.64 -19.24
CA ARG A 359 -31.88 -1.91 -18.18
C ARG A 359 -32.09 -0.70 -17.27
N ASP A 360 -32.56 0.40 -17.83
CA ASP A 360 -32.81 1.56 -17.00
C ASP A 360 -31.59 1.99 -16.18
N PHE A 361 -30.39 1.67 -16.67
CA PHE A 361 -29.15 2.07 -16.01
C PHE A 361 -28.37 2.86 -17.03
N PHE A 362 -27.44 3.69 -16.57
CA PHE A 362 -26.62 4.47 -17.49
C PHE A 362 -25.17 4.04 -17.43
N LEU A 363 -24.57 3.80 -18.61
CA LEU A 363 -23.18 3.40 -18.70
C LEU A 363 -22.45 4.34 -19.65
N PRO A 364 -21.66 5.25 -19.08
CA PRO A 364 -20.92 6.21 -19.88
C PRO A 364 -19.92 5.51 -20.77
N LYS A 365 -19.62 6.16 -21.90
CA LYS A 365 -18.68 5.63 -22.86
C LYS A 365 -17.40 5.24 -22.17
N GLY A 366 -16.81 4.12 -22.61
CA GLY A 366 -15.56 3.66 -22.06
C GLY A 366 -15.67 2.79 -20.83
N THR A 367 -16.84 2.78 -20.19
CA THR A 367 -17.04 1.97 -19.00
C THR A 367 -16.69 0.49 -19.26
N GLU A 368 -15.87 -0.11 -18.40
CA GLU A 368 -15.50 -1.52 -18.56
C GLU A 368 -16.64 -2.42 -18.10
N VAL A 369 -16.69 -3.63 -18.64
CA VAL A 369 -17.75 -4.56 -18.32
C VAL A 369 -17.22 -5.97 -18.08
N TYR A 370 -17.65 -6.60 -16.99
CA TYR A 370 -17.26 -7.95 -16.64
C TYR A 370 -18.42 -8.93 -16.82
N PRO A 371 -18.43 -9.68 -17.93
CA PRO A 371 -19.50 -10.66 -18.17
C PRO A 371 -19.08 -11.89 -17.39
N MET A 372 -19.79 -12.19 -16.30
CA MET A 372 -19.45 -13.33 -15.46
C MET A 372 -19.88 -14.69 -16.02
N LEU A 373 -19.20 -15.12 -17.09
CA LEU A 373 -19.51 -16.40 -17.73
C LEU A 373 -19.80 -17.51 -16.75
N GLY A 374 -18.93 -17.62 -15.74
CA GLY A 374 -19.13 -18.66 -14.74
C GLY A 374 -20.54 -18.62 -14.19
N SER A 375 -21.09 -17.43 -13.99
CA SER A 375 -22.44 -17.33 -13.47
C SER A 375 -23.49 -17.77 -14.49
N VAL A 376 -23.18 -17.69 -15.79
CA VAL A 376 -24.10 -18.14 -16.86
C VAL A 376 -24.02 -19.68 -16.94
N LEU A 377 -22.80 -20.24 -16.88
CA LEU A 377 -22.63 -21.70 -16.92
C LEU A 377 -23.20 -22.36 -15.66
N ARG A 378 -23.48 -21.59 -14.61
CA ARG A 378 -24.05 -22.20 -13.41
C ARG A 378 -25.42 -21.58 -13.07
N ASP A 379 -26.00 -20.86 -14.03
CA ASP A 379 -27.28 -20.23 -13.78
C ASP A 379 -28.22 -21.39 -13.39
N PRO A 380 -28.64 -21.43 -12.11
CA PRO A 380 -29.52 -22.48 -11.60
C PRO A 380 -30.85 -22.55 -12.33
N SER A 381 -31.09 -21.54 -13.17
CA SER A 381 -32.29 -21.46 -13.97
C SER A 381 -32.14 -22.12 -15.34
N PHE A 382 -30.96 -22.68 -15.59
CA PHE A 382 -30.70 -23.37 -16.86
C PHE A 382 -30.16 -24.77 -16.67
N PHE A 383 -29.65 -25.05 -15.48
CA PHE A 383 -29.10 -26.35 -15.20
C PHE A 383 -29.63 -26.76 -13.84
N SER A 384 -30.09 -28.00 -13.75
CA SER A 384 -30.67 -28.56 -12.53
C SER A 384 -29.72 -28.67 -11.34
N ASN A 385 -28.52 -29.17 -11.59
CA ASN A 385 -27.53 -29.32 -10.53
C ASN A 385 -26.29 -28.60 -11.03
N PRO A 386 -26.37 -27.27 -11.15
CA PRO A 386 -25.28 -26.42 -11.63
C PRO A 386 -23.94 -26.65 -10.97
N GLN A 387 -23.98 -27.13 -9.73
CA GLN A 387 -22.78 -27.37 -8.94
C GLN A 387 -22.16 -28.73 -9.16
N ASP A 388 -22.89 -29.66 -9.78
CA ASP A 388 -22.32 -30.99 -10.01
C ASP A 388 -21.94 -31.18 -11.46
N PHE A 389 -21.13 -32.19 -11.72
CA PHE A 389 -20.71 -32.55 -13.05
C PHE A 389 -21.73 -33.60 -13.50
N ASN A 390 -22.54 -33.26 -14.50
CA ASN A 390 -23.55 -34.21 -14.96
C ASN A 390 -23.87 -34.00 -16.42
N PRO A 391 -23.41 -34.90 -17.30
CA PRO A 391 -23.68 -34.78 -18.74
C PRO A 391 -25.17 -34.61 -19.10
N GLN A 392 -26.06 -35.18 -18.30
CA GLN A 392 -27.50 -35.09 -18.56
C GLN A 392 -27.91 -33.65 -18.76
N HIS A 393 -27.11 -32.72 -18.22
CA HIS A 393 -27.39 -31.31 -18.37
C HIS A 393 -27.46 -30.97 -19.86
N PHE A 394 -26.84 -31.79 -20.71
CA PHE A 394 -26.87 -31.55 -22.15
C PHE A 394 -27.51 -32.67 -22.99
N LEU A 395 -28.49 -33.34 -22.38
CA LEU A 395 -29.25 -34.43 -23.00
C LEU A 395 -30.74 -34.32 -22.67
N ASN A 396 -31.61 -34.79 -23.57
CA ASN A 396 -33.06 -34.79 -23.27
C ASN A 396 -33.34 -36.17 -22.71
N GLU A 397 -34.61 -36.51 -22.52
CA GLU A 397 -34.94 -37.80 -21.98
C GLU A 397 -34.59 -38.98 -22.89
N LYS A 398 -34.57 -38.74 -24.21
CA LYS A 398 -34.25 -39.80 -25.14
C LYS A 398 -32.73 -39.95 -25.34
N GLY A 399 -31.96 -39.21 -24.55
CA GLY A 399 -30.52 -39.28 -24.66
C GLY A 399 -29.94 -38.67 -25.92
N GLN A 400 -30.57 -37.61 -26.41
CA GLN A 400 -30.09 -36.93 -27.62
C GLN A 400 -29.46 -35.64 -27.09
N PHE A 401 -28.54 -35.06 -27.86
CA PHE A 401 -27.88 -33.82 -27.42
C PHE A 401 -28.82 -32.64 -27.40
N LYS A 402 -28.76 -31.90 -26.30
CA LYS A 402 -29.62 -30.72 -26.10
C LYS A 402 -28.83 -29.42 -25.82
N LYS A 403 -28.91 -28.47 -26.75
CA LYS A 403 -28.24 -27.19 -26.61
C LYS A 403 -28.78 -26.36 -25.46
N SER A 404 -27.98 -25.40 -25.04
CA SER A 404 -28.38 -24.51 -23.96
C SER A 404 -27.94 -23.09 -24.24
N ASP A 405 -28.85 -22.15 -24.00
CA ASP A 405 -28.54 -20.76 -24.21
C ASP A 405 -27.55 -20.28 -23.14
N ALA A 406 -27.39 -21.09 -22.10
CA ALA A 406 -26.46 -20.75 -21.03
C ALA A 406 -25.05 -21.33 -21.22
N PHE A 407 -24.82 -22.05 -22.33
CA PHE A 407 -23.51 -22.62 -22.58
C PHE A 407 -22.68 -21.52 -23.24
N VAL A 408 -22.01 -20.69 -22.45
CA VAL A 408 -21.22 -19.59 -23.02
C VAL A 408 -19.69 -19.56 -22.68
N PRO A 409 -19.02 -20.73 -22.62
CA PRO A 409 -17.58 -20.72 -22.29
C PRO A 409 -16.72 -19.93 -23.27
N PHE A 410 -17.24 -19.73 -24.48
CA PHE A 410 -16.54 -18.97 -25.52
C PHE A 410 -17.06 -17.55 -25.57
N SER A 411 -17.89 -17.20 -24.59
CA SER A 411 -18.54 -15.89 -24.53
C SER A 411 -19.48 -15.77 -25.74
N ILE A 412 -19.97 -14.56 -26.01
CA ILE A 412 -20.91 -14.33 -27.09
C ILE A 412 -20.80 -12.89 -27.58
N GLY A 413 -21.39 -12.59 -28.74
CA GLY A 413 -21.36 -11.23 -29.23
C GLY A 413 -20.29 -10.93 -30.25
N LYS A 414 -20.06 -9.63 -30.49
CA LYS A 414 -19.13 -9.17 -31.51
C LYS A 414 -17.64 -9.40 -31.29
N ARG A 415 -17.21 -9.58 -30.06
CA ARG A 415 -15.80 -9.81 -29.81
C ARG A 415 -15.61 -11.20 -29.22
N ASN A 416 -16.56 -12.08 -29.50
CA ASN A 416 -16.52 -13.44 -29.00
C ASN A 416 -15.34 -14.20 -29.59
N CYS A 417 -15.03 -15.33 -28.94
CA CYS A 417 -13.91 -16.16 -29.36
C CYS A 417 -14.05 -16.71 -30.77
N PHE A 418 -13.19 -16.27 -31.68
CA PHE A 418 -13.26 -16.78 -33.03
C PHE A 418 -12.37 -18.02 -33.24
N GLY A 419 -11.91 -18.61 -32.13
CA GLY A 419 -11.12 -19.83 -32.17
C GLY A 419 -12.05 -20.99 -31.77
N GLU A 420 -13.30 -20.68 -31.44
CA GLU A 420 -14.25 -21.70 -31.02
C GLU A 420 -14.34 -22.91 -31.94
N GLY A 421 -14.30 -22.69 -33.26
CA GLY A 421 -14.39 -23.82 -34.17
C GLY A 421 -13.21 -24.77 -33.98
N LEU A 422 -12.01 -24.20 -34.07
CA LEU A 422 -10.80 -25.00 -33.88
C LEU A 422 -10.86 -25.70 -32.52
N ALA A 423 -11.17 -24.95 -31.49
CA ALA A 423 -11.23 -25.54 -30.15
C ALA A 423 -12.17 -26.74 -30.07
N ARG A 424 -13.39 -26.58 -30.55
CA ARG A 424 -14.35 -27.67 -30.49
C ARG A 424 -13.86 -28.88 -31.29
N MET A 425 -13.21 -28.63 -32.42
CA MET A 425 -12.69 -29.76 -33.17
C MET A 425 -11.60 -30.44 -32.32
N GLU A 426 -10.76 -29.63 -31.68
CA GLU A 426 -9.67 -30.20 -30.84
C GLU A 426 -10.22 -30.97 -29.66
N LEU A 427 -11.13 -30.38 -28.91
CA LEU A 427 -11.71 -31.07 -27.76
C LEU A 427 -12.33 -32.41 -28.11
N PHE A 428 -13.12 -32.44 -29.17
CA PHE A 428 -13.75 -33.69 -29.58
C PHE A 428 -12.75 -34.72 -30.08
N LEU A 429 -11.85 -34.31 -30.98
CA LEU A 429 -10.91 -35.27 -31.50
C LEU A 429 -9.91 -35.83 -30.48
N PHE A 430 -9.41 -35.00 -29.57
CA PHE A 430 -8.44 -35.46 -28.55
C PHE A 430 -9.10 -36.28 -27.46
N PHE A 431 -10.20 -35.79 -26.90
CA PHE A 431 -10.94 -36.54 -25.89
C PHE A 431 -11.40 -37.87 -26.46
N THR A 432 -11.93 -37.85 -27.69
CA THR A 432 -12.40 -39.09 -28.30
C THR A 432 -11.27 -40.09 -28.61
N THR A 433 -10.25 -39.65 -29.35
CA THR A 433 -9.12 -40.51 -29.68
C THR A 433 -8.42 -41.11 -28.41
N VAL A 434 -8.27 -40.33 -27.35
CA VAL A 434 -7.63 -40.86 -26.13
C VAL A 434 -8.52 -41.93 -25.48
N MET A 435 -9.79 -41.60 -25.29
CA MET A 435 -10.78 -42.50 -24.65
C MET A 435 -10.96 -43.81 -25.41
N GLN A 436 -10.83 -43.73 -26.73
CA GLN A 436 -10.96 -44.91 -27.57
C GLN A 436 -9.78 -45.83 -27.31
N ASN A 437 -8.62 -45.23 -27.09
CA ASN A 437 -7.37 -45.98 -26.86
C ASN A 437 -7.00 -46.32 -25.42
N PHE A 438 -7.53 -45.59 -24.43
CA PHE A 438 -7.18 -45.87 -23.05
C PHE A 438 -8.32 -45.71 -22.06
N ARG A 439 -8.18 -46.38 -20.92
CA ARG A 439 -9.13 -46.18 -19.85
C ARG A 439 -8.22 -45.42 -18.88
N LEU A 440 -8.81 -44.54 -18.10
CA LEU A 440 -8.06 -43.71 -17.19
C LEU A 440 -7.97 -44.33 -15.81
N LYS A 441 -6.80 -44.24 -15.19
CA LYS A 441 -6.60 -44.79 -13.84
C LYS A 441 -6.06 -43.75 -12.88
N SER A 442 -6.88 -43.37 -11.90
CA SER A 442 -6.48 -42.36 -10.92
C SER A 442 -5.45 -42.82 -9.92
N SER A 443 -4.47 -41.97 -9.69
CA SER A 443 -3.41 -42.26 -8.73
C SER A 443 -4.05 -42.40 -7.34
N GLN A 444 -5.30 -41.99 -7.21
CA GLN A 444 -6.03 -42.09 -5.94
C GLN A 444 -7.41 -42.69 -6.15
N SER A 445 -8.26 -42.63 -5.14
CA SER A 445 -9.60 -43.19 -5.22
C SER A 445 -10.64 -42.17 -5.68
N PRO A 446 -11.50 -42.58 -6.63
CA PRO A 446 -12.55 -41.71 -7.17
C PRO A 446 -13.22 -40.82 -6.11
N LYS A 447 -13.63 -41.44 -5.01
CA LYS A 447 -14.30 -40.74 -3.91
C LYS A 447 -13.41 -39.61 -3.34
N ASP A 448 -12.11 -39.82 -3.37
CA ASP A 448 -11.16 -38.84 -2.85
C ASP A 448 -10.65 -37.80 -3.86
N ILE A 449 -11.01 -37.92 -5.14
CA ILE A 449 -10.55 -36.97 -6.13
C ILE A 449 -11.23 -35.62 -5.91
N ASP A 450 -10.42 -34.57 -5.74
CA ASP A 450 -10.95 -33.22 -5.52
C ASP A 450 -11.05 -32.51 -6.88
N VAL A 451 -12.27 -32.23 -7.36
CA VAL A 451 -12.40 -31.51 -8.63
C VAL A 451 -12.64 -30.02 -8.45
N SER A 452 -12.53 -29.50 -7.23
CA SER A 452 -12.71 -28.08 -7.04
C SER A 452 -11.45 -27.47 -7.65
N PRO A 453 -11.49 -26.19 -8.01
CA PRO A 453 -10.26 -25.67 -8.59
C PRO A 453 -9.19 -25.30 -7.58
N LYS A 454 -7.95 -25.26 -8.07
CA LYS A 454 -6.83 -24.87 -7.25
C LYS A 454 -6.73 -23.35 -7.20
N HIS A 455 -7.09 -22.72 -8.31
CA HIS A 455 -7.02 -21.27 -8.46
C HIS A 455 -8.16 -20.74 -9.30
N VAL A 456 -8.71 -19.59 -8.92
CA VAL A 456 -9.73 -19.01 -9.76
C VAL A 456 -9.51 -17.50 -9.77
N GLY A 457 -9.29 -16.98 -10.97
CA GLY A 457 -9.08 -15.56 -11.16
C GLY A 457 -9.45 -15.31 -12.61
N PHE A 458 -8.46 -14.96 -13.43
CA PHE A 458 -8.69 -14.77 -14.85
C PHE A 458 -9.10 -16.12 -15.44
N ALA A 459 -8.44 -17.19 -14.98
CA ALA A 459 -8.75 -18.54 -15.43
C ALA A 459 -9.15 -19.40 -14.23
N THR A 460 -9.65 -20.61 -14.51
CA THR A 460 -10.01 -21.58 -13.48
C THR A 460 -8.96 -22.67 -13.69
N ILE A 461 -8.07 -22.86 -12.71
CA ILE A 461 -6.99 -23.83 -12.82
C ILE A 461 -7.32 -25.06 -11.94
N PRO A 462 -7.29 -26.27 -12.53
CA PRO A 462 -7.60 -27.45 -11.73
C PRO A 462 -6.37 -27.83 -10.87
N ARG A 463 -6.60 -28.60 -9.81
CA ARG A 463 -5.54 -29.06 -8.92
C ARG A 463 -4.60 -30.00 -9.66
N ASN A 464 -3.33 -30.05 -9.21
CA ASN A 464 -2.34 -30.92 -9.83
C ASN A 464 -2.74 -32.36 -9.49
N TYR A 465 -2.45 -33.27 -10.41
CA TYR A 465 -2.77 -34.68 -10.18
C TYR A 465 -1.92 -35.49 -11.11
N THR A 466 -1.92 -36.80 -10.92
CA THR A 466 -1.17 -37.67 -11.80
C THR A 466 -2.14 -38.76 -12.11
N MET A 467 -1.85 -39.51 -13.16
CA MET A 467 -2.75 -40.58 -13.58
C MET A 467 -1.98 -41.49 -14.51
N SER A 468 -2.58 -42.63 -14.84
CA SER A 468 -1.93 -43.53 -15.77
C SER A 468 -2.91 -43.82 -16.90
N PHE A 469 -2.37 -43.99 -18.11
CA PHE A 469 -3.19 -44.30 -19.26
C PHE A 469 -2.99 -45.79 -19.58
N LEU A 470 -4.01 -46.59 -19.25
CA LEU A 470 -4.05 -48.04 -19.44
C LEU A 470 -4.75 -48.39 -20.76
N PRO A 471 -4.02 -49.06 -21.67
CA PRO A 471 -4.57 -49.47 -22.98
C PRO A 471 -5.80 -50.37 -22.82
N ARG A 472 -6.66 -50.42 -23.88
CA ARG A 472 -7.93 -51.21 -24.04
C ARG A 472 -7.79 -52.19 -25.21
N HIS A 473 -7.76 -53.47 -24.87
CA HIS A 473 -7.47 -54.50 -25.87
C HIS A 473 -8.20 -55.83 -25.66
N HIS A 474 -8.18 -56.30 -24.41
CA HIS A 474 -8.81 -57.55 -24.02
C HIS A 474 -10.27 -57.33 -23.61
N LYS B 10 26.01 3.57 16.45
CA LYS B 10 26.77 2.30 16.51
C LYS B 10 25.91 1.09 16.13
N LEU B 11 24.75 1.33 15.52
CA LEU B 11 23.88 0.24 15.10
C LEU B 11 24.47 -0.26 13.78
N PRO B 12 24.45 -1.58 13.51
CA PRO B 12 25.00 -2.11 12.25
C PRO B 12 24.54 -1.27 11.07
N PRO B 13 25.41 -1.11 10.06
CA PRO B 13 25.07 -0.30 8.89
C PRO B 13 24.11 -1.07 8.00
N GLY B 14 23.38 -0.37 7.15
CA GLY B 14 22.44 -1.02 6.25
C GLY B 14 21.81 -0.07 5.26
N PRO B 15 21.11 -0.58 4.24
CA PRO B 15 20.51 0.36 3.30
C PRO B 15 19.50 1.28 4.01
N THR B 16 19.33 2.47 3.47
CA THR B 16 18.43 3.48 4.03
C THR B 16 16.96 3.16 3.87
N PRO B 17 16.26 3.00 5.00
CA PRO B 17 14.83 2.67 4.93
C PRO B 17 13.95 3.88 4.66
N LEU B 18 12.73 3.61 4.22
CA LEU B 18 11.76 4.66 3.99
C LEU B 18 10.76 4.48 5.15
N PRO B 19 10.00 5.52 5.48
CA PRO B 19 9.02 5.39 6.57
C PRO B 19 8.02 4.24 6.40
N PHE B 20 7.85 3.46 7.47
CA PHE B 20 6.93 2.34 7.53
C PHE B 20 7.25 1.17 6.59
N ILE B 21 7.43 1.43 5.28
CA ILE B 21 7.74 0.32 4.37
C ILE B 21 9.16 -0.20 4.61
N GLY B 22 9.95 0.57 5.34
CA GLY B 22 11.30 0.13 5.63
C GLY B 22 12.11 -0.05 4.35
N ASN B 23 12.75 -1.21 4.24
CA ASN B 23 13.56 -1.57 3.08
C ASN B 23 12.80 -2.44 2.09
N TYR B 24 11.48 -2.42 2.17
CA TYR B 24 10.64 -3.19 1.26
C TYR B 24 11.01 -3.03 -0.24
N LEU B 25 11.30 -1.81 -0.66
CA LEU B 25 11.62 -1.54 -2.06
C LEU B 25 12.96 -2.20 -2.48
N GLN B 26 13.85 -2.38 -1.51
CA GLN B 26 15.16 -3.01 -1.73
C GLN B 26 15.17 -4.51 -1.44
N LEU B 27 14.00 -5.14 -1.37
CA LEU B 27 13.96 -6.56 -1.08
C LEU B 27 13.00 -7.23 -2.03
N ASN B 28 13.13 -8.55 -2.18
CA ASN B 28 12.21 -9.32 -3.02
C ASN B 28 11.54 -10.36 -2.10
N THR B 29 10.22 -10.28 -1.96
CA THR B 29 9.53 -11.21 -1.07
C THR B 29 9.53 -12.64 -1.55
N GLU B 30 9.86 -12.87 -2.81
CA GLU B 30 9.89 -14.23 -3.34
C GLU B 30 11.18 -14.95 -2.90
N GLN B 31 12.18 -14.16 -2.49
CA GLN B 31 13.44 -14.75 -2.04
C GLN B 31 14.14 -13.85 -1.04
N MET B 32 13.57 -13.79 0.15
CA MET B 32 14.13 -12.98 1.20
C MET B 32 15.58 -13.35 1.47
N TYR B 33 15.86 -14.65 1.48
CA TYR B 33 17.20 -15.12 1.75
C TYR B 33 18.23 -14.52 0.75
N ASN B 34 17.95 -14.63 -0.54
CA ASN B 34 18.86 -14.11 -1.55
C ASN B 34 18.92 -12.60 -1.46
N SER B 35 17.77 -11.96 -1.28
CA SER B 35 17.73 -10.51 -1.17
C SER B 35 18.65 -10.07 -0.03
N LEU B 36 18.44 -10.65 1.14
CA LEU B 36 19.28 -10.26 2.27
C LEU B 36 20.76 -10.55 2.03
N MET B 37 21.06 -11.74 1.52
CA MET B 37 22.45 -12.12 1.24
C MET B 37 23.14 -11.12 0.33
N LYS B 38 22.43 -10.67 -0.72
CA LYS B 38 22.96 -9.69 -1.64
C LYS B 38 23.38 -8.46 -0.85
N ILE B 39 22.49 -7.98 0.02
CA ILE B 39 22.76 -6.80 0.82
C ILE B 39 23.97 -6.95 1.76
N SER B 40 24.21 -8.14 2.27
CA SER B 40 25.36 -8.31 3.16
C SER B 40 26.66 -8.15 2.33
N GLU B 41 26.57 -8.42 1.03
CA GLU B 41 27.72 -8.28 0.13
C GLU B 41 28.09 -6.83 0.00
N ARG B 42 27.19 -5.95 0.40
CA ARG B 42 27.41 -4.53 0.30
C ARG B 42 27.69 -3.90 1.64
N TYR B 43 27.16 -4.48 2.72
CA TYR B 43 27.35 -3.92 4.05
C TYR B 43 28.10 -4.83 5.02
N GLY B 44 28.36 -6.08 4.63
CA GLY B 44 29.07 -6.99 5.51
C GLY B 44 28.23 -8.09 6.16
N PRO B 45 28.86 -8.93 7.01
CA PRO B 45 28.24 -10.05 7.73
C PRO B 45 27.18 -9.70 8.77
N VAL B 46 27.30 -8.53 9.37
CA VAL B 46 26.36 -8.09 10.39
C VAL B 46 25.81 -6.76 9.94
N PHE B 47 24.52 -6.75 9.57
CA PHE B 47 23.90 -5.52 9.09
C PHE B 47 22.45 -5.31 9.51
N THR B 48 21.96 -4.08 9.30
CA THR B 48 20.60 -3.72 9.66
C THR B 48 19.67 -3.67 8.44
N ILE B 49 18.48 -4.25 8.60
CA ILE B 49 17.50 -4.22 7.52
C ILE B 49 16.18 -3.85 8.22
N HIS B 50 15.25 -3.27 7.46
CA HIS B 50 13.98 -2.90 8.03
C HIS B 50 12.91 -3.64 7.24
N LEU B 51 12.38 -4.70 7.87
CA LEU B 51 11.32 -5.50 7.25
C LEU B 51 10.08 -4.75 7.59
N GLY B 52 9.71 -3.83 6.72
CA GLY B 52 8.58 -2.99 7.03
C GLY B 52 9.06 -2.22 8.26
N PRO B 53 8.19 -2.01 9.24
CA PRO B 53 8.62 -1.26 10.43
C PRO B 53 9.54 -2.04 11.39
N ARG B 54 9.75 -3.32 11.13
CA ARG B 54 10.60 -4.12 12.01
C ARG B 54 12.08 -3.94 11.73
N ARG B 55 12.81 -3.38 12.69
CA ARG B 55 14.24 -3.19 12.51
C ARG B 55 14.93 -4.48 12.91
N VAL B 56 15.68 -5.05 11.97
CA VAL B 56 16.33 -6.31 12.23
C VAL B 56 17.82 -6.34 11.91
N VAL B 57 18.61 -6.88 12.83
CA VAL B 57 20.05 -7.04 12.61
C VAL B 57 20.23 -8.47 12.08
N VAL B 58 20.71 -8.58 10.84
CA VAL B 58 20.94 -9.85 10.19
C VAL B 58 22.39 -10.32 10.46
N LEU B 59 22.55 -11.59 10.81
CA LEU B 59 23.85 -12.19 11.08
C LEU B 59 24.11 -13.21 9.97
N CYS B 60 25.13 -13.01 9.15
CA CYS B 60 25.46 -13.93 8.05
C CYS B 60 26.82 -14.61 8.25
N GLY B 61 26.90 -15.90 7.97
CA GLY B 61 28.15 -16.62 8.15
C GLY B 61 28.32 -17.22 9.53
N HIS B 62 29.07 -18.32 9.59
CA HIS B 62 29.30 -19.01 10.84
C HIS B 62 29.78 -18.13 11.99
N ASP B 63 30.84 -17.37 11.72
CA ASP B 63 31.43 -16.53 12.77
C ASP B 63 30.46 -15.57 13.44
N ALA B 64 29.74 -14.79 12.63
CA ALA B 64 28.78 -13.84 13.19
C ALA B 64 27.69 -14.54 13.99
N VAL B 65 27.14 -15.63 13.44
CA VAL B 65 26.04 -16.33 14.10
C VAL B 65 26.47 -16.95 15.41
N ARG B 66 27.60 -17.67 15.40
CA ARG B 66 28.11 -18.30 16.63
C ARG B 66 28.53 -17.26 17.71
N GLU B 67 29.20 -16.20 17.28
CA GLU B 67 29.61 -15.14 18.22
C GLU B 67 28.42 -14.65 19.04
N ALA B 68 27.32 -14.36 18.35
CA ALA B 68 26.10 -13.85 18.97
C ALA B 68 25.28 -14.90 19.72
N LEU B 69 24.76 -15.90 19.00
CA LEU B 69 23.93 -16.90 19.62
C LEU B 69 24.63 -17.77 20.64
N VAL B 70 25.95 -17.89 20.52
CA VAL B 70 26.69 -18.71 21.49
C VAL B 70 27.63 -17.92 22.40
N ASP B 71 28.57 -17.17 21.83
CA ASP B 71 29.51 -16.40 22.65
C ASP B 71 28.86 -15.24 23.42
N GLN B 72 27.57 -15.03 23.18
CA GLN B 72 26.80 -14.00 23.88
C GLN B 72 25.36 -14.48 23.96
N ALA B 73 25.24 -15.78 24.20
CA ALA B 73 23.99 -16.50 24.30
C ALA B 73 22.87 -15.82 25.08
N GLU B 74 23.16 -15.42 26.31
CA GLU B 74 22.16 -14.80 27.16
C GLU B 74 21.57 -13.53 26.59
N GLU B 75 22.41 -12.73 25.95
CA GLU B 75 21.95 -11.47 25.39
C GLU B 75 21.11 -11.66 24.13
N PHE B 76 21.46 -12.64 23.31
CA PHE B 76 20.71 -12.92 22.10
C PHE B 76 19.65 -14.00 22.34
N SER B 77 19.31 -14.22 23.61
CA SER B 77 18.35 -15.26 23.99
C SER B 77 16.86 -14.92 23.88
N GLY B 78 16.52 -13.73 23.38
CA GLY B 78 15.10 -13.40 23.26
C GLY B 78 14.45 -13.98 22.00
N ARG B 79 13.13 -14.14 22.05
CA ARG B 79 12.37 -14.69 20.92
C ARG B 79 11.86 -13.53 20.08
N GLY B 80 12.23 -13.49 18.81
CA GLY B 80 11.76 -12.43 17.95
C GLY B 80 10.38 -12.81 17.44
N GLU B 81 9.91 -12.20 16.36
CA GLU B 81 8.59 -12.53 15.86
C GLU B 81 8.55 -13.28 14.53
N GLN B 82 7.44 -13.96 14.30
CA GLN B 82 7.18 -14.67 13.05
C GLN B 82 5.68 -14.36 13.01
N ALA B 83 5.38 -13.32 12.24
CA ALA B 83 4.03 -12.79 12.20
C ALA B 83 2.90 -13.74 11.88
N THR B 84 3.09 -14.66 10.93
CA THR B 84 2.01 -15.57 10.61
C THR B 84 1.67 -16.43 11.84
N PHE B 85 2.70 -16.96 12.51
CA PHE B 85 2.44 -17.79 13.68
C PHE B 85 1.96 -16.99 14.89
N ASP B 86 2.49 -15.77 15.06
CA ASP B 86 2.08 -14.93 16.17
C ASP B 86 0.57 -14.66 16.12
N TRP B 87 -0.02 -14.73 14.91
CA TRP B 87 -1.46 -14.51 14.75
C TRP B 87 -2.25 -15.45 15.65
N VAL B 88 -1.85 -16.73 15.69
CA VAL B 88 -2.56 -17.69 16.53
C VAL B 88 -1.93 -17.80 17.93
N PHE B 89 -0.60 -17.88 18.02
CA PHE B 89 0.07 -18.02 19.31
C PHE B 89 0.00 -16.82 20.25
N LYS B 90 0.01 -15.61 19.69
CA LYS B 90 -0.08 -14.36 20.42
C LYS B 90 0.80 -14.24 21.69
N GLY B 91 2.00 -14.80 21.64
CA GLY B 91 2.91 -14.68 22.78
C GLY B 91 2.82 -15.80 23.82
N TYR B 92 1.90 -16.74 23.61
CA TYR B 92 1.69 -17.89 24.49
C TYR B 92 2.35 -19.11 23.87
N GLY B 93 2.46 -20.19 24.64
CA GLY B 93 3.07 -21.41 24.13
C GLY B 93 4.57 -21.31 24.34
N VAL B 94 5.30 -22.39 24.12
CA VAL B 94 6.73 -22.39 24.38
C VAL B 94 7.63 -21.77 23.31
N VAL B 95 7.24 -21.93 22.04
CA VAL B 95 8.06 -21.41 20.94
C VAL B 95 8.09 -19.91 20.83
N PHE B 96 6.93 -19.28 20.78
CA PHE B 96 6.86 -17.85 20.58
C PHE B 96 6.59 -16.99 21.78
N SER B 97 7.22 -17.33 22.90
CA SER B 97 7.04 -16.54 24.10
C SER B 97 8.43 -16.13 24.57
N ASN B 98 8.45 -15.31 25.61
CA ASN B 98 9.68 -14.81 26.17
C ASN B 98 9.66 -14.83 27.69
N GLY B 99 10.74 -14.36 28.28
CA GLY B 99 10.84 -14.29 29.72
C GLY B 99 10.46 -15.52 30.51
N GLU B 100 9.97 -15.28 31.71
CA GLU B 100 9.58 -16.36 32.61
C GLU B 100 8.64 -17.37 31.99
N ARG B 101 7.76 -16.91 31.11
CA ARG B 101 6.82 -17.80 30.47
C ARG B 101 7.53 -18.83 29.61
N ALA B 102 8.48 -18.38 28.80
CA ALA B 102 9.21 -19.28 27.92
C ALA B 102 10.08 -20.23 28.74
N LYS B 103 10.76 -19.67 29.74
CA LYS B 103 11.64 -20.45 30.61
C LYS B 103 10.81 -21.54 31.29
N GLN B 104 9.70 -21.11 31.87
CA GLN B 104 8.79 -22.00 32.56
C GLN B 104 8.37 -23.12 31.62
N LEU B 105 7.76 -22.77 30.49
CA LEU B 105 7.26 -23.76 29.55
C LEU B 105 8.32 -24.62 28.87
N ARG B 106 9.51 -24.08 28.69
CA ARG B 106 10.54 -24.89 28.04
C ARG B 106 11.06 -25.96 28.99
N ARG B 107 11.12 -25.63 30.27
CA ARG B 107 11.62 -26.59 31.26
C ARG B 107 10.63 -27.73 31.39
N PHE B 108 9.36 -27.39 31.58
CA PHE B 108 8.35 -28.43 31.68
C PHE B 108 8.30 -29.27 30.42
N SER B 109 8.58 -28.65 29.27
CA SER B 109 8.52 -29.38 28.01
C SER B 109 9.65 -30.37 27.79
N ILE B 110 10.88 -29.96 28.05
CA ILE B 110 12.01 -30.88 27.87
C ILE B 110 11.90 -32.01 28.91
N ALA B 111 11.41 -31.65 30.10
CA ALA B 111 11.25 -32.64 31.15
C ALA B 111 10.11 -33.61 30.79
N THR B 112 8.93 -33.07 30.51
CA THR B 112 7.78 -33.91 30.18
C THR B 112 8.01 -34.76 28.94
N LEU B 113 8.89 -34.28 28.05
CA LEU B 113 9.20 -35.01 26.84
C LEU B 113 9.96 -36.28 27.19
N ARG B 114 10.95 -36.18 28.06
CA ARG B 114 11.72 -37.36 28.47
C ARG B 114 10.88 -38.36 29.27
N ASP B 115 9.94 -37.85 30.05
CA ASP B 115 9.08 -38.72 30.85
C ASP B 115 8.29 -39.63 29.94
N PHE B 116 8.06 -39.18 28.72
CA PHE B 116 7.31 -39.97 27.74
C PHE B 116 8.22 -40.67 26.72
N GLY B 117 9.44 -40.97 27.17
CA GLY B 117 10.41 -41.69 26.35
C GLY B 117 11.36 -40.98 25.40
N VAL B 118 11.41 -39.65 25.41
CA VAL B 118 12.32 -38.97 24.50
C VAL B 118 13.78 -39.16 24.92
N GLY B 119 14.57 -39.73 24.00
CA GLY B 119 15.97 -39.99 24.27
C GLY B 119 16.16 -41.33 24.96
N LYS B 120 15.08 -42.11 24.99
CA LYS B 120 15.07 -43.42 25.63
C LYS B 120 14.59 -44.47 24.64
N ARG B 121 14.57 -45.73 25.07
CA ARG B 121 14.12 -46.82 24.21
C ARG B 121 12.58 -46.79 24.06
N GLY B 122 11.92 -46.01 24.91
CA GLY B 122 10.47 -45.91 24.83
C GLY B 122 9.99 -45.25 23.55
N ILE B 123 10.68 -44.20 23.12
CA ILE B 123 10.30 -43.50 21.89
C ILE B 123 10.88 -44.22 20.68
N GLU B 124 12.05 -44.83 20.85
CA GLU B 124 12.68 -45.56 19.75
C GLU B 124 11.73 -46.65 19.24
N GLU B 125 11.04 -47.33 20.15
CA GLU B 125 10.08 -48.36 19.77
C GLU B 125 9.00 -47.79 18.87
N ARG B 126 8.43 -46.66 19.28
CA ARG B 126 7.38 -46.01 18.52
C ARG B 126 7.91 -45.61 17.15
N ILE B 127 9.12 -45.07 17.09
CA ILE B 127 9.64 -44.70 15.79
C ILE B 127 9.81 -45.97 14.95
N GLN B 128 10.37 -47.02 15.54
CA GLN B 128 10.56 -48.27 14.78
C GLN B 128 9.21 -48.83 14.31
N GLU B 129 8.21 -48.88 15.18
CA GLU B 129 6.91 -49.41 14.79
C GLU B 129 6.28 -48.54 13.69
N GLU B 130 6.31 -47.21 13.86
CA GLU B 130 5.73 -46.34 12.85
C GLU B 130 6.51 -46.48 11.56
N ALA B 131 7.81 -46.77 11.67
CA ALA B 131 8.65 -46.96 10.48
C ALA B 131 8.20 -48.21 9.73
N GLY B 132 7.78 -49.23 10.49
CA GLY B 132 7.28 -50.45 9.87
C GLY B 132 6.01 -50.15 9.07
N PHE B 133 5.12 -49.35 9.64
CA PHE B 133 3.88 -49.00 8.93
C PHE B 133 4.22 -48.25 7.64
N LEU B 134 5.26 -47.43 7.66
CA LEU B 134 5.61 -46.74 6.45
C LEU B 134 6.10 -47.73 5.39
N ILE B 135 6.81 -48.77 5.83
CA ILE B 135 7.29 -49.77 4.90
C ILE B 135 6.08 -50.52 4.31
N ASP B 136 5.11 -50.85 5.16
CA ASP B 136 3.90 -51.54 4.68
C ASP B 136 3.26 -50.63 3.62
N ALA B 137 2.96 -49.40 4.03
CA ALA B 137 2.36 -48.41 3.14
C ALA B 137 3.12 -48.33 1.83
N LEU B 138 4.44 -48.23 1.88
CA LEU B 138 5.21 -48.15 0.63
C LEU B 138 5.16 -49.43 -0.19
N ARG B 139 5.17 -50.58 0.49
CA ARG B 139 5.07 -51.88 -0.20
C ARG B 139 3.71 -51.88 -0.89
N GLY B 140 2.70 -51.44 -0.15
CA GLY B 140 1.34 -51.39 -0.64
C GLY B 140 1.15 -50.66 -1.96
N THR B 141 2.09 -49.78 -2.31
CA THR B 141 1.99 -49.03 -3.55
C THR B 141 2.40 -49.87 -4.75
N GLY B 142 2.93 -51.06 -4.46
CA GLY B 142 3.34 -51.95 -5.53
C GLY B 142 4.40 -51.42 -6.47
N GLY B 143 5.19 -50.46 -6.03
CA GLY B 143 6.24 -49.94 -6.91
C GLY B 143 5.74 -48.92 -7.90
N ALA B 144 4.53 -48.43 -7.67
CA ALA B 144 3.95 -47.42 -8.54
C ALA B 144 4.63 -46.04 -8.32
N ASN B 145 4.60 -45.20 -9.34
CA ASN B 145 5.15 -43.85 -9.30
C ASN B 145 4.28 -43.14 -8.29
N ILE B 146 4.87 -42.49 -7.28
CA ILE B 146 4.02 -41.81 -6.31
C ILE B 146 4.58 -40.52 -5.70
N ASP B 147 3.67 -39.80 -5.05
CA ASP B 147 4.00 -38.57 -4.36
C ASP B 147 4.22 -38.97 -2.90
N PRO B 148 5.48 -38.97 -2.46
CA PRO B 148 5.78 -39.35 -1.07
C PRO B 148 5.30 -38.41 0.01
N THR B 149 5.00 -37.16 -0.37
CA THR B 149 4.60 -36.17 0.62
C THR B 149 3.80 -36.67 1.82
N PHE B 150 2.58 -37.14 1.59
CA PHE B 150 1.77 -37.57 2.72
C PHE B 150 2.09 -38.89 3.35
N PHE B 151 2.77 -39.77 2.64
CA PHE B 151 3.15 -41.01 3.28
C PHE B 151 4.14 -40.57 4.36
N LEU B 152 5.10 -39.75 3.95
CA LEU B 152 6.14 -39.26 4.86
C LEU B 152 5.55 -38.48 6.04
N SER B 153 4.76 -37.44 5.75
CA SER B 153 4.15 -36.64 6.83
C SER B 153 3.29 -37.46 7.78
N ARG B 154 2.44 -38.34 7.25
CA ARG B 154 1.62 -39.15 8.13
C ARG B 154 2.52 -39.94 9.09
N THR B 155 3.64 -40.43 8.57
CA THR B 155 4.56 -41.23 9.39
C THR B 155 5.14 -40.40 10.52
N VAL B 156 5.82 -39.31 10.14
CA VAL B 156 6.44 -38.41 11.11
C VAL B 156 5.42 -37.87 12.12
N SER B 157 4.30 -37.37 11.63
CA SER B 157 3.30 -36.81 12.55
C SER B 157 2.83 -37.80 13.60
N ASN B 158 2.80 -39.10 13.27
CA ASN B 158 2.34 -40.05 14.27
C ASN B 158 3.23 -40.20 15.50
N VAL B 159 4.50 -39.83 15.38
CA VAL B 159 5.43 -39.92 16.51
C VAL B 159 5.10 -38.88 17.57
N ILE B 160 5.18 -37.62 17.17
CA ILE B 160 4.89 -36.56 18.12
C ILE B 160 3.45 -36.69 18.63
N SER B 161 2.54 -37.17 17.77
CA SER B 161 1.15 -37.35 18.18
C SER B 161 1.03 -38.29 19.40
N SER B 162 1.74 -39.42 19.33
CA SER B 162 1.71 -40.40 20.42
C SER B 162 2.10 -39.76 21.73
N ILE B 163 3.15 -38.93 21.69
CA ILE B 163 3.67 -38.24 22.86
C ILE B 163 2.68 -37.26 23.46
N VAL B 164 2.10 -36.41 22.61
CA VAL B 164 1.15 -35.39 23.06
C VAL B 164 -0.32 -35.84 23.11
N PHE B 165 -0.69 -36.79 22.26
CA PHE B 165 -2.07 -37.24 22.27
C PHE B 165 -2.22 -38.62 22.89
N GLY B 166 -1.08 -39.25 23.20
CA GLY B 166 -1.10 -40.57 23.82
C GLY B 166 -1.39 -41.71 22.87
N ASP B 167 -1.35 -41.44 21.56
CA ASP B 167 -1.61 -42.50 20.61
C ASP B 167 -1.49 -42.00 19.17
N ARG B 168 -1.11 -42.90 18.28
CA ARG B 168 -0.94 -42.56 16.89
C ARG B 168 -2.31 -42.45 16.21
N PHE B 169 -2.28 -42.08 14.93
CA PHE B 169 -3.47 -41.94 14.13
C PHE B 169 -3.46 -43.09 13.12
N ASP B 170 -4.65 -43.56 12.75
CA ASP B 170 -4.78 -44.61 11.76
C ASP B 170 -4.52 -43.87 10.43
N TYR B 171 -3.80 -44.49 9.51
CA TYR B 171 -3.52 -43.84 8.23
C TYR B 171 -4.78 -43.53 7.44
N LYS B 172 -5.92 -44.01 7.92
CA LYS B 172 -7.22 -43.84 7.26
C LYS B 172 -8.10 -42.77 7.86
N ASP B 173 -7.76 -42.30 9.06
CA ASP B 173 -8.53 -41.25 9.74
C ASP B 173 -8.48 -40.01 8.86
N LYS B 174 -9.61 -39.65 8.26
CA LYS B 174 -9.68 -38.50 7.35
C LYS B 174 -9.38 -37.17 8.03
N GLU B 175 -9.67 -37.09 9.33
CA GLU B 175 -9.41 -35.88 10.09
C GLU B 175 -7.88 -35.68 10.13
N PHE B 176 -7.17 -36.76 10.49
CA PHE B 176 -5.72 -36.78 10.57
C PHE B 176 -5.12 -36.15 9.32
N LEU B 177 -5.66 -36.49 8.16
CA LEU B 177 -5.14 -35.95 6.91
C LEU B 177 -5.45 -34.46 6.72
N SER B 178 -6.65 -34.04 7.10
CA SER B 178 -6.96 -32.62 6.95
C SER B 178 -5.96 -31.83 7.82
N LEU B 179 -5.65 -32.37 9.00
CA LEU B 179 -4.69 -31.76 9.91
C LEU B 179 -3.32 -31.64 9.26
N LEU B 180 -2.90 -32.70 8.57
CA LEU B 180 -1.60 -32.68 7.89
C LEU B 180 -1.54 -31.66 6.73
N ARG B 181 -2.67 -31.42 6.06
CA ARG B 181 -2.70 -30.46 4.95
C ARG B 181 -2.57 -29.03 5.49
N MET B 182 -3.25 -28.77 6.62
CA MET B 182 -3.20 -27.45 7.25
C MET B 182 -1.74 -27.13 7.52
N MET B 183 -1.02 -28.08 8.08
CA MET B 183 0.39 -27.86 8.40
C MET B 183 1.25 -27.65 7.15
N LEU B 184 1.00 -28.44 6.11
CA LEU B 184 1.79 -28.30 4.88
C LEU B 184 1.50 -26.90 4.31
N GLY B 185 0.22 -26.52 4.30
CA GLY B 185 -0.18 -25.23 3.81
C GLY B 185 0.38 -24.02 4.57
N ILE B 186 0.51 -24.12 5.89
CA ILE B 186 1.03 -23.00 6.66
C ILE B 186 2.53 -22.83 6.41
N PHE B 187 3.25 -23.94 6.36
CA PHE B 187 4.68 -23.86 6.10
C PHE B 187 4.88 -23.31 4.68
N GLN B 188 3.95 -23.62 3.75
CA GLN B 188 4.13 -23.13 2.40
C GLN B 188 3.86 -21.62 2.37
N PHE B 189 2.69 -21.24 2.88
CA PHE B 189 2.30 -19.84 2.90
C PHE B 189 3.45 -18.99 3.41
N THR B 190 4.01 -19.38 4.55
CA THR B 190 5.09 -18.58 5.16
C THR B 190 6.42 -18.57 4.43
N SER B 191 6.52 -19.35 3.37
CA SER B 191 7.76 -19.40 2.61
C SER B 191 7.58 -18.79 1.22
N THR B 192 6.41 -18.16 1.01
CA THR B 192 6.09 -17.49 -0.27
C THR B 192 6.24 -15.97 -0.21
N SER B 193 5.93 -15.32 -1.31
CA SER B 193 6.02 -13.86 -1.36
C SER B 193 4.96 -13.24 -0.45
N THR B 194 3.71 -13.65 -0.55
CA THR B 194 2.65 -13.08 0.30
C THR B 194 2.94 -13.31 1.81
N GLY B 195 3.42 -14.49 2.14
CA GLY B 195 3.75 -14.78 3.52
C GLY B 195 4.89 -13.91 3.98
N GLN B 196 5.91 -13.70 3.16
CA GLN B 196 7.01 -12.84 3.55
C GLN B 196 6.60 -11.36 3.55
N LEU B 197 5.61 -11.00 2.74
CA LEU B 197 5.10 -9.63 2.75
C LEU B 197 4.34 -9.48 4.08
N TYR B 198 3.61 -10.53 4.50
CA TYR B 198 2.86 -10.46 5.78
C TYR B 198 3.83 -10.16 6.92
N GLU B 199 5.03 -10.75 6.86
CA GLU B 199 6.07 -10.52 7.88
C GLU B 199 6.37 -9.04 7.97
N MET B 200 6.23 -8.33 6.86
CA MET B 200 6.52 -6.90 6.91
C MET B 200 5.32 -6.04 7.26
N PHE B 201 4.16 -6.39 6.72
CA PHE B 201 3.01 -5.55 6.87
C PHE B 201 1.80 -6.10 7.59
N SER B 202 2.07 -7.02 8.52
CA SER B 202 1.03 -7.67 9.33
C SER B 202 0.17 -6.65 10.06
N SER B 203 0.76 -5.54 10.48
CA SER B 203 0.03 -4.51 11.22
C SER B 203 -1.22 -4.06 10.46
N VAL B 204 -1.15 -4.08 9.12
CA VAL B 204 -2.28 -3.69 8.28
C VAL B 204 -2.98 -4.95 7.74
N MET B 205 -2.21 -5.83 7.11
CA MET B 205 -2.72 -7.06 6.51
C MET B 205 -3.54 -8.01 7.38
N LYS B 206 -3.27 -8.06 8.68
CA LYS B 206 -4.06 -9.00 9.50
C LYS B 206 -5.52 -8.59 9.45
N HIS B 207 -5.78 -7.31 9.18
CA HIS B 207 -7.15 -6.81 9.12
C HIS B 207 -7.75 -6.80 7.72
N LEU B 208 -6.99 -7.16 6.70
CA LEU B 208 -7.52 -7.12 5.32
C LEU B 208 -7.92 -8.46 4.72
N PRO B 209 -8.93 -8.46 3.82
CA PRO B 209 -9.34 -9.72 3.20
C PRO B 209 -8.16 -10.16 2.35
N GLY B 210 -8.06 -11.45 2.03
CA GLY B 210 -6.92 -11.87 1.25
C GLY B 210 -6.39 -13.24 1.65
N PRO B 211 -5.32 -13.71 0.99
CA PRO B 211 -4.72 -15.02 1.26
C PRO B 211 -4.36 -15.26 2.71
N GLN B 212 -3.86 -14.22 3.38
CA GLN B 212 -3.46 -14.39 4.78
C GLN B 212 -4.60 -14.93 5.60
N GLN B 213 -5.81 -14.43 5.35
CA GLN B 213 -6.98 -14.84 6.11
C GLN B 213 -7.18 -16.34 6.02
N GLN B 214 -6.92 -16.93 4.85
CA GLN B 214 -7.05 -18.40 4.67
C GLN B 214 -5.89 -19.13 5.39
N ALA B 215 -4.72 -18.52 5.44
CA ALA B 215 -3.62 -19.15 6.16
C ALA B 215 -3.98 -19.12 7.64
N PHE B 216 -4.52 -18.02 8.12
CA PHE B 216 -4.92 -17.91 9.53
C PHE B 216 -5.94 -18.98 9.88
N GLN B 217 -6.85 -19.28 8.95
CA GLN B 217 -7.85 -20.28 9.26
C GLN B 217 -7.20 -21.65 9.29
N LEU B 218 -6.09 -21.84 8.59
CA LEU B 218 -5.43 -23.14 8.70
C LEU B 218 -4.96 -23.28 10.16
N LEU B 219 -4.46 -22.18 10.74
CA LEU B 219 -3.97 -22.19 12.14
C LEU B 219 -5.12 -22.35 13.14
N GLN B 220 -6.24 -21.69 12.87
CA GLN B 220 -7.41 -21.78 13.74
C GLN B 220 -7.90 -23.25 13.76
N GLY B 221 -7.91 -23.89 12.61
CA GLY B 221 -8.33 -25.29 12.56
C GLY B 221 -7.42 -26.17 13.42
N LEU B 222 -6.11 -25.99 13.28
CA LEU B 222 -5.18 -26.79 14.08
C LEU B 222 -5.44 -26.49 15.56
N GLU B 223 -5.57 -25.22 15.90
CA GLU B 223 -5.82 -24.87 17.30
C GLU B 223 -7.13 -25.48 17.82
N ASP B 224 -8.18 -25.47 16.99
CA ASP B 224 -9.47 -26.02 17.39
C ASP B 224 -9.32 -27.49 17.65
N PHE B 225 -8.55 -28.16 16.81
CA PHE B 225 -8.33 -29.58 16.95
C PHE B 225 -7.65 -29.87 18.29
N ILE B 226 -6.61 -29.11 18.62
CA ILE B 226 -5.90 -29.27 19.88
C ILE B 226 -6.82 -28.99 21.07
N ALA B 227 -7.65 -27.95 20.91
CA ALA B 227 -8.59 -27.57 21.96
C ALA B 227 -9.56 -28.70 22.26
N LYS B 228 -9.87 -29.49 21.23
CA LYS B 228 -10.78 -30.62 21.35
C LYS B 228 -10.13 -31.81 22.06
N LYS B 229 -8.84 -32.03 21.84
CA LYS B 229 -8.15 -33.12 22.51
C LYS B 229 -7.96 -32.78 23.97
N VAL B 230 -7.55 -31.54 24.25
CA VAL B 230 -7.37 -31.12 25.62
C VAL B 230 -8.70 -31.27 26.39
N GLU B 231 -9.81 -30.85 25.79
CA GLU B 231 -11.12 -30.96 26.44
C GLU B 231 -11.43 -32.39 26.79
N HIS B 232 -11.02 -33.31 25.92
CA HIS B 232 -11.24 -34.73 26.14
C HIS B 232 -10.46 -35.19 27.37
N ASN B 233 -9.14 -35.00 27.31
CA ASN B 233 -8.26 -35.39 28.41
C ASN B 233 -8.68 -34.81 29.76
N GLN B 234 -9.07 -33.53 29.80
CA GLN B 234 -9.48 -32.90 31.05
C GLN B 234 -10.77 -33.54 31.56
N ARG B 235 -11.66 -33.83 30.61
CA ARG B 235 -12.93 -34.47 30.91
C ARG B 235 -12.72 -35.78 31.64
N THR B 236 -11.82 -36.59 31.10
CA THR B 236 -11.50 -37.89 31.66
C THR B 236 -10.02 -38.03 32.07
N LEU B 237 -9.52 -37.05 32.83
CA LEU B 237 -8.12 -37.08 33.26
C LEU B 237 -7.85 -38.12 34.35
N ASP B 238 -6.61 -38.59 34.37
CA ASP B 238 -6.15 -39.59 35.33
C ASP B 238 -5.14 -38.95 36.27
N PRO B 239 -5.60 -38.00 37.12
CA PRO B 239 -4.77 -37.28 38.09
C PRO B 239 -3.59 -38.05 38.65
N ASN B 240 -3.74 -39.36 38.80
CA ASN B 240 -2.67 -40.20 39.32
C ASN B 240 -2.07 -41.13 38.27
N SER B 241 -1.84 -40.60 37.07
CA SER B 241 -1.26 -41.38 35.98
C SER B 241 -1.45 -40.66 34.64
N PRO B 242 -0.42 -39.92 34.20
CA PRO B 242 -0.41 -39.16 32.94
C PRO B 242 -0.40 -40.04 31.69
N ARG B 243 -1.40 -39.86 30.83
CA ARG B 243 -1.46 -40.63 29.59
C ARG B 243 -0.54 -40.05 28.52
N ASP B 244 -0.55 -38.73 28.39
CA ASP B 244 0.24 -38.04 27.36
C ASP B 244 0.71 -36.65 27.83
N PHE B 245 1.45 -35.98 26.96
CA PHE B 245 1.96 -34.64 27.24
C PHE B 245 0.85 -33.75 27.81
N ILE B 246 -0.35 -33.85 27.24
CA ILE B 246 -1.45 -33.02 27.71
C ILE B 246 -1.88 -33.28 29.16
N ASP B 247 -1.79 -34.53 29.60
CA ASP B 247 -2.18 -34.86 30.97
C ASP B 247 -1.20 -34.29 31.98
N SER B 248 0.09 -34.50 31.73
CA SER B 248 1.13 -33.99 32.59
C SER B 248 0.93 -32.49 32.80
N PHE B 249 0.55 -31.81 31.73
CA PHE B 249 0.32 -30.37 31.76
C PHE B 249 -0.97 -30.02 32.53
N LEU B 250 -2.03 -30.79 32.26
CA LEU B 250 -3.31 -30.60 32.92
C LEU B 250 -3.14 -30.84 34.42
N ILE B 251 -2.19 -31.70 34.78
CA ILE B 251 -1.96 -31.99 36.18
C ILE B 251 -1.27 -30.82 36.89
N ARG B 252 -0.26 -30.25 36.23
CA ARG B 252 0.47 -29.13 36.77
C ARG B 252 -0.49 -27.95 36.93
N MET B 253 -1.45 -27.88 36.02
CA MET B 253 -2.46 -26.83 36.00
C MET B 253 -3.38 -26.85 37.22
N GLN B 254 -3.85 -28.03 37.61
CA GLN B 254 -4.70 -28.12 38.80
C GLN B 254 -3.83 -27.68 39.96
N GLU B 255 -2.65 -28.29 40.04
CA GLU B 255 -1.70 -27.98 41.11
C GLU B 255 -1.59 -26.49 41.39
N GLU B 256 -1.37 -25.70 40.36
CA GLU B 256 -1.19 -24.28 40.55
C GLU B 256 -2.40 -23.46 40.19
N GLU B 257 -3.55 -24.12 40.21
CA GLU B 257 -4.82 -23.48 39.87
C GLU B 257 -5.12 -22.19 40.64
N LYS B 258 -4.43 -21.97 41.77
CA LYS B 258 -4.64 -20.74 42.56
C LYS B 258 -3.40 -19.84 42.57
N ASN B 259 -2.29 -20.34 42.03
CA ASN B 259 -1.05 -19.57 41.95
C ASN B 259 -1.25 -18.47 40.93
N PRO B 260 -1.36 -17.22 41.40
CA PRO B 260 -1.54 -16.05 40.52
C PRO B 260 -0.49 -15.82 39.44
N ASN B 261 0.71 -16.35 39.65
CA ASN B 261 1.80 -16.17 38.70
C ASN B 261 2.19 -17.44 37.97
N THR B 262 1.27 -18.39 37.86
CA THR B 262 1.60 -19.63 37.16
C THR B 262 1.48 -19.40 35.64
N GLU B 263 2.36 -20.05 34.88
CA GLU B 263 2.31 -19.96 33.43
C GLU B 263 1.45 -21.14 32.95
N PHE B 264 1.22 -22.09 33.85
CA PHE B 264 0.43 -23.26 33.51
C PHE B 264 -1.06 -22.99 33.58
N TYR B 265 -1.66 -22.80 32.41
CA TYR B 265 -3.09 -22.59 32.30
C TYR B 265 -3.49 -23.00 30.89
N LEU B 266 -4.79 -23.05 30.62
CA LEU B 266 -5.32 -23.51 29.33
C LEU B 266 -4.59 -23.03 28.05
N LYS B 267 -4.54 -21.73 27.83
CA LYS B 267 -3.91 -21.15 26.64
C LYS B 267 -2.45 -21.62 26.41
N ASN B 268 -1.63 -21.68 27.45
CA ASN B 268 -0.25 -22.13 27.29
C ASN B 268 -0.18 -23.61 26.99
N LEU B 269 -1.18 -24.35 27.41
CA LEU B 269 -1.19 -25.77 27.14
C LEU B 269 -1.55 -25.97 25.66
N VAL B 270 -2.62 -25.32 25.23
CA VAL B 270 -3.07 -25.43 23.86
C VAL B 270 -1.96 -24.98 22.91
N MET B 271 -1.46 -23.75 23.10
CA MET B 271 -0.40 -23.22 22.25
C MET B 271 0.88 -24.06 22.27
N THR B 272 1.29 -24.57 23.43
CA THR B 272 2.50 -25.39 23.50
C THR B 272 2.30 -26.72 22.79
N THR B 273 1.13 -27.32 22.95
CA THR B 273 0.86 -28.58 22.29
C THR B 273 0.89 -28.35 20.77
N LEU B 274 0.30 -27.24 20.34
CA LEU B 274 0.26 -26.90 18.91
C LEU B 274 1.69 -26.67 18.41
N ASN B 275 2.51 -26.04 19.25
CA ASN B 275 3.91 -25.81 18.88
C ASN B 275 4.55 -27.16 18.58
N LEU B 276 4.43 -28.08 19.54
CA LEU B 276 5.01 -29.42 19.41
C LEU B 276 4.45 -30.17 18.24
N PHE B 277 3.13 -30.12 18.11
CA PHE B 277 2.48 -30.84 17.03
C PHE B 277 2.95 -30.35 15.66
N ILE B 278 3.07 -29.03 15.47
CA ILE B 278 3.54 -28.46 14.20
C ILE B 278 5.02 -28.70 14.01
N GLY B 279 5.81 -28.24 14.96
CA GLY B 279 7.27 -28.39 14.91
C GLY B 279 7.79 -29.81 14.85
N GLY B 280 7.09 -30.75 15.48
CA GLY B 280 7.53 -32.13 15.43
C GLY B 280 7.07 -32.87 14.17
N THR B 281 6.33 -32.16 13.33
CA THR B 281 5.81 -32.74 12.10
C THR B 281 6.44 -32.20 10.82
N GLU B 282 6.08 -30.99 10.45
CA GLU B 282 6.55 -30.40 9.20
C GLU B 282 8.05 -30.27 8.96
N THR B 283 8.84 -30.02 10.00
CA THR B 283 10.28 -29.91 9.81
C THR B 283 10.92 -31.24 9.36
N VAL B 284 10.68 -32.30 10.12
CA VAL B 284 11.21 -33.63 9.81
C VAL B 284 10.64 -34.11 8.48
N SER B 285 9.32 -33.98 8.34
CA SER B 285 8.65 -34.39 7.10
C SER B 285 9.33 -33.80 5.89
N THR B 286 9.52 -32.49 5.92
CA THR B 286 10.14 -31.80 4.79
C THR B 286 11.54 -32.30 4.50
N THR B 287 12.30 -32.51 5.58
CA THR B 287 13.67 -32.98 5.43
C THR B 287 13.76 -34.36 4.78
N LEU B 288 12.86 -35.26 5.15
CA LEU B 288 12.87 -36.59 4.57
C LEU B 288 12.55 -36.47 3.09
N ARG B 289 11.49 -35.70 2.81
CA ARG B 289 11.05 -35.52 1.44
C ARG B 289 12.23 -35.00 0.63
N TYR B 290 12.91 -33.99 1.15
CA TYR B 290 14.06 -33.47 0.44
C TYR B 290 15.14 -34.54 0.32
N GLY B 291 15.35 -35.31 1.39
CA GLY B 291 16.36 -36.34 1.36
C GLY B 291 16.20 -37.39 0.27
N PHE B 292 15.00 -37.97 0.15
CA PHE B 292 14.81 -38.97 -0.91
C PHE B 292 15.07 -38.34 -2.29
N LEU B 293 14.65 -37.09 -2.50
CA LEU B 293 14.92 -36.45 -3.78
C LEU B 293 16.43 -36.37 -3.99
N LEU B 294 17.14 -35.99 -2.94
CA LEU B 294 18.59 -35.88 -3.00
C LEU B 294 19.23 -37.19 -3.42
N LEU B 295 18.76 -38.28 -2.82
CA LEU B 295 19.34 -39.58 -3.10
C LEU B 295 19.11 -40.06 -4.53
N MET B 296 17.92 -39.82 -5.09
CA MET B 296 17.70 -40.24 -6.47
C MET B 296 18.64 -39.46 -7.35
N LYS B 297 18.73 -38.15 -7.10
CA LYS B 297 19.63 -37.29 -7.89
C LYS B 297 21.08 -37.78 -7.83
N HIS B 298 21.43 -38.49 -6.76
CA HIS B 298 22.80 -39.00 -6.58
C HIS B 298 22.86 -40.50 -6.29
N PRO B 299 22.59 -41.33 -7.31
CA PRO B 299 22.58 -42.80 -7.26
C PRO B 299 23.77 -43.42 -6.54
N GLU B 300 24.96 -42.86 -6.76
CA GLU B 300 26.18 -43.39 -6.12
C GLU B 300 26.12 -43.31 -4.61
N VAL B 301 25.55 -42.24 -4.06
CA VAL B 301 25.44 -42.12 -2.62
C VAL B 301 24.51 -43.22 -2.10
N GLU B 302 23.43 -43.46 -2.84
CA GLU B 302 22.47 -44.48 -2.47
C GLU B 302 23.20 -45.81 -2.40
N ALA B 303 24.05 -46.05 -3.40
CA ALA B 303 24.83 -47.28 -3.47
C ALA B 303 25.64 -47.52 -2.20
N LYS B 304 26.38 -46.50 -1.75
CA LYS B 304 27.18 -46.65 -0.54
C LYS B 304 26.31 -46.78 0.71
N VAL B 305 25.12 -46.20 0.67
CA VAL B 305 24.23 -46.30 1.82
C VAL B 305 23.73 -47.74 1.95
N HIS B 306 23.39 -48.35 0.82
CA HIS B 306 22.91 -49.73 0.78
C HIS B 306 24.02 -50.67 1.21
N GLU B 307 25.23 -50.36 0.77
CA GLU B 307 26.38 -51.17 1.11
C GLU B 307 26.54 -51.19 2.64
N GLU B 308 26.54 -50.02 3.27
CA GLU B 308 26.72 -49.94 4.72
C GLU B 308 25.54 -50.50 5.52
N ILE B 309 24.32 -50.38 4.99
CA ILE B 309 23.14 -50.87 5.68
C ILE B 309 23.10 -52.39 5.83
N ASP B 310 23.44 -53.10 4.76
CA ASP B 310 23.40 -54.54 4.81
C ASP B 310 24.54 -55.19 5.59
N ARG B 311 25.72 -54.56 5.54
CA ARG B 311 26.88 -55.06 6.29
C ARG B 311 26.63 -54.89 7.80
N VAL B 312 26.43 -53.64 8.23
CA VAL B 312 26.19 -53.34 9.63
C VAL B 312 24.83 -53.80 10.15
N ILE B 313 23.78 -53.73 9.34
CA ILE B 313 22.45 -54.11 9.81
C ILE B 313 21.90 -55.45 9.31
N GLY B 314 22.14 -55.76 8.04
CA GLY B 314 21.62 -57.00 7.49
C GLY B 314 20.17 -56.94 7.06
N LYS B 315 19.48 -58.08 7.13
CA LYS B 315 18.07 -58.18 6.73
C LYS B 315 17.15 -58.84 7.75
N ASN B 316 17.65 -59.16 8.95
CA ASN B 316 16.79 -59.82 9.94
C ASN B 316 16.29 -58.99 11.09
N ARG B 317 16.57 -57.69 11.03
CA ARG B 317 16.10 -56.78 12.06
C ARG B 317 16.01 -55.36 11.49
N GLN B 318 15.18 -54.54 12.11
CA GLN B 318 15.03 -53.14 11.70
C GLN B 318 16.16 -52.35 12.32
N PRO B 319 16.52 -51.21 11.70
CA PRO B 319 17.58 -50.38 12.25
C PRO B 319 17.21 -49.96 13.65
N LYS B 320 18.22 -49.68 14.47
CA LYS B 320 18.02 -49.24 15.85
C LYS B 320 18.95 -48.03 15.99
N PHE B 321 18.56 -47.06 16.81
CA PHE B 321 19.37 -45.85 16.93
C PHE B 321 20.86 -46.06 17.20
N GLU B 322 21.22 -47.03 18.02
CA GLU B 322 22.65 -47.21 18.29
C GLU B 322 23.46 -47.63 17.08
N ASP B 323 22.81 -48.14 16.03
CA ASP B 323 23.52 -48.55 14.81
C ASP B 323 24.26 -47.40 14.16
N ARG B 324 23.88 -46.18 14.58
CA ARG B 324 24.48 -44.98 14.05
C ARG B 324 25.97 -44.86 14.30
N ALA B 325 26.43 -45.44 15.41
CA ALA B 325 27.84 -45.41 15.77
C ALA B 325 28.64 -46.20 14.77
N LYS B 326 28.03 -47.23 14.20
CA LYS B 326 28.73 -48.06 13.22
C LYS B 326 28.44 -47.67 11.78
N MET B 327 27.71 -46.59 11.60
CA MET B 327 27.33 -46.16 10.25
C MET B 327 27.76 -44.74 9.96
N PRO B 328 29.07 -44.54 9.81
CA PRO B 328 29.52 -43.19 9.52
C PRO B 328 29.03 -42.63 8.15
N TYR B 329 28.88 -43.47 7.14
CA TYR B 329 28.40 -42.93 5.85
C TYR B 329 26.93 -42.48 5.96
N MET B 330 26.08 -43.29 6.57
CA MET B 330 24.69 -42.93 6.72
C MET B 330 24.57 -41.64 7.54
N GLU B 331 25.41 -41.54 8.57
CA GLU B 331 25.44 -40.38 9.46
C GLU B 331 25.82 -39.13 8.66
N ALA B 332 26.83 -39.26 7.81
CA ALA B 332 27.28 -38.14 7.00
C ALA B 332 26.29 -37.77 5.91
N VAL B 333 25.58 -38.76 5.37
CA VAL B 333 24.59 -38.49 4.33
C VAL B 333 23.39 -37.76 4.95
N ILE B 334 22.96 -38.17 6.15
CA ILE B 334 21.83 -37.49 6.75
C ILE B 334 22.24 -36.08 7.15
N HIS B 335 23.51 -35.91 7.51
CA HIS B 335 24.01 -34.58 7.87
C HIS B 335 24.05 -33.71 6.61
N GLU B 336 24.48 -34.31 5.51
CA GLU B 336 24.55 -33.56 4.25
C GLU B 336 23.11 -33.21 3.76
N ILE B 337 22.13 -34.05 4.08
CA ILE B 337 20.77 -33.78 3.69
C ILE B 337 20.27 -32.54 4.43
N GLN B 338 20.52 -32.48 5.74
CA GLN B 338 20.11 -31.34 6.54
C GLN B 338 20.84 -30.07 6.15
N ARG B 339 22.09 -30.20 5.75
CA ARG B 339 22.86 -29.02 5.39
C ARG B 339 22.35 -28.50 4.06
N PHE B 340 22.24 -29.38 3.09
CA PHE B 340 21.75 -29.02 1.76
C PHE B 340 20.30 -28.49 1.89
N GLY B 341 19.45 -29.30 2.53
CA GLY B 341 18.06 -28.96 2.72
C GLY B 341 17.79 -27.58 3.29
N ASP B 342 18.64 -27.16 4.22
CA ASP B 342 18.47 -25.85 4.81
C ASP B 342 16.99 -25.54 5.14
N VAL B 343 16.31 -26.51 5.74
CA VAL B 343 14.88 -26.41 6.08
C VAL B 343 14.35 -25.10 6.70
N ILE B 344 15.01 -24.55 7.72
CA ILE B 344 14.59 -23.25 8.29
C ILE B 344 15.78 -22.31 8.04
N PRO B 345 15.96 -21.84 6.79
CA PRO B 345 17.06 -20.95 6.38
C PRO B 345 17.40 -19.73 7.23
N MET B 346 16.40 -19.12 7.85
CA MET B 346 16.68 -17.97 8.65
C MET B 346 16.30 -18.23 10.12
N SER B 347 16.23 -19.50 10.50
CA SER B 347 15.87 -19.90 11.88
C SER B 347 14.60 -19.19 12.30
N LEU B 348 14.37 -19.12 13.62
CA LEU B 348 13.24 -18.39 14.19
C LEU B 348 13.91 -17.17 14.81
N ALA B 349 13.42 -15.98 14.48
CA ALA B 349 14.00 -14.75 14.98
C ALA B 349 14.24 -14.70 16.48
N ARG B 350 15.35 -14.08 16.83
CA ARG B 350 15.73 -13.88 18.23
C ARG B 350 15.61 -12.38 18.44
N ARG B 351 15.94 -11.93 19.65
CA ARG B 351 15.96 -10.51 19.95
C ARG B 351 16.85 -10.33 21.18
N VAL B 352 17.50 -9.19 21.29
CA VAL B 352 18.36 -8.95 22.45
C VAL B 352 17.56 -8.63 23.71
N LYS B 353 17.99 -9.24 24.80
CA LYS B 353 17.35 -9.06 26.09
C LYS B 353 17.57 -7.65 26.66
N LYS B 354 18.76 -7.09 26.44
CA LYS B 354 19.11 -5.75 26.95
C LYS B 354 19.99 -5.05 25.92
N ASP B 355 20.30 -3.77 26.15
CA ASP B 355 21.17 -3.05 25.22
C ASP B 355 22.39 -3.95 25.08
N THR B 356 22.91 -4.07 23.86
CA THR B 356 24.05 -4.95 23.65
C THR B 356 25.14 -4.47 22.70
N LYS B 357 26.38 -4.68 23.10
CA LYS B 357 27.53 -4.33 22.29
C LYS B 357 27.89 -5.60 21.56
N PHE B 358 27.94 -5.56 20.24
CA PHE B 358 28.30 -6.74 19.49
C PHE B 358 29.31 -6.35 18.44
N ARG B 359 30.50 -6.93 18.55
CA ARG B 359 31.60 -6.67 17.65
C ARG B 359 31.64 -5.24 17.08
N ASP B 360 31.68 -4.25 17.98
CA ASP B 360 31.74 -2.83 17.60
C ASP B 360 30.42 -2.18 17.19
N PHE B 361 29.31 -2.88 17.37
CA PHE B 361 28.01 -2.32 17.04
C PHE B 361 27.19 -2.25 18.31
N PHE B 362 26.15 -1.43 18.28
CA PHE B 362 25.27 -1.32 19.42
C PHE B 362 23.91 -1.84 18.98
N LEU B 363 23.32 -2.69 19.83
CA LEU B 363 22.01 -3.26 19.56
C LEU B 363 21.11 -2.96 20.75
N PRO B 364 20.21 -1.98 20.62
CA PRO B 364 19.33 -1.66 21.74
C PRO B 364 18.36 -2.77 22.15
N LYS B 365 18.03 -2.78 23.44
CA LYS B 365 17.12 -3.75 24.02
C LYS B 365 15.93 -3.90 23.08
N GLY B 366 15.50 -5.14 22.85
CA GLY B 366 14.35 -5.37 21.99
C GLY B 366 14.62 -5.60 20.50
N THR B 367 15.82 -5.24 20.04
CA THR B 367 16.20 -5.42 18.62
C THR B 367 16.08 -6.89 18.15
N GLU B 368 15.34 -7.11 17.07
CA GLU B 368 15.16 -8.44 16.50
C GLU B 368 16.41 -8.88 15.77
N VAL B 369 16.66 -10.18 15.77
CA VAL B 369 17.84 -10.73 15.12
C VAL B 369 17.51 -11.91 14.21
N TYR B 370 18.02 -11.83 12.98
CA TYR B 370 17.84 -12.87 11.98
C TYR B 370 19.11 -13.66 11.80
N PRO B 371 19.21 -14.83 12.47
CA PRO B 371 20.42 -15.64 12.33
C PRO B 371 20.24 -16.43 11.05
N MET B 372 21.02 -16.08 10.04
CA MET B 372 20.92 -16.74 8.75
C MET B 372 21.58 -18.12 8.75
N LEU B 373 20.93 -19.10 9.39
CA LEU B 373 21.43 -20.46 9.46
C LEU B 373 21.84 -20.91 8.07
N GLY B 374 21.01 -20.62 7.08
CA GLY B 374 21.34 -21.00 5.72
C GLY B 374 22.74 -20.55 5.30
N SER B 375 23.16 -19.35 5.72
CA SER B 375 24.50 -18.90 5.32
C SER B 375 25.56 -19.64 6.12
N VAL B 376 25.16 -20.21 7.25
CA VAL B 376 26.12 -20.96 8.04
C VAL B 376 26.29 -22.35 7.47
N LEU B 377 25.19 -22.91 6.95
CA LEU B 377 25.21 -24.24 6.36
C LEU B 377 25.93 -24.23 5.01
N ARG B 378 26.07 -23.05 4.41
CA ARG B 378 26.77 -22.98 3.12
C ARG B 378 28.04 -22.14 3.24
N ASP B 379 28.50 -21.95 4.46
CA ASP B 379 29.67 -21.13 4.70
C ASP B 379 30.86 -21.77 3.97
N PRO B 380 31.35 -21.11 2.91
CA PRO B 380 32.48 -21.56 2.07
C PRO B 380 33.81 -21.77 2.79
N SER B 381 33.81 -21.62 4.11
CA SER B 381 35.02 -21.82 4.88
C SER B 381 34.94 -23.10 5.67
N PHE B 382 33.73 -23.65 5.77
CA PHE B 382 33.54 -24.89 6.51
C PHE B 382 33.17 -26.04 5.59
N PHE B 383 32.79 -25.71 4.36
CA PHE B 383 32.44 -26.73 3.38
C PHE B 383 33.12 -26.38 2.07
N SER B 384 33.74 -27.39 1.45
CA SER B 384 34.47 -27.23 0.20
C SER B 384 33.58 -26.86 -0.99
N ASN B 385 32.44 -27.51 -1.12
CA ASN B 385 31.51 -27.24 -2.21
C ASN B 385 30.11 -27.05 -1.62
N PRO B 386 29.89 -25.91 -0.94
CA PRO B 386 28.61 -25.59 -0.30
C PRO B 386 27.35 -25.74 -1.15
N GLN B 387 27.45 -25.39 -2.43
CA GLN B 387 26.30 -25.50 -3.32
C GLN B 387 26.06 -26.93 -3.78
N ASP B 388 27.06 -27.78 -3.58
CA ASP B 388 26.97 -29.19 -3.98
C ASP B 388 26.46 -30.14 -2.88
N PHE B 389 25.76 -31.19 -3.28
CA PHE B 389 25.30 -32.17 -2.32
C PHE B 389 26.42 -33.20 -2.30
N ASN B 390 27.24 -33.18 -1.25
CA ASN B 390 28.37 -34.08 -1.14
C ASN B 390 28.55 -34.56 0.29
N PRO B 391 28.26 -35.84 0.56
CA PRO B 391 28.40 -36.41 1.91
C PRO B 391 29.83 -36.30 2.45
N GLN B 392 30.81 -36.17 1.56
CA GLN B 392 32.21 -36.05 1.99
C GLN B 392 32.40 -34.86 2.93
N HIS B 393 31.49 -33.90 2.87
CA HIS B 393 31.53 -32.73 3.72
C HIS B 393 31.56 -33.11 5.20
N PHE B 394 31.10 -34.33 5.50
CA PHE B 394 31.05 -34.82 6.87
C PHE B 394 31.81 -36.12 7.04
N LEU B 395 32.81 -36.34 6.19
CA LEU B 395 33.63 -37.55 6.26
C LEU B 395 35.11 -37.22 6.30
N ASN B 396 35.85 -38.10 6.96
CA ASN B 396 37.31 -37.99 7.09
C ASN B 396 37.89 -38.62 5.82
N GLU B 397 39.19 -38.48 5.59
CA GLU B 397 39.78 -39.11 4.41
C GLU B 397 39.69 -40.61 4.68
N LYS B 398 39.72 -40.95 5.95
CA LYS B 398 39.66 -42.34 6.38
C LYS B 398 38.22 -42.85 6.36
N GLY B 399 37.30 -41.99 5.93
CA GLY B 399 35.88 -42.34 5.83
C GLY B 399 35.11 -42.38 7.14
N GLN B 400 35.60 -41.66 8.14
CA GLN B 400 34.93 -41.65 9.45
C GLN B 400 34.11 -40.38 9.52
N PHE B 401 33.06 -40.38 10.34
CA PHE B 401 32.22 -39.19 10.45
C PHE B 401 32.95 -38.02 11.08
N LYS B 402 32.88 -36.88 10.40
CA LYS B 402 33.53 -35.65 10.84
C LYS B 402 32.54 -34.51 11.11
N LYS B 403 32.42 -34.14 12.39
CA LYS B 403 31.54 -33.08 12.84
C LYS B 403 31.97 -31.75 12.27
N SER B 404 31.06 -30.79 12.31
CA SER B 404 31.33 -29.43 11.83
C SER B 404 30.63 -28.38 12.70
N ASP B 405 31.31 -27.26 12.91
CA ASP B 405 30.75 -26.19 13.73
C ASP B 405 29.78 -25.37 12.91
N ALA B 406 29.73 -25.68 11.63
CA ALA B 406 28.86 -24.97 10.74
C ALA B 406 27.55 -25.74 10.53
N PHE B 407 27.43 -26.90 11.17
CA PHE B 407 26.23 -27.71 11.06
C PHE B 407 25.27 -27.20 12.10
N VAL B 408 24.43 -26.26 11.72
CA VAL B 408 23.49 -25.66 12.66
C VAL B 408 21.99 -25.67 12.26
N PRO B 409 21.52 -26.73 11.60
CA PRO B 409 20.12 -26.77 11.19
C PRO B 409 19.12 -26.60 12.31
N PHE B 410 19.53 -26.95 13.55
CA PHE B 410 18.65 -26.80 14.70
C PHE B 410 18.98 -25.51 15.44
N SER B 411 19.75 -24.65 14.79
CA SER B 411 20.21 -23.38 15.36
C SER B 411 21.15 -23.75 16.54
N ILE B 412 21.50 -22.76 17.37
CA ILE B 412 22.39 -22.95 18.53
C ILE B 412 22.11 -21.87 19.57
N GLY B 413 22.46 -22.14 20.83
CA GLY B 413 22.23 -21.14 21.84
C GLY B 413 21.11 -21.47 22.81
N LYS B 414 20.75 -20.51 23.64
CA LYS B 414 19.74 -20.67 24.66
C LYS B 414 18.32 -21.04 24.20
N ARG B 415 17.94 -20.65 23.00
CA ARG B 415 16.59 -20.93 22.52
C ARG B 415 16.62 -21.87 21.32
N ASN B 416 17.68 -22.67 21.24
CA ASN B 416 17.87 -23.63 20.17
C ASN B 416 16.78 -24.71 20.25
N CYS B 417 16.70 -25.50 19.20
CA CYS B 417 15.68 -26.53 19.11
C CYS B 417 15.80 -27.69 20.10
N PHE B 418 14.91 -27.76 21.09
CA PHE B 418 14.98 -28.88 22.03
C PHE B 418 14.25 -30.11 21.50
N GLY B 419 13.88 -30.05 20.21
CA GLY B 419 13.21 -31.18 19.59
C GLY B 419 14.26 -31.94 18.79
N GLU B 420 15.47 -31.37 18.76
CA GLU B 420 16.58 -31.93 18.00
C GLU B 420 16.86 -33.41 18.26
N GLY B 421 16.71 -33.85 19.50
CA GLY B 421 16.98 -35.24 19.83
C GLY B 421 15.98 -36.15 19.15
N LEU B 422 14.71 -35.82 19.31
CA LEU B 422 13.66 -36.61 18.67
C LEU B 422 13.81 -36.60 17.15
N ALA B 423 14.15 -35.45 16.58
CA ALA B 423 14.28 -35.35 15.12
C ALA B 423 15.41 -36.22 14.55
N ARG B 424 16.56 -36.16 15.19
CA ARG B 424 17.73 -36.92 14.73
C ARG B 424 17.42 -38.41 14.71
N MET B 425 16.73 -38.88 15.75
CA MET B 425 16.37 -40.29 15.84
C MET B 425 15.37 -40.64 14.72
N GLU B 426 14.42 -39.75 14.47
CA GLU B 426 13.41 -39.98 13.44
C GLU B 426 14.09 -40.03 12.09
N LEU B 427 14.93 -39.03 11.85
CA LEU B 427 15.66 -38.96 10.60
C LEU B 427 16.48 -40.21 10.36
N PHE B 428 17.23 -40.64 11.38
CA PHE B 428 18.05 -41.82 11.21
C PHE B 428 17.23 -43.10 11.10
N LEU B 429 16.24 -43.30 11.96
CA LEU B 429 15.46 -44.52 11.85
C LEU B 429 14.61 -44.55 10.56
N PHE B 430 13.93 -43.46 10.21
CA PHE B 430 13.13 -43.45 8.98
C PHE B 430 13.97 -43.56 7.71
N PHE B 431 15.04 -42.77 7.59
CA PHE B 431 15.88 -42.86 6.39
C PHE B 431 16.47 -44.26 6.21
N THR B 432 17.09 -44.81 7.25
CA THR B 432 17.71 -46.12 7.12
C THR B 432 16.72 -47.28 6.92
N THR B 433 15.61 -47.26 7.63
CA THR B 433 14.62 -48.33 7.46
C THR B 433 14.05 -48.35 6.02
N VAL B 434 13.76 -47.19 5.46
CA VAL B 434 13.22 -47.15 4.11
C VAL B 434 14.28 -47.65 3.12
N MET B 435 15.52 -47.17 3.30
CA MET B 435 16.62 -47.54 2.40
C MET B 435 17.04 -48.99 2.55
N GLN B 436 16.65 -49.62 3.66
CA GLN B 436 16.96 -51.02 3.92
C GLN B 436 16.05 -51.90 3.09
N ASN B 437 14.79 -51.52 3.01
CA ASN B 437 13.79 -52.27 2.28
C ASN B 437 13.60 -51.87 0.82
N PHE B 438 14.04 -50.67 0.44
CA PHE B 438 13.82 -50.22 -0.95
C PHE B 438 14.95 -49.52 -1.66
N ARG B 439 14.89 -49.56 -2.97
CA ARG B 439 15.82 -48.85 -3.84
C ARG B 439 14.90 -47.82 -4.51
N LEU B 440 15.32 -46.57 -4.51
CA LEU B 440 14.51 -45.51 -5.05
C LEU B 440 14.65 -45.34 -6.57
N LYS B 441 13.51 -45.22 -7.24
CA LYS B 441 13.47 -45.04 -8.69
C LYS B 441 12.61 -43.80 -9.00
N SER B 442 13.14 -42.89 -9.79
CA SER B 442 12.40 -41.67 -10.13
C SER B 442 12.01 -41.63 -11.60
N SER B 443 10.90 -40.95 -11.87
CA SER B 443 10.36 -40.80 -13.21
C SER B 443 11.40 -40.31 -14.21
N GLN B 444 12.27 -39.41 -13.76
CA GLN B 444 13.30 -38.84 -14.62
C GLN B 444 14.72 -39.26 -14.29
N SER B 445 15.63 -39.02 -15.23
CA SER B 445 17.03 -39.36 -15.06
C SER B 445 17.70 -38.34 -14.14
N PRO B 446 18.62 -38.81 -13.29
CA PRO B 446 19.37 -38.00 -12.33
C PRO B 446 19.71 -36.58 -12.80
N LYS B 447 20.45 -36.49 -13.89
CA LYS B 447 20.86 -35.20 -14.44
C LYS B 447 19.70 -34.23 -14.73
N ASP B 448 18.46 -34.71 -14.68
CA ASP B 448 17.33 -33.85 -14.96
C ASP B 448 16.54 -33.50 -13.72
N ILE B 449 16.93 -34.11 -12.60
CA ILE B 449 16.25 -33.85 -11.33
C ILE B 449 16.71 -32.49 -10.78
N ASP B 450 15.74 -31.63 -10.48
CA ASP B 450 16.01 -30.29 -9.97
C ASP B 450 15.93 -30.25 -8.44
N VAL B 451 17.07 -30.12 -7.78
CA VAL B 451 17.08 -30.09 -6.31
C VAL B 451 17.06 -28.68 -5.71
N SER B 452 16.83 -27.67 -6.54
CA SER B 452 16.75 -26.30 -6.07
C SER B 452 15.39 -26.14 -5.40
N PRO B 453 15.30 -25.32 -4.35
CA PRO B 453 14.00 -25.16 -3.67
C PRO B 453 12.93 -24.57 -4.59
N LYS B 454 11.66 -24.85 -4.29
CA LYS B 454 10.57 -24.26 -5.04
C LYS B 454 10.22 -22.95 -4.30
N HIS B 455 10.15 -23.01 -2.97
CA HIS B 455 9.86 -21.85 -2.13
C HIS B 455 10.90 -21.74 -1.02
N VAL B 456 11.31 -20.51 -0.70
CA VAL B 456 12.26 -20.23 0.37
C VAL B 456 11.79 -18.99 1.11
N GLY B 457 11.50 -19.14 2.39
CA GLY B 457 11.06 -17.99 3.18
C GLY B 457 11.29 -18.39 4.62
N PHE B 458 10.22 -18.55 5.37
CA PHE B 458 10.37 -19.00 6.74
C PHE B 458 10.99 -20.40 6.63
N ALA B 459 10.64 -21.12 5.56
CA ALA B 459 11.16 -22.46 5.35
C ALA B 459 11.67 -22.68 3.93
N THR B 460 12.34 -23.81 3.72
CA THR B 460 12.85 -24.19 2.39
C THR B 460 11.97 -25.39 2.02
N ILE B 461 11.16 -25.22 0.98
CA ILE B 461 10.24 -26.26 0.52
C ILE B 461 10.81 -26.83 -0.78
N PRO B 462 11.02 -28.14 -0.86
CA PRO B 462 11.56 -28.74 -2.08
C PRO B 462 10.43 -28.84 -3.11
N ARG B 463 10.80 -29.03 -4.38
CA ARG B 463 9.82 -29.13 -5.46
C ARG B 463 8.97 -30.40 -5.39
N ASN B 464 7.74 -30.28 -5.88
CA ASN B 464 6.83 -31.42 -5.93
C ASN B 464 7.49 -32.42 -6.86
N TYR B 465 7.41 -33.70 -6.52
CA TYR B 465 7.98 -34.76 -7.35
C TYR B 465 7.28 -36.08 -7.04
N THR B 466 7.53 -37.06 -7.90
CA THR B 466 6.97 -38.39 -7.73
C THR B 466 8.12 -39.36 -7.85
N MET B 467 7.97 -40.55 -7.27
CA MET B 467 9.05 -41.54 -7.32
C MET B 467 8.49 -42.92 -7.03
N SER B 468 9.25 -43.95 -7.37
CA SER B 468 8.85 -45.34 -7.13
C SER B 468 9.77 -46.06 -6.13
N PHE B 469 9.18 -46.68 -5.12
CA PHE B 469 9.95 -47.43 -4.13
C PHE B 469 9.97 -48.90 -4.55
N LEU B 470 11.11 -49.33 -5.09
CA LEU B 470 11.25 -50.71 -5.54
C LEU B 470 12.02 -51.59 -4.55
N PRO B 471 11.57 -52.85 -4.37
CA PRO B 471 12.24 -53.76 -3.44
C PRO B 471 13.69 -54.05 -3.84
N ARG B 472 14.56 -54.19 -2.83
CA ARG B 472 15.96 -54.53 -3.04
C ARG B 472 15.85 -55.94 -3.58
N HIS B 473 14.79 -56.58 -3.06
CA HIS B 473 14.35 -57.93 -3.34
C HIS B 473 13.85 -58.41 -1.98
N GLY C 9 -26.12 -10.11 17.93
CA GLY C 9 -26.72 -8.83 18.40
C GLY C 9 -26.15 -8.50 19.77
N LYS C 10 -25.27 -9.36 20.24
CA LYS C 10 -24.67 -9.19 21.53
C LYS C 10 -24.03 -7.80 21.66
N LEU C 11 -23.15 -7.42 20.72
CA LEU C 11 -22.51 -6.10 20.80
C LEU C 11 -23.50 -4.95 20.52
N PRO C 12 -23.26 -3.77 21.11
CA PRO C 12 -24.17 -2.64 20.85
C PRO C 12 -24.18 -2.37 19.35
N PRO C 13 -25.31 -1.91 18.79
CA PRO C 13 -25.41 -1.63 17.35
C PRO C 13 -24.48 -0.47 16.98
N GLY C 14 -24.21 -0.33 15.68
CA GLY C 14 -23.37 0.75 15.21
C GLY C 14 -23.24 0.74 13.69
N PRO C 15 -22.67 1.78 13.08
CA PRO C 15 -22.52 1.78 11.62
C PRO C 15 -21.57 0.65 11.25
N THR C 16 -21.83 0.04 10.10
CA THR C 16 -21.04 -1.07 9.59
C THR C 16 -19.64 -0.52 9.22
N PRO C 17 -18.59 -1.13 9.74
CA PRO C 17 -17.22 -0.71 9.47
C PRO C 17 -16.69 -1.44 8.24
N LEU C 18 -15.53 -0.99 7.77
CA LEU C 18 -14.85 -1.58 6.63
C LEU C 18 -13.54 -2.16 7.18
N PRO C 19 -13.00 -3.21 6.53
CA PRO C 19 -11.73 -3.77 7.04
C PRO C 19 -10.63 -2.71 7.25
N PHE C 20 -9.92 -2.82 8.37
CA PHE C 20 -8.85 -1.90 8.74
C PHE C 20 -9.21 -0.45 9.03
N ILE C 21 -9.88 0.24 8.11
CA ILE C 21 -10.19 1.64 8.39
C ILE C 21 -11.41 1.74 9.35
N GLY C 22 -12.08 0.63 9.61
CA GLY C 22 -13.23 0.69 10.54
C GLY C 22 -14.29 1.68 10.11
N ASN C 23 -14.70 2.54 11.04
CA ASN C 23 -15.75 3.52 10.75
C ASN C 23 -15.19 4.86 10.35
N TYR C 24 -13.98 4.82 9.79
CA TYR C 24 -13.34 6.03 9.31
C TYR C 24 -14.29 6.91 8.47
N LEU C 25 -15.07 6.28 7.61
CA LEU C 25 -15.98 7.05 6.74
C LEU C 25 -17.13 7.79 7.47
N GLN C 26 -17.44 7.41 8.70
CA GLN C 26 -18.54 8.10 9.40
C GLN C 26 -17.97 9.05 10.43
N LEU C 27 -16.66 9.11 10.52
CA LEU C 27 -16.05 9.98 11.51
C LEU C 27 -15.22 11.16 10.96
N ASN C 28 -15.34 12.31 11.61
CA ASN C 28 -14.55 13.48 11.25
C ASN C 28 -13.51 13.60 12.38
N THR C 29 -12.25 13.28 12.11
CA THR C 29 -11.23 13.34 13.14
C THR C 29 -11.00 14.71 13.72
N GLU C 30 -11.41 15.76 13.02
CA GLU C 30 -11.23 17.08 13.59
C GLU C 30 -12.29 17.33 14.66
N GLN C 31 -13.40 16.62 14.57
CA GLN C 31 -14.48 16.75 15.57
C GLN C 31 -14.95 15.34 15.93
N MET C 32 -14.16 14.65 16.74
CA MET C 32 -14.54 13.29 17.14
C MET C 32 -15.80 13.32 18.01
N TYR C 33 -15.84 14.23 18.99
CA TYR C 33 -17.01 14.32 19.85
C TYR C 33 -18.26 14.54 19.01
N ASN C 34 -18.28 15.56 18.15
CA ASN C 34 -19.46 15.79 17.32
C ASN C 34 -19.77 14.60 16.45
N SER C 35 -18.75 13.95 15.91
CA SER C 35 -18.99 12.78 15.05
C SER C 35 -19.73 11.66 15.83
N LEU C 36 -19.17 11.33 16.99
CA LEU C 36 -19.74 10.28 17.82
C LEU C 36 -21.16 10.64 18.31
N MET C 37 -21.41 11.89 18.66
CA MET C 37 -22.73 12.27 19.13
C MET C 37 -23.65 12.17 17.94
N LYS C 38 -23.14 12.41 16.73
CA LYS C 38 -24.01 12.31 15.57
C LYS C 38 -24.45 10.88 15.29
N ILE C 39 -23.57 9.91 15.48
CA ILE C 39 -24.07 8.56 15.21
C ILE C 39 -24.90 8.07 16.43
N SER C 40 -24.67 8.67 17.60
CA SER C 40 -25.46 8.34 18.79
C SER C 40 -26.92 8.73 18.53
N GLU C 41 -27.11 9.89 17.92
CA GLU C 41 -28.46 10.39 17.58
C GLU C 41 -29.13 9.35 16.72
N ARG C 42 -28.34 8.59 15.97
CA ARG C 42 -28.92 7.61 15.09
C ARG C 42 -29.06 6.19 15.64
N TYR C 43 -28.14 5.76 16.50
CA TYR C 43 -28.14 4.39 17.02
C TYR C 43 -28.52 4.21 18.48
N GLY C 44 -28.39 5.26 19.29
CA GLY C 44 -28.71 5.14 20.69
C GLY C 44 -27.53 5.57 21.54
N PRO C 45 -27.72 5.71 22.86
CA PRO C 45 -26.66 6.13 23.79
C PRO C 45 -25.53 5.13 23.95
N VAL C 46 -25.76 3.90 23.51
CA VAL C 46 -24.71 2.91 23.67
C VAL C 46 -24.54 2.28 22.31
N PHE C 47 -23.32 2.40 21.76
CA PHE C 47 -23.07 1.88 20.44
C PHE C 47 -21.59 1.53 20.24
N THR C 48 -21.36 0.68 19.25
CA THR C 48 -20.04 0.20 18.91
C THR C 48 -19.47 1.02 17.74
N ILE C 49 -18.22 1.43 17.86
CA ILE C 49 -17.58 2.19 16.76
C ILE C 49 -16.20 1.54 16.53
N HIS C 50 -15.72 1.60 15.30
CA HIS C 50 -14.42 1.04 15.01
C HIS C 50 -13.47 2.18 14.63
N LEU C 51 -12.57 2.51 15.54
CA LEU C 51 -11.58 3.58 15.30
C LEU C 51 -10.43 2.86 14.63
N GLY C 52 -10.52 2.73 13.32
CA GLY C 52 -9.52 1.94 12.64
C GLY C 52 -9.85 0.52 13.06
N PRO C 53 -8.86 -0.29 13.42
CA PRO C 53 -9.07 -1.67 13.86
C PRO C 53 -9.37 -1.77 15.38
N ARG C 54 -9.45 -0.63 16.02
CA ARG C 54 -9.69 -0.57 17.45
C ARG C 54 -11.21 -0.52 17.68
N ARG C 55 -11.80 -1.62 18.13
CA ARG C 55 -13.25 -1.69 18.40
C ARG C 55 -13.56 -1.03 19.74
N VAL C 56 -14.53 -0.12 19.73
CA VAL C 56 -14.86 0.61 20.95
C VAL C 56 -16.36 0.72 21.22
N VAL C 57 -16.74 0.61 22.49
CA VAL C 57 -18.14 0.77 22.85
C VAL C 57 -18.21 2.16 23.43
N VAL C 58 -19.05 2.97 22.83
CA VAL C 58 -19.20 4.35 23.24
C VAL C 58 -20.44 4.57 24.15
N LEU C 59 -20.24 5.26 25.27
CA LEU C 59 -21.31 5.56 26.22
C LEU C 59 -21.65 7.05 26.23
N CYS C 60 -22.91 7.36 25.90
CA CYS C 60 -23.35 8.75 25.83
C CYS C 60 -24.45 9.01 26.85
N GLY C 61 -24.50 10.22 27.38
CA GLY C 61 -25.52 10.56 28.34
C GLY C 61 -25.23 10.10 29.76
N HIS C 62 -25.74 10.85 30.72
CA HIS C 62 -25.56 10.52 32.12
C HIS C 62 -25.93 9.08 32.44
N ASP C 63 -27.09 8.66 31.96
CA ASP C 63 -27.55 7.32 32.28
C ASP C 63 -26.62 6.17 31.85
N ALA C 64 -26.22 6.16 30.58
CA ALA C 64 -25.32 5.10 30.13
C ALA C 64 -23.97 5.15 30.85
N VAL C 65 -23.41 6.35 31.05
CA VAL C 65 -22.10 6.46 31.71
C VAL C 65 -22.17 6.01 33.16
N ARG C 66 -23.12 6.56 33.92
CA ARG C 66 -23.25 6.19 35.34
C ARG C 66 -23.58 4.70 35.49
N GLU C 67 -24.51 4.17 34.69
CA GLU C 67 -24.83 2.74 34.81
C GLU C 67 -23.59 1.85 34.61
N ALA C 68 -22.75 2.21 33.65
CA ALA C 68 -21.57 1.40 33.43
C ALA C 68 -20.47 1.64 34.46
N LEU C 69 -19.95 2.85 34.50
CA LEU C 69 -18.85 3.18 35.42
C LEU C 69 -19.15 3.15 36.91
N VAL C 70 -20.41 3.25 37.30
CA VAL C 70 -20.72 3.23 38.72
C VAL C 70 -21.53 2.01 39.13
N ASP C 71 -22.62 1.73 38.42
CA ASP C 71 -23.43 0.58 38.78
C ASP C 71 -22.76 -0.73 38.45
N GLN C 72 -21.77 -0.69 37.55
CA GLN C 72 -21.03 -1.90 37.20
C GLN C 72 -19.56 -1.54 37.23
N ALA C 73 -19.23 -0.75 38.26
CA ALA C 73 -17.87 -0.23 38.46
C ALA C 73 -16.73 -1.19 38.23
N GLU C 74 -16.79 -2.38 38.83
CA GLU C 74 -15.72 -3.37 38.68
C GLU C 74 -15.54 -3.87 37.26
N GLU C 75 -16.67 -4.16 36.60
CA GLU C 75 -16.59 -4.67 35.26
C GLU C 75 -16.08 -3.64 34.23
N PHE C 76 -16.34 -2.35 34.48
CA PHE C 76 -15.87 -1.31 33.58
C PHE C 76 -14.65 -0.56 34.12
N SER C 77 -13.94 -1.21 35.06
CA SER C 77 -12.77 -0.61 35.70
C SER C 77 -11.43 -0.84 34.98
N GLY C 78 -11.44 -1.53 33.85
CA GLY C 78 -10.19 -1.70 33.11
C GLY C 78 -9.77 -0.34 32.53
N ARG C 79 -8.51 -0.20 32.18
CA ARG C 79 -7.99 1.07 31.61
C ARG C 79 -7.72 0.80 30.16
N GLY C 80 -8.36 1.59 29.29
CA GLY C 80 -8.19 1.42 27.86
C GLY C 80 -6.92 2.11 27.33
N GLU C 81 -6.88 2.40 26.04
CA GLU C 81 -5.66 3.02 25.51
C GLU C 81 -5.83 4.45 25.05
N GLN C 82 -4.72 5.19 25.04
CA GLN C 82 -4.66 6.54 24.50
C GLN C 82 -3.31 6.41 23.76
N ALA C 83 -3.39 6.17 22.46
CA ALA C 83 -2.21 5.93 21.62
C ALA C 83 -1.04 6.91 21.77
N THR C 84 -1.32 8.20 21.74
CA THR C 84 -0.25 9.17 21.86
C THR C 84 0.46 9.01 23.19
N PHE C 85 -0.27 8.99 24.28
CA PHE C 85 0.37 8.84 25.57
C PHE C 85 0.98 7.44 25.75
N ASP C 86 0.37 6.41 25.16
CA ASP C 86 0.91 5.06 25.27
C ASP C 86 2.30 4.96 24.66
N TRP C 87 2.56 5.78 23.65
CA TRP C 87 3.86 5.80 22.99
C TRP C 87 4.98 5.90 24.03
N VAL C 88 4.78 6.68 25.07
CA VAL C 88 5.82 6.80 26.08
C VAL C 88 5.59 5.95 27.36
N PHE C 89 4.34 5.82 27.80
CA PHE C 89 4.03 5.09 29.03
C PHE C 89 4.09 3.57 28.95
N LYS C 90 3.68 3.05 27.79
CA LYS C 90 3.67 1.63 27.49
C LYS C 90 3.12 0.74 28.61
N GLY C 91 2.02 1.17 29.24
CA GLY C 91 1.43 0.35 30.28
C GLY C 91 2.01 0.51 31.67
N TYR C 92 3.02 1.36 31.81
CA TYR C 92 3.61 1.61 33.14
C TYR C 92 3.10 2.94 33.68
N GLY C 93 3.21 3.15 34.99
CA GLY C 93 2.74 4.39 35.58
C GLY C 93 1.34 4.20 36.10
N VAL C 94 0.93 4.98 37.10
CA VAL C 94 -0.40 4.79 37.66
C VAL C 94 -1.57 4.97 36.67
N VAL C 95 -1.42 5.89 35.71
CA VAL C 95 -2.52 6.16 34.79
C VAL C 95 -2.87 5.13 33.74
N PHE C 96 -1.91 4.68 32.95
CA PHE C 96 -2.25 3.69 31.93
C PHE C 96 -2.01 2.23 32.30
N SER C 97 -1.71 1.97 33.56
CA SER C 97 -1.46 0.60 33.99
C SER C 97 -2.78 -0.11 34.33
N ASN C 98 -2.70 -1.43 34.42
CA ASN C 98 -3.88 -2.22 34.75
C ASN C 98 -3.58 -3.22 35.86
N GLY C 99 -4.61 -4.01 36.17
CA GLY C 99 -4.53 -5.04 37.20
C GLY C 99 -3.75 -4.70 38.44
N GLU C 100 -2.93 -5.65 38.87
CA GLU C 100 -2.11 -5.48 40.07
C GLU C 100 -1.30 -4.18 40.09
N ARG C 101 -0.62 -3.90 38.98
CA ARG C 101 0.21 -2.70 38.88
C ARG C 101 -0.57 -1.40 39.18
N ALA C 102 -1.73 -1.27 38.55
CA ALA C 102 -2.58 -0.11 38.78
C ALA C 102 -3.02 -0.05 40.25
N LYS C 103 -3.56 -1.17 40.74
CA LYS C 103 -4.04 -1.25 42.11
C LYS C 103 -2.96 -0.81 43.07
N GLN C 104 -1.77 -1.32 42.85
CA GLN C 104 -0.63 -1.02 43.69
C GLN C 104 -0.14 0.44 43.58
N LEU C 105 0.05 0.93 42.35
CA LEU C 105 0.51 2.30 42.15
C LEU C 105 -0.57 3.32 42.57
N ARG C 106 -1.83 3.03 42.27
CA ARG C 106 -2.89 3.94 42.65
C ARG C 106 -3.02 4.08 44.18
N ARG C 107 -2.99 2.96 44.89
CA ARG C 107 -3.10 2.99 46.36
C ARG C 107 -1.99 3.86 46.94
N PHE C 108 -0.76 3.60 46.48
CA PHE C 108 0.40 4.34 46.94
C PHE C 108 0.38 5.84 46.61
N SER C 109 -0.06 6.18 45.41
CA SER C 109 -0.08 7.59 45.01
C SER C 109 -1.03 8.36 45.92
N ILE C 110 -2.27 7.88 46.01
CA ILE C 110 -3.26 8.53 46.86
C ILE C 110 -2.71 8.75 48.28
N ALA C 111 -2.05 7.75 48.84
CA ALA C 111 -1.52 7.88 50.18
C ALA C 111 -0.37 8.89 50.28
N THR C 112 0.58 8.80 49.35
CA THR C 112 1.73 9.71 49.35
C THR C 112 1.30 11.16 49.11
N LEU C 113 0.26 11.35 48.31
CA LEU C 113 -0.22 12.71 48.04
C LEU C 113 -0.61 13.32 49.37
N ARG C 114 -1.42 12.61 50.14
CA ARG C 114 -1.85 13.07 51.47
C ARG C 114 -0.67 13.30 52.42
N ASP C 115 0.32 12.40 52.41
CA ASP C 115 1.49 12.57 53.27
C ASP C 115 2.07 13.96 53.07
N PHE C 116 2.14 14.40 51.82
CA PHE C 116 2.72 15.69 51.49
C PHE C 116 1.81 16.89 51.56
N GLY C 117 0.61 16.70 52.10
CA GLY C 117 -0.27 17.84 52.26
C GLY C 117 -1.59 17.91 51.52
N VAL C 118 -1.75 17.16 50.43
CA VAL C 118 -3.00 17.22 49.69
C VAL C 118 -4.18 16.92 50.59
N GLY C 119 -5.13 17.84 50.61
CA GLY C 119 -6.32 17.69 51.43
C GLY C 119 -6.07 18.17 52.84
N LYS C 120 -4.90 18.77 53.05
CA LYS C 120 -4.50 19.27 54.36
C LYS C 120 -3.95 20.70 54.30
N ARG C 121 -3.88 21.34 55.45
CA ARG C 121 -3.40 22.72 55.55
C ARG C 121 -2.06 22.85 54.84
N GLY C 122 -1.30 21.76 54.84
CA GLY C 122 0.00 21.77 54.19
C GLY C 122 -0.09 22.26 52.76
N ILE C 123 -0.98 21.67 51.97
CA ILE C 123 -1.10 22.08 50.58
C ILE C 123 -1.86 23.39 50.39
N GLU C 124 -2.79 23.70 51.29
CA GLU C 124 -3.52 24.96 51.17
C GLU C 124 -2.53 26.11 51.24
N GLU C 125 -1.55 26.00 52.14
CA GLU C 125 -0.53 27.01 52.30
C GLU C 125 0.34 27.15 51.05
N ARG C 126 0.71 26.00 50.48
CA ARG C 126 1.52 25.98 49.27
C ARG C 126 0.79 26.71 48.15
N ILE C 127 -0.50 26.41 47.99
CA ILE C 127 -1.30 27.04 46.95
C ILE C 127 -1.47 28.55 47.22
N GLN C 128 -1.86 28.91 48.44
CA GLN C 128 -2.04 30.33 48.78
C GLN C 128 -0.76 31.07 48.47
N GLU C 129 0.38 30.49 48.86
CA GLU C 129 1.63 31.17 48.59
C GLU C 129 1.85 31.33 47.09
N GLU C 130 1.70 30.23 46.35
CA GLU C 130 1.90 30.26 44.90
C GLU C 130 0.91 31.24 44.28
N ALA C 131 -0.32 31.27 44.79
CA ALA C 131 -1.32 32.20 44.26
C ALA C 131 -0.75 33.59 44.53
N GLY C 132 0.05 33.69 45.58
CA GLY C 132 0.67 34.96 45.94
C GLY C 132 1.63 35.40 44.86
N PHE C 133 2.48 34.49 44.41
CA PHE C 133 3.45 34.81 43.39
C PHE C 133 2.72 35.13 42.08
N LEU C 134 1.57 34.50 41.88
CA LEU C 134 0.78 34.74 40.68
C LEU C 134 0.28 36.19 40.68
N ILE C 135 -0.26 36.62 41.82
CA ILE C 135 -0.77 37.98 41.93
C ILE C 135 0.42 38.91 41.68
N ASP C 136 1.57 38.59 42.29
CA ASP C 136 2.76 39.43 42.09
C ASP C 136 3.13 39.54 40.60
N ALA C 137 3.04 38.43 39.88
CA ALA C 137 3.39 38.44 38.47
C ALA C 137 2.37 39.19 37.59
N LEU C 138 1.09 39.08 37.94
CA LEU C 138 0.07 39.77 37.16
C LEU C 138 0.17 41.27 37.41
N ARG C 139 0.36 41.60 38.69
CA ARG C 139 0.49 42.97 39.13
C ARG C 139 1.72 43.61 38.47
N GLY C 140 2.65 42.79 38.01
CA GLY C 140 3.84 43.31 37.37
C GLY C 140 3.74 43.54 35.88
N THR C 141 2.56 43.33 35.31
CA THR C 141 2.37 43.54 33.87
C THR C 141 1.92 44.98 33.60
N GLY C 142 1.47 45.65 34.66
CA GLY C 142 1.01 47.02 34.51
C GLY C 142 -0.30 47.07 33.76
N GLY C 143 -1.11 46.01 33.89
CA GLY C 143 -2.39 45.98 33.20
C GLY C 143 -2.17 45.80 31.71
N ALA C 144 -0.94 45.46 31.35
CA ALA C 144 -0.59 45.23 29.96
C ALA C 144 -1.50 44.14 29.41
N ASN C 145 -1.81 44.22 28.12
CA ASN C 145 -2.64 43.21 27.51
C ASN C 145 -1.73 42.03 27.17
N ILE C 146 -1.97 40.89 27.78
CA ILE C 146 -1.10 39.74 27.55
C ILE C 146 -1.76 38.37 27.42
N ASP C 147 -0.95 37.40 26.99
CA ASP C 147 -1.38 36.02 26.85
C ASP C 147 -1.18 35.43 28.26
N PRO C 148 -2.28 35.08 28.93
CA PRO C 148 -2.31 34.52 30.28
C PRO C 148 -1.77 33.09 30.40
N THR C 149 -1.79 32.38 29.27
CA THR C 149 -1.37 30.98 29.21
C THR C 149 -0.27 30.54 30.17
N PHE C 150 0.93 31.11 30.04
CA PHE C 150 2.02 30.70 30.91
C PHE C 150 2.11 31.32 32.31
N PHE C 151 1.43 32.44 32.55
CA PHE C 151 1.43 33.01 33.89
C PHE C 151 0.65 32.00 34.73
N LEU C 152 -0.40 31.46 34.11
CA LEU C 152 -1.28 30.48 34.74
C LEU C 152 -0.64 29.11 34.95
N SER C 153 -0.15 28.51 33.87
CA SER C 153 0.44 27.19 33.98
C SER C 153 1.68 27.18 34.90
N ARG C 154 2.45 28.26 34.92
CA ARG C 154 3.59 28.28 35.81
C ARG C 154 3.11 28.15 37.25
N THR C 155 2.01 28.83 37.55
CA THR C 155 1.42 28.85 38.89
C THR C 155 0.91 27.48 39.34
N VAL C 156 0.04 26.88 38.50
CA VAL C 156 -0.52 25.58 38.78
C VAL C 156 0.54 24.49 38.89
N SER C 157 1.42 24.43 37.89
CA SER C 157 2.47 23.44 37.82
C SER C 157 3.38 23.46 39.03
N ASN C 158 3.56 24.64 39.63
CA ASN C 158 4.45 24.75 40.77
C ASN C 158 3.83 24.11 42.00
N VAL C 159 2.53 23.84 41.97
CA VAL C 159 1.89 23.20 43.09
C VAL C 159 2.28 21.73 43.07
N ILE C 160 1.78 20.99 42.09
CA ILE C 160 2.12 19.58 41.98
C ILE C 160 3.64 19.35 41.95
N SER C 161 4.40 20.33 41.43
CA SER C 161 5.87 20.22 41.37
C SER C 161 6.52 20.22 42.76
N SER C 162 6.01 21.07 43.65
CA SER C 162 6.57 21.11 44.99
C SER C 162 6.29 19.75 45.63
N ILE C 163 5.16 19.15 45.30
CA ILE C 163 4.80 17.84 45.84
C ILE C 163 5.63 16.68 45.32
N VAL C 164 5.91 16.69 44.02
CA VAL C 164 6.64 15.62 43.36
C VAL C 164 8.16 15.78 43.35
N PHE C 165 8.63 17.01 43.13
CA PHE C 165 10.05 17.28 43.03
C PHE C 165 10.66 17.87 44.29
N GLY C 166 9.83 18.24 45.26
CA GLY C 166 10.37 18.81 46.47
C GLY C 166 10.11 20.30 46.61
N ASP C 167 10.01 21.01 45.49
CA ASP C 167 9.70 22.45 45.54
C ASP C 167 9.47 23.11 44.19
N ARG C 168 9.02 24.35 44.23
CA ARG C 168 8.71 25.12 43.05
C ARG C 168 9.87 25.46 42.12
N PHE C 169 9.51 25.86 40.90
CA PHE C 169 10.44 26.30 39.89
C PHE C 169 10.39 27.82 39.97
N ASP C 170 11.51 28.50 39.71
CA ASP C 170 11.51 29.96 39.74
C ASP C 170 10.79 30.39 38.47
N TYR C 171 9.86 31.35 38.58
CA TYR C 171 9.11 31.81 37.42
C TYR C 171 9.97 32.20 36.23
N LYS C 172 11.25 32.47 36.45
CA LYS C 172 12.10 32.86 35.36
C LYS C 172 13.06 31.77 34.97
N ASP C 173 12.70 30.54 35.30
CA ASP C 173 13.53 29.39 34.94
C ASP C 173 13.21 29.04 33.48
N LYS C 174 14.26 28.94 32.67
CA LYS C 174 14.09 28.63 31.26
C LYS C 174 13.55 27.21 31.06
N GLU C 175 14.20 26.23 31.69
CA GLU C 175 13.78 24.83 31.59
C GLU C 175 12.33 24.61 32.05
N PHE C 176 11.91 25.29 33.11
CA PHE C 176 10.54 25.16 33.59
C PHE C 176 9.59 25.60 32.44
N LEU C 177 9.88 26.74 31.82
CA LEU C 177 9.05 27.22 30.71
C LEU C 177 8.97 26.20 29.57
N SER C 178 10.11 25.62 29.19
CA SER C 178 10.07 24.65 28.11
C SER C 178 9.26 23.40 28.48
N LEU C 179 9.28 22.99 29.75
CA LEU C 179 8.49 21.83 30.13
C LEU C 179 7.03 22.18 29.92
N LEU C 180 6.68 23.40 30.33
CA LEU C 180 5.32 23.88 30.21
C LEU C 180 4.89 23.93 28.76
N ARG C 181 5.81 24.23 27.86
CA ARG C 181 5.52 24.27 26.43
C ARG C 181 5.27 22.85 25.94
N MET C 182 6.06 21.89 26.46
CA MET C 182 5.90 20.47 26.09
C MET C 182 4.49 19.96 26.39
N MET C 183 4.06 20.16 27.63
CA MET C 183 2.74 19.72 28.09
C MET C 183 1.60 20.35 27.29
N LEU C 184 1.71 21.64 27.01
CA LEU C 184 0.70 22.34 26.24
C LEU C 184 0.65 21.78 24.83
N GLY C 185 1.83 21.55 24.25
CA GLY C 185 1.91 21.01 22.89
C GLY C 185 1.32 19.62 22.75
N ILE C 186 1.53 18.80 23.78
CA ILE C 186 1.00 17.44 23.77
C ILE C 186 -0.53 17.46 23.91
N PHE C 187 -1.07 18.33 24.76
CA PHE C 187 -2.53 18.41 24.87
C PHE C 187 -3.16 18.97 23.59
N GLN C 188 -2.48 19.92 22.96
CA GLN C 188 -2.99 20.49 21.72
C GLN C 188 -2.94 19.41 20.64
N PHE C 189 -1.82 18.68 20.55
CA PHE C 189 -1.75 17.65 19.53
C PHE C 189 -2.83 16.56 19.65
N THR C 190 -2.99 15.98 20.83
CA THR C 190 -3.99 14.95 20.99
C THR C 190 -5.42 15.45 20.76
N SER C 191 -5.61 16.77 20.69
CA SER C 191 -6.96 17.33 20.48
C SER C 191 -7.18 17.77 19.05
N THR C 192 -6.18 17.45 18.24
CA THR C 192 -6.11 17.79 16.85
C THR C 192 -6.64 16.67 15.95
N SER C 193 -7.02 17.00 14.72
CA SER C 193 -7.48 15.99 13.76
C SER C 193 -6.38 14.93 13.52
N THR C 194 -5.13 15.34 13.43
CA THR C 194 -4.07 14.36 13.21
C THR C 194 -3.95 13.52 14.49
N GLY C 195 -4.07 14.17 15.64
CA GLY C 195 -4.01 13.46 16.91
C GLY C 195 -5.11 12.41 17.03
N GLN C 196 -6.31 12.70 16.55
CA GLN C 196 -7.39 11.70 16.65
C GLN C 196 -7.23 10.66 15.58
N LEU C 197 -6.61 11.05 14.46
CA LEU C 197 -6.37 10.08 13.42
C LEU C 197 -5.33 9.09 13.99
N TYR C 198 -4.42 9.60 14.81
CA TYR C 198 -3.41 8.73 15.40
C TYR C 198 -4.07 7.62 16.24
N GLU C 199 -5.20 7.94 16.86
CA GLU C 199 -5.90 6.96 17.70
C GLU C 199 -6.42 5.81 16.88
N MET C 200 -6.70 6.07 15.61
CA MET C 200 -7.20 5.04 14.72
C MET C 200 -6.08 4.28 14.00
N PHE C 201 -4.99 4.95 13.66
CA PHE C 201 -3.94 4.34 12.86
C PHE C 201 -2.51 4.39 13.37
N SER C 202 -2.36 4.44 14.68
CA SER C 202 -1.04 4.51 15.29
C SER C 202 -0.08 3.43 14.82
N SER C 203 -0.62 2.23 14.54
CA SER C 203 0.20 1.09 14.11
C SER C 203 1.06 1.42 12.86
N VAL C 204 0.53 2.28 12.01
CA VAL C 204 1.23 2.74 10.81
C VAL C 204 1.84 4.14 11.06
N MET C 205 1.02 5.08 11.51
CA MET C 205 1.46 6.44 11.76
C MET C 205 2.63 6.63 12.69
N LYS C 206 2.82 5.76 13.68
CA LYS C 206 3.96 5.99 14.56
C LYS C 206 5.29 5.86 13.77
N HIS C 207 5.24 5.30 12.56
CA HIS C 207 6.43 5.12 11.71
C HIS C 207 6.48 6.10 10.57
N LEU C 208 5.55 7.04 10.55
CA LEU C 208 5.49 8.04 9.48
C LEU C 208 5.83 9.44 9.98
N PRO C 209 6.33 10.29 9.07
CA PRO C 209 6.65 11.66 9.51
C PRO C 209 5.33 12.41 9.66
N GLY C 210 5.33 13.51 10.39
CA GLY C 210 4.11 14.26 10.58
C GLY C 210 4.06 14.82 11.99
N PRO C 211 3.02 15.60 12.34
CA PRO C 211 2.87 16.21 13.68
C PRO C 211 3.03 15.24 14.85
N GLN C 212 2.69 13.97 14.64
CA GLN C 212 2.83 13.00 15.74
C GLN C 212 4.28 12.81 16.15
N GLN C 213 5.20 12.95 15.20
CA GLN C 213 6.61 12.80 15.55
C GLN C 213 7.02 13.93 16.50
N GLN C 214 6.53 15.15 16.28
CA GLN C 214 6.88 16.23 17.17
C GLN C 214 6.27 15.99 18.55
N ALA C 215 5.04 15.51 18.57
CA ALA C 215 4.34 15.20 19.83
C ALA C 215 5.17 14.21 20.66
N PHE C 216 5.69 13.18 20.00
CA PHE C 216 6.52 12.17 20.66
C PHE C 216 7.76 12.81 21.25
N GLN C 217 8.33 13.78 20.54
CA GLN C 217 9.53 14.45 21.02
C GLN C 217 9.25 15.23 22.31
N LEU C 218 8.07 15.82 22.42
CA LEU C 218 7.70 16.54 23.64
C LEU C 218 7.57 15.51 24.77
N LEU C 219 6.93 14.39 24.49
CA LEU C 219 6.78 13.34 25.50
C LEU C 219 8.18 12.88 25.93
N GLN C 220 9.04 12.68 24.95
CA GLN C 220 10.41 12.27 25.23
C GLN C 220 11.09 13.32 26.13
N GLY C 221 10.87 14.59 25.82
CA GLY C 221 11.46 15.67 26.60
C GLY C 221 10.99 15.64 28.05
N LEU C 222 9.71 15.34 28.25
CA LEU C 222 9.19 15.27 29.60
C LEU C 222 9.76 14.07 30.37
N GLU C 223 9.88 12.93 29.73
CA GLU C 223 10.40 11.74 30.38
C GLU C 223 11.84 11.98 30.82
N ASP C 224 12.66 12.50 29.90
CA ASP C 224 14.06 12.77 30.20
C ASP C 224 14.18 13.66 31.43
N PHE C 225 13.33 14.69 31.49
CA PHE C 225 13.39 15.60 32.62
C PHE C 225 13.11 14.85 33.93
N ILE C 226 12.08 14.02 33.94
CA ILE C 226 11.75 13.28 35.15
C ILE C 226 12.85 12.32 35.55
N ALA C 227 13.36 11.53 34.60
CA ALA C 227 14.42 10.58 34.87
C ALA C 227 15.58 11.28 35.57
N LYS C 228 16.00 12.42 34.99
CA LYS C 228 17.08 13.23 35.54
C LYS C 228 16.80 13.60 36.99
N LYS C 229 15.58 14.07 37.24
CA LYS C 229 15.18 14.47 38.59
C LYS C 229 15.23 13.28 39.55
N VAL C 230 14.80 12.11 39.07
CA VAL C 230 14.82 10.89 39.87
C VAL C 230 16.27 10.56 40.20
N GLU C 231 17.15 10.64 39.20
CA GLU C 231 18.56 10.34 39.42
C GLU C 231 19.17 11.21 40.51
N HIS C 232 18.86 12.50 40.46
CA HIS C 232 19.38 13.43 41.43
C HIS C 232 18.84 13.12 42.81
N ASN C 233 17.56 12.78 42.90
CA ASN C 233 16.96 12.42 44.18
C ASN C 233 17.61 11.17 44.75
N GLN C 234 18.03 10.26 43.86
CA GLN C 234 18.67 9.02 44.29
C GLN C 234 20.04 9.28 44.90
N ARG C 235 20.85 10.07 44.22
CA ARG C 235 22.18 10.36 44.71
C ARG C 235 22.19 11.14 46.00
N THR C 236 21.04 11.62 46.45
CA THR C 236 20.99 12.41 47.67
C THR C 236 19.89 12.01 48.65
N LEU C 237 19.23 10.88 48.38
CA LEU C 237 18.14 10.42 49.23
C LEU C 237 18.51 10.10 50.68
N ASP C 238 17.55 10.31 51.57
CA ASP C 238 17.72 9.98 52.99
C ASP C 238 16.47 9.19 53.34
N PRO C 239 16.58 7.84 53.39
CA PRO C 239 15.48 6.94 53.71
C PRO C 239 14.63 7.34 54.90
N ASN C 240 15.14 8.26 55.71
CA ASN C 240 14.41 8.69 56.89
C ASN C 240 13.67 9.98 56.62
N SER C 241 14.23 10.81 55.74
CA SER C 241 13.61 12.08 55.43
C SER C 241 13.28 12.25 53.94
N PRO C 242 12.18 11.62 53.49
CA PRO C 242 11.77 11.71 52.09
C PRO C 242 11.32 13.15 51.82
N ARG C 243 12.01 13.81 50.89
CA ARG C 243 11.72 15.19 50.54
C ARG C 243 10.45 15.36 49.73
N ASP C 244 10.16 14.39 48.87
CA ASP C 244 9.01 14.49 47.98
C ASP C 244 8.43 13.13 47.56
N PHE C 245 7.46 13.17 46.66
CA PHE C 245 6.84 11.94 46.15
C PHE C 245 7.89 10.97 45.64
N ILE C 246 8.86 11.46 44.87
CA ILE C 246 9.92 10.63 44.32
C ILE C 246 10.70 9.92 45.43
N ASP C 247 11.12 10.69 46.44
CA ASP C 247 11.86 10.14 47.57
C ASP C 247 11.07 9.01 48.25
N SER C 248 9.79 9.26 48.48
CA SER C 248 8.93 8.29 49.14
C SER C 248 8.73 7.04 48.32
N PHE C 249 8.86 7.18 47.00
CA PHE C 249 8.69 6.05 46.10
C PHE C 249 9.99 5.25 46.08
N LEU C 250 11.12 5.95 46.13
CA LEU C 250 12.42 5.28 46.13
C LEU C 250 12.61 4.49 47.44
N ILE C 251 12.19 5.08 48.55
CA ILE C 251 12.31 4.44 49.87
C ILE C 251 11.44 3.19 49.89
N ARG C 252 10.35 3.24 49.14
CA ARG C 252 9.44 2.10 49.05
C ARG C 252 9.99 1.07 48.08
N MET C 253 10.89 1.48 47.20
CA MET C 253 11.49 0.56 46.25
C MET C 253 12.50 -0.25 47.08
N GLN C 254 13.32 0.45 47.84
CA GLN C 254 14.32 -0.19 48.69
C GLN C 254 13.69 -1.26 49.57
N GLU C 255 12.50 -0.96 50.10
CA GLU C 255 11.78 -1.88 50.98
C GLU C 255 11.11 -3.02 50.22
N GLU C 256 10.95 -2.85 48.92
CA GLU C 256 10.29 -3.85 48.09
C GLU C 256 11.20 -4.82 47.35
N GLU C 257 12.52 -4.58 47.40
CA GLU C 257 13.47 -5.44 46.69
C GLU C 257 13.29 -6.93 47.00
N LYS C 258 13.09 -7.25 48.27
CA LYS C 258 12.89 -8.63 48.71
C LYS C 258 11.49 -9.13 48.35
N ASN C 259 11.02 -8.73 47.16
CA ASN C 259 9.69 -9.12 46.67
C ASN C 259 9.74 -9.14 45.14
N PRO C 260 10.15 -10.27 44.55
CA PRO C 260 10.25 -10.45 43.09
C PRO C 260 9.03 -10.03 42.26
N ASN C 261 7.87 -9.89 42.90
CA ASN C 261 6.67 -9.49 42.18
C ASN C 261 6.25 -8.04 42.48
N THR C 262 7.18 -7.24 42.97
CA THR C 262 6.86 -5.85 43.30
C THR C 262 6.63 -5.00 42.05
N GLU C 263 5.76 -4.00 42.18
CA GLU C 263 5.47 -3.11 41.06
C GLU C 263 6.27 -1.83 41.29
N PHE C 264 6.86 -1.74 42.47
CA PHE C 264 7.64 -0.57 42.81
C PHE C 264 9.09 -0.65 42.33
N TYR C 265 9.29 -0.22 41.07
CA TYR C 265 10.59 -0.19 40.43
C TYR C 265 10.72 1.06 39.54
N LEU C 266 11.95 1.41 39.20
CA LEU C 266 12.22 2.61 38.41
C LEU C 266 11.19 3.01 37.35
N LYS C 267 10.96 2.16 36.37
CA LYS C 267 10.02 2.48 35.30
C LYS C 267 8.70 3.04 35.81
N ASN C 268 8.09 2.38 36.79
CA ASN C 268 6.82 2.86 37.32
C ASN C 268 6.97 4.14 38.15
N LEU C 269 8.14 4.38 38.73
CA LEU C 269 8.34 5.61 39.50
C LEU C 269 8.41 6.77 38.50
N VAL C 270 9.18 6.58 37.44
CA VAL C 270 9.35 7.59 36.40
C VAL C 270 8.02 7.92 35.74
N MET C 271 7.32 6.90 35.29
CA MET C 271 6.05 7.08 34.63
C MET C 271 4.94 7.61 35.56
N THR C 272 4.95 7.25 36.84
CA THR C 272 3.92 7.75 37.74
C THR C 272 4.18 9.23 38.03
N THR C 273 5.46 9.56 38.21
CA THR C 273 5.87 10.92 38.49
C THR C 273 5.49 11.78 37.28
N LEU C 274 5.80 11.29 36.08
CA LEU C 274 5.46 11.97 34.84
C LEU C 274 3.93 12.16 34.75
N ASN C 275 3.18 11.13 35.14
CA ASN C 275 1.70 11.16 35.14
C ASN C 275 1.16 12.28 35.98
N LEU C 276 1.68 12.40 37.21
CA LEU C 276 1.20 13.44 38.12
C LEU C 276 1.58 14.82 37.63
N PHE C 277 2.81 14.93 37.11
CA PHE C 277 3.35 16.19 36.63
C PHE C 277 2.50 16.75 35.50
N ILE C 278 2.14 15.91 34.53
CA ILE C 278 1.30 16.36 33.41
C ILE C 278 -0.14 16.57 33.87
N GLY C 279 -0.73 15.54 34.49
CA GLY C 279 -2.09 15.64 34.97
C GLY C 279 -2.32 16.76 35.98
N GLY C 280 -1.34 16.98 36.84
CA GLY C 280 -1.50 18.04 37.82
C GLY C 280 -1.31 19.42 37.22
N THR C 281 -0.80 19.47 36.00
CA THR C 281 -0.55 20.73 35.35
C THR C 281 -1.51 21.20 34.26
N GLU C 282 -1.54 20.48 33.14
CA GLU C 282 -2.36 20.86 31.98
C GLU C 282 -3.87 20.87 32.12
N THR C 283 -4.42 20.02 32.98
CA THR C 283 -5.87 20.00 33.14
C THR C 283 -6.36 21.23 33.90
N VAL C 284 -5.69 21.56 34.98
CA VAL C 284 -6.05 22.72 35.81
C VAL C 284 -5.73 24.01 35.06
N SER C 285 -4.57 24.02 34.40
CA SER C 285 -4.16 25.18 33.63
C SER C 285 -5.20 25.53 32.55
N THR C 286 -5.64 24.54 31.80
CA THR C 286 -6.62 24.76 30.74
C THR C 286 -7.95 25.26 31.30
N THR C 287 -8.33 24.69 32.45
CA THR C 287 -9.58 25.05 33.11
C THR C 287 -9.59 26.54 33.50
N LEU C 288 -8.50 27.00 34.09
CA LEU C 288 -8.39 28.41 34.49
C LEU C 288 -8.40 29.31 33.25
N ARG C 289 -7.63 28.93 32.24
CA ARG C 289 -7.55 29.72 31.02
C ARG C 289 -8.94 29.85 30.38
N TYR C 290 -9.70 28.76 30.40
CA TYR C 290 -11.04 28.78 29.84
C TYR C 290 -11.92 29.63 30.76
N GLY C 291 -11.68 29.54 32.07
CA GLY C 291 -12.46 30.30 33.02
C GLY C 291 -12.45 31.80 32.82
N PHE C 292 -11.25 32.38 32.77
CA PHE C 292 -11.11 33.80 32.58
C PHE C 292 -11.69 34.29 31.26
N LEU C 293 -11.61 33.44 30.23
CA LEU C 293 -12.18 33.83 28.95
C LEU C 293 -13.67 33.92 29.09
N LEU C 294 -14.26 32.94 29.76
CA LEU C 294 -15.69 32.88 29.97
C LEU C 294 -16.13 34.07 30.84
N LEU C 295 -15.35 34.36 31.86
CA LEU C 295 -15.68 35.47 32.75
C LEU C 295 -15.70 36.82 32.01
N MET C 296 -14.78 37.03 31.07
CA MET C 296 -14.75 38.28 30.30
C MET C 296 -15.88 38.34 29.29
N LYS C 297 -16.39 37.17 28.94
CA LYS C 297 -17.47 37.05 27.97
C LYS C 297 -18.78 37.32 28.68
N HIS C 298 -18.82 37.07 29.97
CA HIS C 298 -20.03 37.28 30.77
C HIS C 298 -19.76 38.16 31.98
N PRO C 299 -19.53 39.46 31.74
CA PRO C 299 -19.23 40.49 32.75
C PRO C 299 -20.20 40.48 33.93
N GLU C 300 -21.47 40.18 33.66
CA GLU C 300 -22.48 40.15 34.71
C GLU C 300 -22.08 39.14 35.77
N VAL C 301 -21.47 38.03 35.34
CA VAL C 301 -21.04 36.98 36.26
C VAL C 301 -19.84 37.43 37.08
N GLU C 302 -18.86 38.06 36.42
CA GLU C 302 -17.68 38.56 37.10
C GLU C 302 -18.13 39.55 38.18
N ALA C 303 -19.12 40.36 37.86
CA ALA C 303 -19.65 41.36 38.77
C ALA C 303 -20.17 40.70 40.02
N LYS C 304 -21.01 39.68 39.82
CA LYS C 304 -21.61 38.92 40.92
C LYS C 304 -20.56 38.16 41.69
N VAL C 305 -19.43 37.88 41.03
CA VAL C 305 -18.34 37.18 41.66
C VAL C 305 -17.61 38.16 42.57
N HIS C 306 -17.35 39.35 42.04
CA HIS C 306 -16.69 40.39 42.81
C HIS C 306 -17.56 40.74 43.99
N GLU C 307 -18.88 40.76 43.78
CA GLU C 307 -19.80 41.09 44.86
C GLU C 307 -19.55 40.13 46.02
N GLU C 308 -19.74 38.84 45.77
CA GLU C 308 -19.55 37.83 46.81
C GLU C 308 -18.16 37.84 47.45
N ILE C 309 -17.13 38.11 46.66
CA ILE C 309 -15.77 38.13 47.18
C ILE C 309 -15.57 39.21 48.25
N ASP C 310 -15.80 40.46 47.87
CA ASP C 310 -15.64 41.58 48.78
C ASP C 310 -16.50 41.48 50.03
N ARG C 311 -17.55 40.67 49.98
CA ARG C 311 -18.43 40.51 51.14
C ARG C 311 -18.05 39.40 52.11
N VAL C 312 -17.61 38.25 51.59
CA VAL C 312 -17.25 37.13 52.44
C VAL C 312 -15.77 37.11 52.83
N ILE C 313 -14.91 37.58 51.94
CA ILE C 313 -13.47 37.60 52.19
C ILE C 313 -12.92 39.02 52.34
N GLY C 314 -13.38 39.92 51.48
CA GLY C 314 -12.92 41.29 51.55
C GLY C 314 -11.64 41.57 50.79
N LYS C 315 -10.70 42.22 51.46
CA LYS C 315 -9.42 42.57 50.85
C LYS C 315 -8.35 42.58 51.93
N ASN C 316 -8.77 42.26 53.14
CA ASN C 316 -7.86 42.24 54.29
C ASN C 316 -7.15 40.89 54.43
N ARG C 317 -7.81 39.82 54.00
CA ARG C 317 -7.25 38.49 54.11
C ARG C 317 -7.25 37.74 52.78
N GLN C 318 -6.25 36.88 52.60
CA GLN C 318 -6.12 36.06 51.39
C GLN C 318 -7.11 34.92 51.49
N PRO C 319 -7.69 34.52 50.36
CA PRO C 319 -8.67 33.43 50.38
C PRO C 319 -8.17 32.11 50.98
N LYS C 320 -9.07 31.42 51.65
CA LYS C 320 -8.77 30.13 52.28
C LYS C 320 -9.77 29.15 51.66
N PHE C 321 -9.47 27.86 51.75
CA PHE C 321 -10.35 26.87 51.16
C PHE C 321 -11.70 26.87 51.87
N GLU C 322 -11.68 27.25 53.14
CA GLU C 322 -12.92 27.30 53.93
C GLU C 322 -13.91 28.31 53.35
N ASP C 323 -13.39 29.43 52.88
CA ASP C 323 -14.23 30.50 52.31
C ASP C 323 -15.26 29.98 51.32
N ARG C 324 -14.97 28.78 50.80
CA ARG C 324 -15.82 28.11 49.84
C ARG C 324 -17.26 27.91 50.32
N ALA C 325 -17.41 27.56 51.60
CA ALA C 325 -18.71 27.33 52.20
C ALA C 325 -19.63 28.53 52.17
N LYS C 326 -19.07 29.72 52.32
CA LYS C 326 -19.87 30.94 52.31
C LYS C 326 -19.88 31.63 50.96
N MET C 327 -19.56 30.87 49.91
CA MET C 327 -19.52 31.45 48.57
C MET C 327 -20.19 30.55 47.55
N PRO C 328 -21.50 30.34 47.68
CA PRO C 328 -22.23 29.49 46.74
C PRO C 328 -22.08 29.91 45.28
N TYR C 329 -22.01 31.22 45.04
CA TYR C 329 -21.89 31.68 43.68
C TYR C 329 -20.53 31.39 43.06
N MET C 330 -19.48 31.41 43.87
CA MET C 330 -18.14 31.14 43.36
C MET C 330 -18.04 29.67 42.98
N GLU C 331 -18.54 28.83 43.88
CA GLU C 331 -18.54 27.38 43.69
C GLU C 331 -19.33 27.10 42.41
N ALA C 332 -20.48 27.75 42.30
CA ALA C 332 -21.33 27.56 41.14
C ALA C 332 -20.64 27.96 39.83
N VAL C 333 -19.99 29.11 39.81
CA VAL C 333 -19.31 29.56 38.61
C VAL C 333 -18.17 28.59 38.24
N ILE C 334 -17.41 28.15 39.24
CA ILE C 334 -16.30 27.23 39.02
C ILE C 334 -16.83 25.93 38.44
N HIS C 335 -17.98 25.47 38.94
CA HIS C 335 -18.59 24.24 38.44
C HIS C 335 -19.03 24.45 36.99
N GLU C 336 -19.65 25.60 36.72
CA GLU C 336 -20.10 25.90 35.36
C GLU C 336 -18.87 26.12 34.46
N ILE C 337 -17.74 26.55 35.03
CA ILE C 337 -16.57 26.75 34.20
C ILE C 337 -16.03 25.36 33.80
N GLN C 338 -16.11 24.41 34.73
CA GLN C 338 -15.66 23.04 34.46
C GLN C 338 -16.64 22.29 33.57
N ARG C 339 -17.93 22.58 33.71
CA ARG C 339 -18.92 21.90 32.90
C ARG C 339 -18.86 22.38 31.47
N PHE C 340 -18.84 23.68 31.28
CA PHE C 340 -18.80 24.26 29.94
C PHE C 340 -17.48 23.93 29.24
N GLY C 341 -16.39 23.94 30.01
CA GLY C 341 -15.07 23.64 29.51
C GLY C 341 -14.86 22.21 29.02
N ASP C 342 -15.52 21.24 29.65
CA ASP C 342 -15.43 19.85 29.23
C ASP C 342 -13.98 19.56 28.77
N VAL C 343 -13.02 19.78 29.67
CA VAL C 343 -11.59 19.64 29.38
C VAL C 343 -11.14 18.31 28.81
N ILE C 344 -11.70 17.21 29.32
CA ILE C 344 -11.37 15.87 28.84
C ILE C 344 -12.74 15.32 28.49
N PRO C 345 -13.22 15.62 27.28
CA PRO C 345 -14.53 15.21 26.76
C PRO C 345 -14.89 13.75 26.58
N MET C 346 -13.89 12.90 26.40
CA MET C 346 -14.17 11.47 26.26
C MET C 346 -13.42 10.75 27.38
N SER C 347 -13.13 11.47 28.45
CA SER C 347 -12.42 10.88 29.58
C SER C 347 -11.18 10.19 29.04
N LEU C 348 -10.63 9.28 29.87
CA LEU C 348 -9.53 8.41 29.48
C LEU C 348 -10.28 7.11 29.32
N ALA C 349 -10.01 6.39 28.23
CA ALA C 349 -10.69 5.15 27.93
C ALA C 349 -10.63 4.08 29.02
N ARG C 350 -11.75 3.36 29.16
CA ARG C 350 -11.85 2.23 30.11
C ARG C 350 -11.86 0.98 29.26
N ARG C 351 -11.89 -0.16 29.94
CA ARG C 351 -11.92 -1.45 29.29
C ARG C 351 -12.66 -2.44 30.23
N VAL C 352 -13.47 -3.33 29.67
CA VAL C 352 -14.16 -4.30 30.52
C VAL C 352 -13.22 -5.42 30.97
N LYS C 353 -13.16 -5.64 32.27
CA LYS C 353 -12.30 -6.69 32.81
C LYS C 353 -12.61 -8.10 32.30
N LYS C 354 -13.89 -8.46 32.16
CA LYS C 354 -14.30 -9.79 31.68
C LYS C 354 -15.51 -9.70 30.77
N ASP C 355 -15.95 -10.84 30.23
CA ASP C 355 -17.14 -10.82 29.40
C ASP C 355 -18.17 -10.11 30.29
N THR C 356 -18.92 -9.20 29.71
CA THR C 356 -19.89 -8.44 30.48
C THR C 356 -21.22 -8.33 29.77
N LYS C 357 -22.28 -8.27 30.59
CA LYS C 357 -23.61 -8.08 30.09
C LYS C 357 -23.92 -6.67 30.57
N PHE C 358 -24.29 -5.81 29.64
CA PHE C 358 -24.59 -4.41 29.92
C PHE C 358 -25.84 -4.18 29.09
N ARG C 359 -26.93 -3.83 29.77
CA ARG C 359 -28.21 -3.67 29.13
C ARG C 359 -28.44 -4.88 28.25
N ASP C 360 -28.96 -4.69 27.05
CA ASP C 360 -29.22 -5.86 26.23
C ASP C 360 -28.05 -6.31 25.34
N PHE C 361 -26.85 -5.90 25.73
CA PHE C 361 -25.64 -6.21 24.96
C PHE C 361 -24.57 -7.05 25.66
N PHE C 362 -23.74 -7.69 24.85
CA PHE C 362 -22.64 -8.50 25.33
C PHE C 362 -21.32 -7.79 24.97
N LEU C 363 -20.47 -7.57 25.97
CA LEU C 363 -19.18 -6.92 25.80
C LEU C 363 -18.09 -7.92 26.17
N PRO C 364 -17.37 -8.42 25.17
CA PRO C 364 -16.29 -9.40 25.39
C PRO C 364 -15.14 -8.81 26.19
N LYS C 365 -14.54 -9.65 27.04
CA LYS C 365 -13.38 -9.26 27.84
C LYS C 365 -12.44 -8.44 26.97
N GLY C 366 -11.91 -7.35 27.52
CA GLY C 366 -10.98 -6.52 26.76
C GLY C 366 -11.58 -5.41 25.92
N THR C 367 -12.89 -5.43 25.67
CA THR C 367 -13.51 -4.38 24.86
C THR C 367 -13.24 -2.98 25.41
N GLU C 368 -12.81 -2.08 24.53
CA GLU C 368 -12.53 -0.73 24.97
C GLU C 368 -13.80 0.06 25.09
N VAL C 369 -13.78 1.02 25.99
CA VAL C 369 -14.96 1.82 26.21
C VAL C 369 -14.69 3.32 26.35
N TYR C 370 -15.46 4.09 25.62
CA TYR C 370 -15.34 5.55 25.69
C TYR C 370 -16.50 6.18 26.52
N PRO C 371 -16.22 6.65 27.74
CA PRO C 371 -17.26 7.28 28.57
C PRO C 371 -17.33 8.71 28.04
N MET C 372 -18.37 9.06 27.29
CA MET C 372 -18.45 10.42 26.73
C MET C 372 -18.83 11.46 27.79
N LEU C 373 -17.89 11.74 28.70
CA LEU C 373 -18.14 12.69 29.77
C LEU C 373 -18.79 13.99 29.32
N GLY C 374 -18.28 14.49 28.19
CA GLY C 374 -18.81 15.70 27.61
C GLY C 374 -20.30 15.62 27.36
N SER C 375 -20.80 14.43 27.03
CA SER C 375 -22.23 14.23 26.78
C SER C 375 -23.02 14.19 28.08
N VAL C 376 -22.33 13.98 29.20
CA VAL C 376 -23.00 13.96 30.49
C VAL C 376 -23.06 15.42 30.98
N LEU C 377 -21.94 16.13 30.80
CA LEU C 377 -21.85 17.53 31.17
C LEU C 377 -22.85 18.40 30.39
N ARG C 378 -23.22 17.95 29.19
CA ARG C 378 -24.20 18.68 28.40
C ARG C 378 -25.51 17.91 28.30
N ASP C 379 -25.76 17.00 29.25
CA ASP C 379 -26.98 16.22 29.16
C ASP C 379 -28.17 17.13 29.48
N PRO C 380 -29.06 17.33 28.49
CA PRO C 380 -30.26 18.18 28.59
C PRO C 380 -31.26 17.74 29.66
N SER C 381 -31.06 16.54 30.19
CA SER C 381 -31.94 16.04 31.23
C SER C 381 -31.43 16.52 32.57
N PHE C 382 -30.20 17.02 32.62
CA PHE C 382 -29.64 17.50 33.87
C PHE C 382 -29.36 18.98 33.92
N PHE C 383 -29.32 19.63 32.76
CA PHE C 383 -29.06 21.06 32.69
C PHE C 383 -29.99 21.67 31.65
N SER C 384 -30.65 22.75 32.05
CA SER C 384 -31.62 23.46 31.22
C SER C 384 -31.07 24.08 29.94
N ASN C 385 -29.91 24.72 30.02
CA ASN C 385 -29.32 25.33 28.83
C ASN C 385 -27.88 24.82 28.71
N PRO C 386 -27.72 23.53 28.37
CA PRO C 386 -26.43 22.86 28.21
C PRO C 386 -25.40 23.59 27.34
N GLN C 387 -25.85 24.26 26.29
CA GLN C 387 -24.90 24.97 25.45
C GLN C 387 -24.48 26.36 25.97
N ASP C 388 -25.14 26.86 27.01
CA ASP C 388 -24.77 28.18 27.50
C ASP C 388 -23.97 28.12 28.77
N PHE C 389 -23.27 29.19 29.06
CA PHE C 389 -22.50 29.27 30.28
C PHE C 389 -23.44 29.92 31.30
N ASN C 390 -24.13 29.12 32.10
CA ASN C 390 -25.05 29.69 33.08
C ASN C 390 -24.73 29.21 34.49
N PRO C 391 -24.08 30.06 35.30
CA PRO C 391 -23.76 29.63 36.65
C PRO C 391 -24.98 29.22 37.46
N GLN C 392 -26.17 29.46 36.89
CA GLN C 392 -27.41 29.11 37.57
C GLN C 392 -27.56 27.60 37.58
N HIS C 393 -26.94 26.93 36.61
CA HIS C 393 -27.01 25.47 36.51
C HIS C 393 -26.68 24.79 37.84
N PHE C 394 -25.89 25.47 38.68
CA PHE C 394 -25.50 24.88 39.95
C PHE C 394 -26.00 25.69 41.14
N LEU C 395 -27.17 26.31 40.98
CA LEU C 395 -27.74 27.15 42.04
C LEU C 395 -29.23 26.92 42.36
N ASN C 396 -29.55 26.91 43.65
CA ASN C 396 -30.93 26.73 44.13
C ASN C 396 -31.77 27.96 43.82
N GLU C 397 -33.07 27.76 43.63
CA GLU C 397 -33.96 28.89 43.37
C GLU C 397 -33.73 29.82 44.57
N LYS C 398 -33.23 29.23 45.65
CA LYS C 398 -32.94 29.93 46.89
C LYS C 398 -31.59 30.65 46.83
N GLY C 399 -30.77 30.30 45.84
CA GLY C 399 -29.46 30.95 45.70
C GLY C 399 -28.34 30.14 46.34
N GLN C 400 -28.63 28.90 46.71
CA GLN C 400 -27.64 28.03 47.33
C GLN C 400 -26.94 27.17 46.26
N PHE C 401 -25.87 26.49 46.65
CA PHE C 401 -25.17 25.64 45.69
C PHE C 401 -25.93 24.35 45.47
N LYS C 402 -26.04 23.95 44.21
CA LYS C 402 -26.78 22.74 43.87
C LYS C 402 -25.95 21.72 43.07
N LYS C 403 -25.59 20.61 43.72
CA LYS C 403 -24.83 19.55 43.06
C LYS C 403 -25.65 18.95 41.93
N SER C 404 -25.00 18.13 41.12
CA SER C 404 -25.65 17.47 40.00
C SER C 404 -24.92 16.17 39.70
N ASP C 405 -25.67 15.07 39.59
CA ASP C 405 -25.12 13.77 39.30
C ASP C 405 -24.47 13.80 37.91
N ALA C 406 -24.80 14.82 37.12
CA ALA C 406 -24.26 14.93 35.76
C ALA C 406 -22.96 15.72 35.71
N PHE C 407 -22.45 16.10 36.87
CA PHE C 407 -21.21 16.85 36.93
C PHE C 407 -20.14 15.81 37.09
N VAL C 408 -19.56 15.40 35.95
CA VAL C 408 -18.55 14.36 35.96
C VAL C 408 -17.24 14.69 35.21
N PRO C 409 -16.70 15.92 35.36
CA PRO C 409 -15.47 16.28 34.65
C PRO C 409 -14.26 15.47 35.13
N PHE C 410 -14.39 14.88 36.31
CA PHE C 410 -13.32 14.07 36.87
C PHE C 410 -13.67 12.61 36.68
N SER C 411 -14.67 12.38 35.84
CA SER C 411 -15.22 11.05 35.59
C SER C 411 -15.76 10.45 36.90
N ILE C 412 -16.04 9.16 36.89
CA ILE C 412 -16.58 8.44 38.04
C ILE C 412 -16.17 6.97 38.01
N GLY C 413 -16.45 6.25 39.10
CA GLY C 413 -16.11 4.84 39.11
C GLY C 413 -14.74 4.54 39.69
N LYS C 414 -14.35 3.28 39.58
CA LYS C 414 -13.09 2.75 40.14
C LYS C 414 -11.74 3.38 39.75
N ARG C 415 -11.62 3.88 38.51
CA ARG C 415 -10.36 4.49 38.08
C ARG C 415 -10.52 5.97 37.81
N ASN C 416 -11.39 6.60 38.60
CA ASN C 416 -11.69 8.03 38.52
C ASN C 416 -10.47 8.84 38.95
N CYS C 417 -10.50 10.12 38.63
CA CYS C 417 -9.40 11.00 38.96
C CYS C 417 -9.18 11.15 40.47
N PHE C 418 -8.00 10.79 40.97
CA PHE C 418 -7.77 10.98 42.40
C PHE C 418 -7.04 12.30 42.63
N GLY C 419 -6.98 13.13 41.59
CA GLY C 419 -6.35 14.43 41.72
C GLY C 419 -7.43 15.48 41.95
N GLU C 420 -8.69 15.04 41.94
CA GLU C 420 -9.81 15.95 42.12
C GLU C 420 -9.66 16.85 43.34
N GLY C 421 -9.27 16.27 44.46
CA GLY C 421 -9.10 17.05 45.68
C GLY C 421 -8.18 18.22 45.47
N LEU C 422 -6.95 17.95 45.01
CA LEU C 422 -5.99 19.01 44.74
C LEU C 422 -6.56 20.02 43.73
N ALA C 423 -7.02 19.49 42.59
CA ALA C 423 -7.57 20.35 41.55
C ALA C 423 -8.60 21.34 42.08
N ARG C 424 -9.67 20.84 42.68
CA ARG C 424 -10.71 21.72 43.21
C ARG C 424 -10.16 22.75 44.23
N MET C 425 -9.18 22.37 45.02
CA MET C 425 -8.62 23.32 45.97
C MET C 425 -7.82 24.39 45.20
N GLU C 426 -7.17 23.99 44.10
CA GLU C 426 -6.40 24.93 43.29
C GLU C 426 -7.33 25.92 42.58
N LEU C 427 -8.37 25.38 41.94
CA LEU C 427 -9.33 26.19 41.19
C LEU C 427 -10.02 27.24 42.07
N PHE C 428 -10.44 26.84 43.28
CA PHE C 428 -11.08 27.82 44.15
C PHE C 428 -10.14 28.92 44.59
N LEU C 429 -8.93 28.55 45.02
CA LEU C 429 -7.97 29.53 45.48
C LEU C 429 -7.37 30.39 44.37
N PHE C 430 -7.10 29.81 43.21
CA PHE C 430 -6.53 30.61 42.14
C PHE C 430 -7.57 31.57 41.53
N PHE C 431 -8.77 31.07 41.26
CA PHE C 431 -9.83 31.90 40.71
C PHE C 431 -10.19 33.05 41.66
N THR C 432 -10.50 32.73 42.91
CA THR C 432 -10.89 33.76 43.87
C THR C 432 -9.77 34.75 44.20
N THR C 433 -8.57 34.25 44.51
CA THR C 433 -7.47 35.14 44.81
C THR C 433 -7.20 36.11 43.67
N VAL C 434 -7.36 35.65 42.42
CA VAL C 434 -7.15 36.52 41.26
C VAL C 434 -8.27 37.55 41.12
N MET C 435 -9.52 37.09 41.24
CA MET C 435 -10.68 37.98 41.11
C MET C 435 -10.76 38.98 42.27
N GLN C 436 -10.08 38.68 43.37
CA GLN C 436 -10.08 39.57 44.52
C GLN C 436 -9.10 40.71 44.32
N ASN C 437 -8.12 40.50 43.44
CA ASN C 437 -7.12 41.53 43.21
C ASN C 437 -7.21 42.19 41.85
N PHE C 438 -8.01 41.63 40.95
CA PHE C 438 -8.13 42.20 39.62
C PHE C 438 -9.50 42.05 38.99
N ARG C 439 -9.77 42.89 38.00
CA ARG C 439 -11.01 42.79 37.25
C ARG C 439 -10.44 42.45 35.89
N LEU C 440 -11.24 41.78 35.06
CA LEU C 440 -10.76 41.34 33.76
C LEU C 440 -11.10 42.24 32.60
N LYS C 441 -10.11 42.53 31.75
CA LYS C 441 -10.33 43.36 30.57
C LYS C 441 -9.88 42.61 29.31
N SER C 442 -10.84 42.33 28.43
CA SER C 442 -10.57 41.62 27.18
C SER C 442 -10.13 42.56 26.07
N SER C 443 -9.33 42.06 25.15
CA SER C 443 -8.88 42.92 24.05
C SER C 443 -10.00 43.12 23.04
N GLN C 444 -11.16 42.48 23.28
CA GLN C 444 -12.35 42.59 22.42
C GLN C 444 -13.54 42.96 23.28
N SER C 445 -14.70 43.12 22.64
CA SER C 445 -15.94 43.43 23.35
C SER C 445 -16.63 42.10 23.61
N PRO C 446 -17.28 41.95 24.77
CA PRO C 446 -17.96 40.68 25.07
C PRO C 446 -18.66 40.07 23.86
N LYS C 447 -19.38 40.91 23.15
CA LYS C 447 -20.12 40.49 21.96
C LYS C 447 -19.23 39.79 20.94
N ASP C 448 -17.97 40.18 20.85
CA ASP C 448 -17.07 39.58 19.88
C ASP C 448 -16.15 38.48 20.43
N ILE C 449 -16.30 38.15 21.71
CA ILE C 449 -15.45 37.10 22.25
C ILE C 449 -15.99 35.74 21.79
N ASP C 450 -15.10 34.92 21.24
CA ASP C 450 -15.49 33.59 20.79
C ASP C 450 -15.04 32.60 21.88
N VAL C 451 -16.01 31.97 22.54
CA VAL C 451 -15.68 31.02 23.59
C VAL C 451 -15.84 29.55 23.15
N SER C 452 -16.07 29.33 21.86
CA SER C 452 -16.19 27.97 21.36
C SER C 452 -14.74 27.50 21.28
N PRO C 453 -14.50 26.19 21.47
CA PRO C 453 -13.15 25.62 21.43
C PRO C 453 -12.39 25.72 20.12
N LYS C 454 -11.08 25.85 20.23
CA LYS C 454 -10.21 25.90 19.07
C LYS C 454 -9.99 24.47 18.58
N HIS C 455 -9.77 23.58 19.54
CA HIS C 455 -9.54 22.16 19.29
C HIS C 455 -10.31 21.26 20.26
N VAL C 456 -10.82 20.13 19.77
CA VAL C 456 -11.53 19.13 20.59
C VAL C 456 -11.20 17.72 20.07
N GLY C 457 -10.55 16.95 20.94
CA GLY C 457 -10.18 15.58 20.64
C GLY C 457 -10.03 14.94 22.01
N PHE C 458 -8.80 14.66 22.39
CA PHE C 458 -8.57 14.12 23.70
C PHE C 458 -8.98 15.18 24.73
N ALA C 459 -8.69 16.44 24.43
CA ALA C 459 -9.04 17.51 25.34
C ALA C 459 -9.80 18.60 24.59
N THR C 460 -10.26 19.61 25.34
CA THR C 460 -10.97 20.75 24.77
C THR C 460 -10.06 21.93 25.05
N ILE C 461 -9.57 22.56 23.98
CA ILE C 461 -8.64 23.67 24.08
C ILE C 461 -9.33 24.99 23.67
N PRO C 462 -9.31 26.01 24.55
CA PRO C 462 -9.94 27.30 24.24
C PRO C 462 -9.08 28.04 23.20
N ARG C 463 -9.68 28.96 22.45
CA ARG C 463 -8.92 29.70 21.45
C ARG C 463 -7.85 30.56 22.11
N ASN C 464 -6.85 30.97 21.34
CA ASN C 464 -5.79 31.81 21.87
C ASN C 464 -6.40 33.20 22.04
N TYR C 465 -5.97 33.92 23.07
CA TYR C 465 -6.50 35.27 23.33
C TYR C 465 -5.57 36.02 24.26
N THR C 466 -5.82 37.32 24.40
CA THR C 466 -5.03 38.16 25.29
C THR C 466 -6.01 38.91 26.17
N MET C 467 -5.53 39.34 27.34
CA MET C 467 -6.37 40.07 28.27
C MET C 467 -5.49 40.92 29.18
N SER C 468 -6.13 41.73 30.00
CA SER C 468 -5.42 42.58 30.94
C SER C 468 -6.03 42.36 32.32
N PHE C 469 -5.18 42.44 33.34
CA PHE C 469 -5.64 42.29 34.70
C PHE C 469 -5.54 43.68 35.34
N LEU C 470 -6.66 44.38 35.40
CA LEU C 470 -6.68 45.72 35.99
C LEU C 470 -6.96 45.67 37.48
N PRO C 471 -6.01 46.17 38.30
CA PRO C 471 -6.07 46.21 39.77
C PRO C 471 -7.35 46.73 40.41
N ARG C 472 -7.50 46.43 41.69
CA ARG C 472 -8.67 46.88 42.47
C ARG C 472 -8.16 47.60 43.74
N GLY D 9 24.96 1.82 -26.55
CA GLY D 9 25.51 2.57 -25.46
C GLY D 9 24.65 2.46 -24.22
N LYS D 10 25.05 3.16 -23.15
CA LYS D 10 24.28 3.16 -21.91
C LYS D 10 23.63 4.54 -21.76
N LEU D 11 22.59 4.56 -20.94
CA LEU D 11 21.85 5.76 -20.64
C LEU D 11 22.79 6.68 -19.89
N PRO D 12 22.51 8.00 -19.89
CA PRO D 12 23.34 8.96 -19.17
C PRO D 12 23.45 8.53 -17.70
N PRO D 13 24.52 8.92 -17.00
CA PRO D 13 24.66 8.53 -15.58
C PRO D 13 23.64 9.25 -14.70
N GLY D 14 23.41 8.72 -13.50
CA GLY D 14 22.47 9.35 -12.58
C GLY D 14 22.37 8.65 -11.25
N PRO D 15 21.78 9.30 -10.23
CA PRO D 15 21.65 8.65 -8.92
C PRO D 15 20.77 7.38 -9.01
N THR D 16 21.16 6.36 -8.26
CA THR D 16 20.46 5.08 -8.27
C THR D 16 19.04 5.32 -7.72
N PRO D 17 18.02 4.92 -8.48
CA PRO D 17 16.61 5.08 -8.08
C PRO D 17 16.14 3.85 -7.29
N LEU D 18 14.93 3.96 -6.75
CA LEU D 18 14.33 2.87 -6.01
C LEU D 18 13.04 2.58 -6.83
N PRO D 19 12.57 1.32 -6.83
CA PRO D 19 11.35 0.95 -7.57
C PRO D 19 10.19 1.88 -7.26
N PHE D 20 9.45 2.21 -8.31
CA PHE D 20 8.29 3.09 -8.25
C PHE D 20 8.51 4.55 -7.84
N ILE D 21 9.18 4.79 -6.70
CA ILE D 21 9.40 6.17 -6.29
C ILE D 21 10.61 6.81 -7.05
N GLY D 22 11.31 6.05 -7.89
CA GLY D 22 12.43 6.63 -8.64
C GLY D 22 13.48 7.38 -7.80
N ASN D 23 13.78 8.62 -8.14
CA ASN D 23 14.77 9.35 -7.38
C ASN D 23 14.14 10.34 -6.42
N TYR D 24 12.99 9.94 -5.86
CA TYR D 24 12.26 10.74 -4.89
C TYR D 24 13.18 11.21 -3.78
N LEU D 25 14.01 10.31 -3.30
CA LEU D 25 14.91 10.66 -2.20
C LEU D 25 15.99 11.69 -2.57
N GLN D 26 16.20 11.95 -3.86
CA GLN D 26 17.22 12.95 -4.22
C GLN D 26 16.58 14.23 -4.73
N LEU D 27 15.26 14.29 -4.68
CA LEU D 27 14.52 15.44 -5.19
C LEU D 27 13.70 16.16 -4.13
N ASN D 28 13.58 17.47 -4.29
CA ASN D 28 12.77 18.30 -3.42
C ASN D 28 11.71 18.85 -4.38
N THR D 29 10.50 18.30 -4.32
CA THR D 29 9.42 18.73 -5.20
C THR D 29 9.07 20.19 -5.06
N GLU D 30 9.44 20.81 -3.94
CA GLU D 30 9.17 22.25 -3.79
C GLU D 30 10.20 23.05 -4.60
N GLN D 31 11.32 22.43 -4.95
CA GLN D 31 12.36 23.13 -5.72
C GLN D 31 13.02 22.13 -6.68
N MET D 32 12.26 21.70 -7.69
CA MET D 32 12.75 20.73 -8.65
C MET D 32 13.99 21.23 -9.41
N TYR D 33 13.95 22.48 -9.89
CA TYR D 33 15.09 23.05 -10.61
C TYR D 33 16.31 22.96 -9.70
N ASN D 34 16.22 23.50 -8.50
CA ASN D 34 17.37 23.42 -7.60
C ASN D 34 17.86 22.00 -7.35
N SER D 35 16.93 21.06 -7.18
CA SER D 35 17.29 19.67 -6.91
C SER D 35 18.06 19.06 -8.11
N LEU D 36 17.50 19.24 -9.30
CA LEU D 36 18.08 18.76 -10.55
C LEU D 36 19.44 19.41 -10.82
N MET D 37 19.58 20.71 -10.53
CA MET D 37 20.88 21.36 -10.76
C MET D 37 21.92 20.81 -9.79
N LYS D 38 21.50 20.50 -8.56
CA LYS D 38 22.44 19.95 -7.61
C LYS D 38 22.88 18.54 -8.05
N ILE D 39 21.99 17.81 -8.71
CA ILE D 39 22.35 16.49 -9.17
C ILE D 39 23.32 16.64 -10.37
N SER D 40 23.13 17.68 -11.17
CA SER D 40 23.99 17.95 -12.31
C SER D 40 25.41 18.22 -11.82
N GLU D 41 25.54 18.96 -10.74
CA GLU D 41 26.87 19.28 -10.23
C GLU D 41 27.68 18.06 -9.90
N ARG D 42 27.00 16.95 -9.60
CA ARG D 42 27.69 15.73 -9.25
C ARG D 42 27.84 14.78 -10.41
N TYR D 43 26.90 14.82 -11.34
CA TYR D 43 26.95 13.87 -12.43
C TYR D 43 27.32 14.42 -13.80
N GLY D 44 27.24 15.73 -13.99
CA GLY D 44 27.51 16.28 -15.30
C GLY D 44 26.26 16.87 -15.91
N PRO D 45 26.41 17.62 -17.01
CA PRO D 45 25.34 18.30 -17.75
C PRO D 45 24.24 17.45 -18.37
N VAL D 46 24.51 16.17 -18.58
CA VAL D 46 23.50 15.29 -19.16
C VAL D 46 23.38 14.09 -18.20
N PHE D 47 22.16 13.89 -17.68
CA PHE D 47 21.99 12.80 -16.72
C PHE D 47 20.58 12.23 -16.71
N THR D 48 20.46 11.04 -16.14
CA THR D 48 19.17 10.33 -16.08
C THR D 48 18.56 10.46 -14.67
N ILE D 49 17.27 10.76 -14.63
CA ILE D 49 16.59 10.88 -13.34
C ILE D 49 15.26 10.12 -13.45
N HIS D 50 14.77 9.61 -12.31
CA HIS D 50 13.48 8.92 -12.33
C HIS D 50 12.49 9.74 -11.49
N LEU D 51 11.53 10.36 -12.17
CA LEU D 51 10.51 11.18 -11.49
C LEU D 51 9.44 10.14 -11.21
N GLY D 52 9.64 9.40 -10.12
CA GLY D 52 8.70 8.34 -9.82
C GLY D 52 9.08 7.31 -10.87
N PRO D 53 8.09 6.68 -11.52
CA PRO D 53 8.45 5.69 -12.54
C PRO D 53 8.85 6.27 -13.91
N ARG D 54 8.75 7.59 -14.12
CA ARG D 54 9.10 8.22 -15.42
C ARG D 54 10.58 8.43 -15.53
N ARG D 55 11.22 7.75 -16.49
CA ARG D 55 12.65 7.92 -16.71
C ARG D 55 12.84 9.15 -17.59
N VAL D 56 13.67 10.07 -17.13
CA VAL D 56 13.89 11.29 -17.85
C VAL D 56 15.37 11.60 -18.01
N VAL D 57 15.74 12.05 -19.21
CA VAL D 57 17.13 12.47 -19.43
C VAL D 57 17.07 14.00 -19.30
N VAL D 58 17.90 14.55 -18.43
CA VAL D 58 17.93 16.00 -18.17
C VAL D 58 19.15 16.66 -18.85
N LEU D 59 18.94 17.79 -19.51
CA LEU D 59 20.02 18.53 -20.20
C LEU D 59 20.21 19.89 -19.55
N CYS D 60 21.40 20.12 -19.01
CA CYS D 60 21.69 21.38 -18.36
C CYS D 60 22.76 22.14 -19.12
N GLY D 61 22.68 23.46 -19.08
CA GLY D 61 23.66 24.30 -19.76
C GLY D 61 23.41 24.49 -21.25
N HIS D 62 23.89 25.62 -21.76
CA HIS D 62 23.73 25.96 -23.15
C HIS D 62 24.12 24.84 -24.10
N ASP D 63 25.36 24.37 -23.94
CA ASP D 63 25.92 23.33 -24.81
C ASP D 63 25.07 22.08 -24.91
N ALA D 64 24.75 21.48 -23.77
CA ALA D 64 23.92 20.28 -23.78
C ALA D 64 22.55 20.49 -24.48
N VAL D 65 21.83 21.53 -24.10
CA VAL D 65 20.52 21.81 -24.68
C VAL D 65 20.57 22.13 -26.16
N ARG D 66 21.48 23.01 -26.56
CA ARG D 66 21.55 23.34 -27.97
C ARG D 66 22.00 22.13 -28.78
N GLU D 67 23.00 21.40 -28.30
CA GLU D 67 23.48 20.23 -29.05
C GLU D 67 22.39 19.21 -29.29
N ALA D 68 21.44 19.10 -28.37
CA ALA D 68 20.38 18.13 -28.58
C ALA D 68 19.23 18.74 -29.41
N LEU D 69 18.65 19.83 -28.89
CA LEU D 69 17.49 20.45 -29.52
C LEU D 69 17.72 21.06 -30.89
N VAL D 70 18.93 21.56 -31.14
CA VAL D 70 19.24 22.16 -32.44
C VAL D 70 20.13 21.25 -33.27
N ASP D 71 21.29 20.85 -32.76
CA ASP D 71 22.18 20.00 -33.55
C ASP D 71 21.61 18.64 -33.88
N GLN D 72 20.73 18.10 -33.04
CA GLN D 72 20.08 16.83 -33.35
C GLN D 72 18.58 17.04 -33.17
N ALA D 73 18.11 18.16 -33.73
CA ALA D 73 16.69 18.59 -33.68
C ALA D 73 15.62 17.55 -33.98
N GLU D 74 15.73 16.88 -35.12
CA GLU D 74 14.73 15.89 -35.48
C GLU D 74 14.60 14.78 -34.44
N GLU D 75 15.73 14.35 -33.89
CA GLU D 75 15.74 13.29 -32.90
C GLU D 75 15.10 13.69 -31.56
N PHE D 76 15.27 14.95 -31.16
CA PHE D 76 14.71 15.42 -29.92
C PHE D 76 13.42 16.20 -30.16
N SER D 77 12.81 16.00 -31.32
CA SER D 77 11.61 16.74 -31.64
C SER D 77 10.29 16.12 -31.16
N GLY D 78 10.36 15.15 -30.26
CA GLY D 78 9.16 14.54 -29.76
C GLY D 78 8.67 15.33 -28.55
N ARG D 79 7.35 15.27 -28.27
CA ARG D 79 6.76 15.98 -27.12
C ARG D 79 6.56 15.06 -25.92
N GLY D 80 7.15 15.43 -24.79
CA GLY D 80 7.01 14.64 -23.59
C GLY D 80 5.68 14.89 -22.91
N GLU D 81 5.62 14.69 -21.61
CA GLU D 81 4.36 14.91 -20.92
C GLU D 81 4.45 15.92 -19.79
N GLN D 82 3.32 16.47 -19.44
CA GLN D 82 3.24 17.36 -18.29
C GLN D 82 1.92 16.78 -17.81
N ALA D 83 1.99 16.02 -16.73
CA ALA D 83 0.82 15.32 -16.22
C ALA D 83 -0.39 16.17 -15.86
N THR D 84 -0.20 17.33 -15.23
CA THR D 84 -1.36 18.15 -14.89
C THR D 84 -2.09 18.59 -16.17
N PHE D 85 -1.36 19.08 -17.17
CA PHE D 85 -2.02 19.50 -18.40
C PHE D 85 -2.56 18.31 -19.18
N ASP D 86 -1.89 17.16 -19.04
CA ASP D 86 -2.33 15.96 -19.75
C ASP D 86 -3.70 15.50 -19.29
N TRP D 87 -3.99 15.74 -18.02
CA TRP D 87 -5.27 15.38 -17.45
C TRP D 87 -6.41 15.83 -18.39
N VAL D 88 -6.28 17.04 -18.95
CA VAL D 88 -7.31 17.58 -19.83
C VAL D 88 -7.02 17.43 -21.33
N PHE D 89 -5.77 17.57 -21.74
CA PHE D 89 -5.45 17.47 -23.17
C PHE D 89 -5.43 16.05 -23.69
N LYS D 90 -4.99 15.13 -22.85
CA LYS D 90 -4.93 13.70 -23.19
C LYS D 90 -4.32 13.49 -24.56
N GLY D 91 -3.21 14.19 -24.84
CA GLY D 91 -2.54 14.04 -26.12
C GLY D 91 -3.16 14.74 -27.31
N TYR D 92 -4.26 15.48 -27.12
CA TYR D 92 -4.90 16.21 -28.22
C TYR D 92 -4.48 17.66 -28.12
N GLY D 93 -4.55 18.38 -29.24
CA GLY D 93 -4.15 19.78 -29.25
C GLY D 93 -2.77 19.90 -29.85
N VAL D 94 -2.41 21.10 -30.30
CA VAL D 94 -1.13 21.33 -30.92
C VAL D 94 0.05 21.22 -29.95
N VAL D 95 -0.13 21.64 -28.70
CA VAL D 95 1.00 21.58 -27.76
C VAL D 95 1.40 20.19 -27.30
N PHE D 96 0.46 19.38 -26.84
CA PHE D 96 0.82 18.05 -26.36
C PHE D 96 0.69 16.90 -27.33
N SER D 97 0.46 17.18 -28.61
CA SER D 97 0.38 16.09 -29.56
C SER D 97 1.77 15.73 -30.10
N ASN D 98 1.84 14.63 -30.84
CA ASN D 98 3.09 14.17 -31.44
C ASN D 98 2.81 13.70 -32.85
N GLY D 99 3.85 13.22 -33.52
CA GLY D 99 3.70 12.73 -34.86
C GLY D 99 2.88 13.60 -35.78
N GLU D 100 2.19 12.96 -36.72
CA GLU D 100 1.37 13.64 -37.71
C GLU D 100 0.41 14.66 -37.11
N ARG D 101 -0.21 14.31 -35.99
CA ARG D 101 -1.16 15.23 -35.36
C ARG D 101 -0.48 16.56 -35.07
N ALA D 102 0.66 16.50 -34.38
CA ALA D 102 1.39 17.72 -34.07
C ALA D 102 1.79 18.45 -35.36
N LYS D 103 2.22 17.68 -36.37
CA LYS D 103 2.63 18.24 -37.65
C LYS D 103 1.50 19.02 -38.28
N GLN D 104 0.34 18.40 -38.39
CA GLN D 104 -0.81 19.07 -38.97
C GLN D 104 -1.21 20.31 -38.17
N LEU D 105 -1.50 20.12 -36.89
CA LEU D 105 -1.93 21.22 -36.04
C LEU D 105 -0.96 22.40 -35.98
N ARG D 106 0.34 22.14 -35.89
CA ARG D 106 1.29 23.25 -35.83
C ARG D 106 1.35 24.07 -37.13
N ARG D 107 1.40 23.39 -38.27
CA ARG D 107 1.46 24.09 -39.56
C ARG D 107 0.21 24.95 -39.72
N PHE D 108 -0.96 24.36 -39.45
CA PHE D 108 -2.19 25.12 -39.55
C PHE D 108 -2.16 26.32 -38.59
N SER D 109 -1.87 26.05 -37.32
CA SER D 109 -1.83 27.11 -36.32
C SER D 109 -0.90 28.27 -36.66
N ILE D 110 0.33 27.96 -37.06
CA ILE D 110 1.26 29.03 -37.41
C ILE D 110 0.76 29.88 -38.56
N ALA D 111 0.18 29.24 -39.59
CA ALA D 111 -0.32 30.00 -40.73
C ALA D 111 -1.55 30.83 -40.39
N THR D 112 -2.44 30.27 -39.57
CA THR D 112 -3.66 30.97 -39.19
C THR D 112 -3.34 32.20 -38.33
N LEU D 113 -2.41 32.08 -37.39
CA LEU D 113 -2.03 33.21 -36.54
C LEU D 113 -1.50 34.34 -37.42
N ARG D 114 -0.90 33.95 -38.53
CA ARG D 114 -0.31 34.90 -39.47
C ARG D 114 -1.40 35.70 -40.18
N ASP D 115 -2.51 35.05 -40.49
CA ASP D 115 -3.62 35.72 -41.17
C ASP D 115 -4.32 36.74 -40.29
N PHE D 116 -4.34 36.51 -38.98
CA PHE D 116 -4.99 37.43 -38.06
C PHE D 116 -4.01 38.38 -37.39
N GLY D 117 -2.86 38.61 -38.05
CA GLY D 117 -1.85 39.49 -37.51
C GLY D 117 -0.59 38.73 -37.16
N VAL D 118 -0.15 38.88 -35.91
CA VAL D 118 1.04 38.20 -35.41
C VAL D 118 2.24 38.40 -36.36
N GLY D 119 3.18 39.23 -35.95
CA GLY D 119 4.36 39.47 -36.76
C GLY D 119 4.17 40.50 -37.88
N LYS D 120 3.01 41.16 -37.89
CA LYS D 120 2.71 42.17 -38.90
C LYS D 120 1.95 43.33 -38.25
N ARG D 121 1.66 44.38 -39.03
CA ARG D 121 0.95 45.53 -38.47
C ARG D 121 -0.47 45.23 -38.04
N GLY D 122 -1.07 44.19 -38.62
CA GLY D 122 -2.43 43.84 -38.27
C GLY D 122 -2.60 43.73 -36.76
N ILE D 123 -1.79 42.87 -36.15
CA ILE D 123 -1.85 42.65 -34.71
C ILE D 123 -1.19 43.79 -33.94
N GLU D 124 -0.19 44.42 -34.54
CA GLU D 124 0.49 45.51 -33.85
C GLU D 124 -0.51 46.56 -33.38
N GLU D 125 -1.36 47.02 -34.29
CA GLU D 125 -2.36 48.01 -33.92
C GLU D 125 -3.26 47.43 -32.84
N ARG D 126 -3.63 46.16 -32.98
CA ARG D 126 -4.49 45.51 -31.99
C ARG D 126 -3.83 45.52 -30.59
N ILE D 127 -2.50 45.39 -30.56
CA ILE D 127 -1.76 45.41 -29.30
C ILE D 127 -1.67 46.86 -28.84
N GLN D 128 -1.46 47.77 -29.80
CA GLN D 128 -1.37 49.17 -29.47
C GLN D 128 -2.65 49.64 -28.83
N GLU D 129 -3.78 49.25 -29.40
CA GLU D 129 -5.04 49.69 -28.82
C GLU D 129 -5.27 49.10 -27.43
N GLU D 130 -4.94 47.82 -27.26
CA GLU D 130 -5.15 47.21 -25.95
C GLU D 130 -4.27 47.91 -24.94
N ALA D 131 -3.08 48.32 -25.37
CA ALA D 131 -2.16 49.02 -24.49
C ALA D 131 -2.82 50.31 -24.01
N GLY D 132 -3.53 50.95 -24.94
CA GLY D 132 -4.22 52.19 -24.64
C GLY D 132 -5.23 51.94 -23.53
N PHE D 133 -5.96 50.83 -23.63
CA PHE D 133 -6.95 50.47 -22.61
C PHE D 133 -6.28 50.21 -21.27
N LEU D 134 -5.07 49.66 -21.31
CA LEU D 134 -4.33 49.39 -20.08
C LEU D 134 -3.94 50.72 -19.40
N ILE D 135 -3.40 51.65 -20.17
CA ILE D 135 -3.02 52.94 -19.60
C ILE D 135 -4.27 53.57 -18.99
N ASP D 136 -5.42 53.45 -19.67
CA ASP D 136 -6.63 54.02 -19.12
C ASP D 136 -7.04 53.34 -17.83
N ALA D 137 -6.92 52.01 -17.78
CA ALA D 137 -7.26 51.28 -16.56
C ALA D 137 -6.32 51.70 -15.43
N LEU D 138 -5.04 51.82 -15.76
CA LEU D 138 -4.05 52.25 -14.77
C LEU D 138 -4.33 53.69 -14.34
N ARG D 139 -4.54 54.61 -15.28
CA ARG D 139 -4.88 55.99 -14.91
C ARG D 139 -6.09 55.96 -13.97
N GLY D 140 -7.07 55.15 -14.31
CA GLY D 140 -8.29 55.02 -13.52
C GLY D 140 -8.08 54.69 -12.06
N THR D 141 -6.93 54.09 -11.74
CA THR D 141 -6.64 53.73 -10.34
C THR D 141 -6.25 55.00 -9.56
N GLY D 142 -5.91 56.05 -10.28
CA GLY D 142 -5.52 57.29 -9.61
C GLY D 142 -4.33 57.06 -8.69
N GLY D 143 -3.36 56.31 -9.23
CA GLY D 143 -2.14 56.03 -8.49
C GLY D 143 -2.32 55.30 -7.17
N ALA D 144 -3.45 54.66 -6.94
CA ALA D 144 -3.59 53.93 -5.69
C ALA D 144 -2.71 52.68 -5.71
N ASN D 145 -2.43 52.17 -4.51
CA ASN D 145 -1.60 50.99 -4.35
C ASN D 145 -2.48 49.79 -4.73
N ILE D 146 -2.11 49.07 -5.79
CA ILE D 146 -2.92 47.93 -6.23
C ILE D 146 -2.11 46.71 -6.69
N ASP D 147 -2.78 45.55 -6.75
CA ASP D 147 -2.17 44.31 -7.21
C ASP D 147 -2.34 44.37 -8.73
N PRO D 148 -1.25 44.47 -9.49
CA PRO D 148 -1.27 44.56 -10.96
C PRO D 148 -1.63 43.33 -11.77
N THR D 149 -1.66 42.18 -11.11
CA THR D 149 -1.93 40.89 -11.72
C THR D 149 -3.05 40.85 -12.75
N PHE D 150 -4.25 41.22 -12.35
CA PHE D 150 -5.33 41.15 -13.33
C PHE D 150 -5.43 42.30 -14.31
N PHE D 151 -4.81 43.43 -14.00
CA PHE D 151 -4.82 44.54 -14.95
C PHE D 151 -3.94 44.09 -16.12
N LEU D 152 -2.84 43.42 -15.80
CA LEU D 152 -1.92 42.95 -16.83
C LEU D 152 -2.48 41.74 -17.57
N SER D 153 -3.02 40.78 -16.83
CA SER D 153 -3.53 39.59 -17.49
C SER D 153 -4.77 39.84 -18.35
N ARG D 154 -5.64 40.77 -17.96
CA ARG D 154 -6.81 41.09 -18.80
C ARG D 154 -6.31 41.67 -20.13
N THR D 155 -5.31 42.56 -20.03
CA THR D 155 -4.74 43.20 -21.21
C THR D 155 -4.05 42.22 -22.13
N VAL D 156 -3.21 41.37 -21.57
CA VAL D 156 -2.49 40.38 -22.38
C VAL D 156 -3.47 39.40 -23.02
N SER D 157 -4.39 38.89 -22.21
CA SER D 157 -5.35 37.91 -22.69
C SER D 157 -6.21 38.41 -23.83
N ASN D 158 -6.56 39.69 -23.80
CA ASN D 158 -7.39 40.23 -24.87
C ASN D 158 -6.70 40.16 -26.23
N VAL D 159 -5.37 40.21 -26.26
CA VAL D 159 -4.69 40.11 -27.54
C VAL D 159 -4.95 38.74 -28.16
N ILE D 160 -4.54 37.68 -27.46
CA ILE D 160 -4.72 36.34 -27.99
C ILE D 160 -6.21 36.05 -28.18
N SER D 161 -7.05 36.53 -27.26
CA SER D 161 -8.49 36.34 -27.36
C SER D 161 -9.08 36.97 -28.63
N SER D 162 -8.57 38.13 -29.01
CA SER D 162 -9.06 38.80 -30.22
C SER D 162 -8.83 37.86 -31.38
N ILE D 163 -7.64 37.27 -31.40
CA ILE D 163 -7.24 36.34 -32.44
C ILE D 163 -8.06 35.05 -32.48
N VAL D 164 -8.28 34.45 -31.33
CA VAL D 164 -9.00 33.18 -31.29
C VAL D 164 -10.52 33.28 -31.25
N PHE D 165 -11.06 34.30 -30.58
CA PHE D 165 -12.52 34.41 -30.50
C PHE D 165 -13.11 35.47 -31.43
N GLY D 166 -12.28 36.35 -31.99
CA GLY D 166 -12.80 37.36 -32.89
C GLY D 166 -12.65 38.78 -32.37
N ASP D 167 -12.89 38.97 -31.08
CA ASP D 167 -12.74 40.30 -30.49
C ASP D 167 -12.35 40.18 -29.03
N ARG D 168 -12.21 41.32 -28.37
CA ARG D 168 -11.79 41.35 -26.97
C ARG D 168 -12.91 41.21 -25.95
N PHE D 169 -12.51 41.02 -24.70
CA PHE D 169 -13.44 40.90 -23.58
C PHE D 169 -13.59 42.32 -22.99
N ASP D 170 -14.70 42.60 -22.31
CA ASP D 170 -14.88 43.89 -21.65
C ASP D 170 -14.13 43.74 -20.33
N TYR D 171 -13.34 44.72 -19.92
CA TYR D 171 -12.61 44.57 -18.67
C TYR D 171 -13.49 44.29 -17.45
N LYS D 172 -14.76 44.64 -17.54
CA LYS D 172 -15.67 44.42 -16.43
C LYS D 172 -16.30 43.03 -16.43
N ASP D 173 -16.15 42.32 -17.54
CA ASP D 173 -16.70 40.99 -17.68
C ASP D 173 -16.16 40.12 -16.53
N LYS D 174 -17.05 39.69 -15.64
CA LYS D 174 -16.63 38.88 -14.52
C LYS D 174 -16.32 37.43 -14.89
N GLU D 175 -16.87 36.98 -16.02
CA GLU D 175 -16.58 35.61 -16.47
C GLU D 175 -15.14 35.63 -16.97
N PHE D 176 -14.79 36.71 -17.65
CA PHE D 176 -13.45 36.93 -18.19
C PHE D 176 -12.46 36.92 -17.01
N LEU D 177 -12.87 37.47 -15.87
CA LEU D 177 -12.02 37.48 -14.68
C LEU D 177 -11.88 36.07 -14.13
N SER D 178 -12.97 35.30 -14.12
CA SER D 178 -12.87 33.94 -13.59
C SER D 178 -11.94 33.07 -14.44
N LEU D 179 -11.90 33.33 -15.75
CA LEU D 179 -11.06 32.56 -16.67
C LEU D 179 -9.59 32.85 -16.37
N LEU D 180 -9.30 34.13 -16.14
CA LEU D 180 -7.94 34.54 -15.85
C LEU D 180 -7.51 33.92 -14.53
N ARG D 181 -8.44 33.75 -13.59
CA ARG D 181 -8.10 33.15 -12.30
C ARG D 181 -7.81 31.64 -12.46
N MET D 182 -8.53 30.97 -13.35
CA MET D 182 -8.28 29.54 -13.60
C MET D 182 -6.86 29.35 -14.14
N MET D 183 -6.50 30.17 -15.12
CA MET D 183 -5.17 30.09 -15.72
C MET D 183 -4.10 30.36 -14.67
N LEU D 184 -4.30 31.43 -13.90
CA LEU D 184 -3.39 31.80 -12.85
C LEU D 184 -3.22 30.61 -11.92
N GLY D 185 -4.35 30.10 -11.41
CA GLY D 185 -4.35 28.95 -10.51
C GLY D 185 -3.62 27.72 -11.07
N ILE D 186 -3.81 27.43 -12.36
CA ILE D 186 -3.15 26.28 -12.95
C ILE D 186 -1.63 26.52 -13.07
N PHE D 187 -1.22 27.74 -13.43
CA PHE D 187 0.22 27.97 -13.52
C PHE D 187 0.81 27.83 -12.12
N GLN D 188 0.09 28.34 -11.11
CA GLN D 188 0.55 28.27 -9.72
C GLN D 188 0.64 26.82 -9.19
N PHE D 189 -0.43 26.07 -9.36
CA PHE D 189 -0.44 24.71 -8.89
C PHE D 189 0.71 23.89 -9.47
N THR D 190 0.92 23.96 -10.77
CA THR D 190 2.00 23.22 -11.42
C THR D 190 3.41 23.66 -11.01
N SER D 191 3.49 24.74 -10.25
CA SER D 191 4.80 25.19 -9.80
C SER D 191 4.93 24.96 -8.29
N THR D 192 3.94 24.30 -7.70
CA THR D 192 3.99 24.04 -6.25
C THR D 192 4.58 22.68 -6.02
N SER D 193 4.89 22.39 -4.77
CA SER D 193 5.45 21.11 -4.42
C SER D 193 4.49 19.97 -4.81
N THR D 194 3.19 20.14 -4.51
CA THR D 194 2.21 19.13 -4.83
C THR D 194 2.10 18.95 -6.35
N GLY D 195 2.16 20.06 -7.07
CA GLY D 195 2.10 19.96 -8.52
C GLY D 195 3.30 19.19 -9.10
N GLN D 196 4.47 19.32 -8.45
CA GLN D 196 5.67 18.62 -8.93
C GLN D 196 5.66 17.17 -8.45
N LEU D 197 5.03 16.92 -7.30
CA LEU D 197 4.88 15.56 -6.81
C LEU D 197 3.95 14.87 -7.81
N TYR D 198 2.94 15.61 -8.26
CA TYR D 198 1.97 15.04 -9.23
C TYR D 198 2.62 14.57 -10.55
N GLU D 199 3.70 15.22 -10.95
CA GLU D 199 4.41 14.83 -12.17
C GLU D 199 5.04 13.47 -12.00
N MET D 200 5.39 13.16 -10.75
CA MET D 200 5.97 11.89 -10.39
C MET D 200 4.95 10.76 -10.16
N PHE D 201 3.84 11.10 -9.51
CA PHE D 201 2.87 10.09 -9.09
C PHE D 201 1.43 10.21 -9.59
N SER D 202 1.24 10.81 -10.75
CA SER D 202 -0.08 11.01 -11.31
C SER D 202 -0.97 9.75 -11.38
N SER D 203 -0.35 8.60 -11.68
CA SER D 203 -1.09 7.34 -11.82
C SER D 203 -1.93 7.04 -10.59
N VAL D 204 -1.43 7.46 -9.43
CA VAL D 204 -2.13 7.27 -8.20
C VAL D 204 -2.88 8.55 -7.81
N MET D 205 -2.13 9.66 -7.72
CA MET D 205 -2.70 10.92 -7.30
C MET D 205 -3.93 11.42 -8.06
N LYS D 206 -4.06 11.11 -9.35
CA LYS D 206 -5.24 11.58 -10.07
C LYS D 206 -6.51 10.99 -9.47
N HIS D 207 -6.37 9.93 -8.68
CA HIS D 207 -7.54 9.30 -8.03
C HIS D 207 -7.69 9.72 -6.57
N LEU D 208 -6.78 10.55 -6.09
CA LEU D 208 -6.85 10.96 -4.70
C LEU D 208 -7.34 12.39 -4.51
N PRO D 209 -7.85 12.70 -3.32
CA PRO D 209 -8.34 14.03 -2.95
C PRO D 209 -7.07 14.86 -2.74
N GLY D 210 -7.13 16.15 -3.06
CA GLY D 210 -5.97 17.01 -2.86
C GLY D 210 -5.97 18.20 -3.80
N PRO D 211 -5.00 19.11 -3.68
CA PRO D 211 -4.92 20.29 -4.56
C PRO D 211 -5.01 19.94 -6.05
N GLN D 212 -4.55 18.75 -6.46
CA GLN D 212 -4.64 18.35 -7.87
C GLN D 212 -6.07 18.42 -8.36
N GLN D 213 -6.99 17.93 -7.55
CA GLN D 213 -8.40 17.93 -7.95
C GLN D 213 -8.89 19.34 -8.21
N GLN D 214 -8.48 20.28 -7.37
CA GLN D 214 -8.89 21.67 -7.59
C GLN D 214 -8.31 22.16 -8.91
N ALA D 215 -7.06 21.80 -9.19
CA ALA D 215 -6.41 22.20 -10.43
C ALA D 215 -7.14 21.60 -11.65
N PHE D 216 -7.56 20.34 -11.56
CA PHE D 216 -8.27 19.73 -12.71
C PHE D 216 -9.57 20.47 -12.93
N GLN D 217 -10.23 20.87 -11.85
CA GLN D 217 -11.48 21.59 -12.01
C GLN D 217 -11.24 22.90 -12.76
N LEU D 218 -10.12 23.56 -12.46
CA LEU D 218 -9.82 24.81 -13.17
C LEU D 218 -9.63 24.49 -14.67
N LEU D 219 -8.89 23.42 -14.98
CA LEU D 219 -8.70 23.01 -16.37
C LEU D 219 -10.04 22.70 -17.00
N GLN D 220 -10.91 22.07 -16.22
CA GLN D 220 -12.25 21.71 -16.70
C GLN D 220 -13.03 22.97 -17.03
N GLY D 221 -12.90 23.98 -16.17
CA GLY D 221 -13.60 25.24 -16.38
C GLY D 221 -13.15 25.91 -17.67
N LEU D 222 -11.83 25.90 -17.91
CA LEU D 222 -11.28 26.50 -19.11
C LEU D 222 -11.78 25.76 -20.35
N GLU D 223 -11.77 24.42 -20.31
CA GLU D 223 -12.26 23.65 -21.44
C GLU D 223 -13.75 23.91 -21.74
N ASP D 224 -14.57 23.91 -20.68
CA ASP D 224 -16.01 24.13 -20.86
C ASP D 224 -16.24 25.44 -21.60
N PHE D 225 -15.51 26.49 -21.21
CA PHE D 225 -15.65 27.79 -21.85
C PHE D 225 -15.38 27.73 -23.34
N ILE D 226 -14.21 27.19 -23.71
CA ILE D 226 -13.84 27.09 -25.11
C ILE D 226 -14.89 26.32 -25.88
N ALA D 227 -15.32 25.18 -25.34
CA ALA D 227 -16.33 24.35 -26.00
C ALA D 227 -17.58 25.18 -26.33
N LYS D 228 -18.06 25.94 -25.34
CA LYS D 228 -19.23 26.78 -25.50
C LYS D 228 -19.00 27.83 -26.60
N LYS D 229 -17.80 28.38 -26.65
CA LYS D 229 -17.46 29.38 -27.66
C LYS D 229 -17.46 28.75 -29.05
N VAL D 230 -16.92 27.54 -29.12
CA VAL D 230 -16.86 26.80 -30.38
C VAL D 230 -18.28 26.58 -30.92
N GLU D 231 -19.18 26.11 -30.06
CA GLU D 231 -20.56 25.87 -30.49
C GLU D 231 -21.13 27.14 -31.10
N HIS D 232 -21.09 28.23 -30.33
CA HIS D 232 -21.61 29.50 -30.82
C HIS D 232 -21.02 29.87 -32.17
N ASN D 233 -19.70 29.85 -32.29
CA ASN D 233 -19.07 30.19 -33.55
C ASN D 233 -19.59 29.30 -34.66
N GLN D 234 -19.85 28.05 -34.33
CA GLN D 234 -20.35 27.08 -35.31
C GLN D 234 -21.70 27.51 -35.89
N ARG D 235 -22.62 27.89 -35.02
CA ARG D 235 -23.94 28.30 -35.44
C ARG D 235 -23.94 29.46 -36.43
N THR D 236 -23.00 30.38 -36.30
CA THR D 236 -22.91 31.53 -37.19
C THR D 236 -21.76 31.52 -38.19
N LEU D 237 -21.20 30.34 -38.44
CA LEU D 237 -20.08 30.23 -39.36
C LEU D 237 -20.40 30.68 -40.79
N ASP D 238 -19.59 31.62 -41.30
CA ASP D 238 -19.74 32.12 -42.66
C ASP D 238 -18.50 31.63 -43.40
N PRO D 239 -18.51 30.35 -43.81
CA PRO D 239 -17.40 29.72 -44.53
C PRO D 239 -16.64 30.64 -45.49
N ASN D 240 -17.29 31.69 -45.95
CA ASN D 240 -16.64 32.61 -46.89
C ASN D 240 -15.77 33.67 -46.25
N SER D 241 -16.00 33.94 -44.97
CA SER D 241 -15.20 34.94 -44.27
C SER D 241 -15.09 34.60 -42.78
N PRO D 242 -14.03 33.86 -42.39
CA PRO D 242 -13.82 33.47 -40.99
C PRO D 242 -13.65 34.70 -40.12
N ARG D 243 -14.16 34.63 -38.91
CA ARG D 243 -14.05 35.76 -38.00
C ARG D 243 -12.77 35.66 -37.21
N ASP D 244 -12.36 34.43 -36.92
CA ASP D 244 -11.21 34.16 -36.07
C ASP D 244 -10.59 32.77 -36.29
N PHE D 245 -9.67 32.42 -35.40
CA PHE D 245 -8.96 31.15 -35.43
C PHE D 245 -9.95 30.00 -35.38
N ILE D 246 -10.90 30.06 -34.46
CA ILE D 246 -11.90 29.00 -34.33
C ILE D 246 -12.61 28.79 -35.68
N ASP D 247 -13.06 29.87 -36.32
CA ASP D 247 -13.75 29.75 -37.61
C ASP D 247 -12.88 29.09 -38.67
N SER D 248 -11.67 29.58 -38.83
CA SER D 248 -10.76 29.02 -39.82
C SER D 248 -10.57 27.53 -39.65
N PHE D 249 -10.51 27.08 -38.39
CA PHE D 249 -10.34 25.67 -38.05
C PHE D 249 -11.63 24.91 -38.38
N LEU D 250 -12.77 25.53 -38.11
CA LEU D 250 -14.07 24.93 -38.40
C LEU D 250 -14.20 24.71 -39.90
N ILE D 251 -13.69 25.68 -40.66
CA ILE D 251 -13.72 25.62 -42.12
C ILE D 251 -12.89 24.43 -42.58
N ARG D 252 -11.64 24.38 -42.12
CA ARG D 252 -10.74 23.29 -42.46
C ARG D 252 -11.42 21.99 -42.12
N MET D 253 -12.05 21.96 -40.95
CA MET D 253 -12.77 20.76 -40.50
C MET D 253 -13.77 20.28 -41.53
N GLN D 254 -14.53 21.19 -42.14
CA GLN D 254 -15.51 20.80 -43.14
C GLN D 254 -14.84 20.24 -44.39
N GLU D 255 -13.81 20.93 -44.86
CA GLU D 255 -13.07 20.51 -46.04
C GLU D 255 -12.41 19.14 -45.83
N GLU D 256 -12.32 18.72 -44.57
CA GLU D 256 -11.69 17.45 -44.21
C GLU D 256 -12.67 16.35 -43.85
N GLU D 257 -13.96 16.64 -43.92
CA GLU D 257 -14.95 15.63 -43.56
C GLU D 257 -14.79 14.35 -44.37
N LYS D 258 -14.24 14.47 -45.58
CA LYS D 258 -14.06 13.33 -46.47
C LYS D 258 -12.76 12.54 -46.23
N ASN D 259 -12.13 12.78 -45.09
CA ASN D 259 -10.88 12.10 -44.74
C ASN D 259 -10.98 11.53 -43.33
N PRO D 260 -11.16 10.21 -43.24
CA PRO D 260 -11.28 9.50 -41.95
C PRO D 260 -10.00 9.49 -41.14
N ASN D 261 -8.93 10.08 -41.69
CA ASN D 261 -7.66 10.12 -40.99
C ASN D 261 -7.24 11.54 -40.67
N THR D 262 -8.15 12.49 -40.87
CA THR D 262 -7.83 13.89 -40.60
C THR D 262 -7.67 14.23 -39.12
N GLU D 263 -6.73 15.12 -38.83
CA GLU D 263 -6.45 15.57 -37.47
C GLU D 263 -7.31 16.81 -37.18
N PHE D 264 -8.09 17.21 -38.19
CA PHE D 264 -8.94 18.38 -38.06
C PHE D 264 -10.34 17.99 -37.67
N TYR D 265 -10.59 17.95 -36.37
CA TYR D 265 -11.89 17.58 -35.86
C TYR D 265 -12.09 18.17 -34.47
N LEU D 266 -13.34 18.45 -34.13
CA LEU D 266 -13.72 19.07 -32.85
C LEU D 266 -12.72 19.05 -31.68
N LYS D 267 -12.39 17.87 -31.17
CA LYS D 267 -11.49 17.80 -30.02
C LYS D 267 -10.15 18.49 -30.24
N ASN D 268 -9.54 18.34 -31.41
CA ASN D 268 -8.26 19.01 -31.66
C ASN D 268 -8.43 20.51 -31.75
N LEU D 269 -9.62 20.96 -32.17
CA LEU D 269 -9.92 22.39 -32.28
C LEU D 269 -10.03 22.99 -30.88
N VAL D 270 -10.87 22.35 -30.07
CA VAL D 270 -11.10 22.78 -28.71
C VAL D 270 -9.80 22.81 -27.92
N MET D 271 -8.99 21.76 -28.04
CA MET D 271 -7.73 21.67 -27.34
C MET D 271 -6.65 22.63 -27.83
N THR D 272 -6.58 22.87 -29.13
CA THR D 272 -5.61 23.79 -29.70
C THR D 272 -5.95 25.22 -29.32
N THR D 273 -7.24 25.51 -29.28
CA THR D 273 -7.73 26.83 -28.92
C THR D 273 -7.34 27.09 -27.47
N LEU D 274 -7.58 26.09 -26.63
CA LEU D 274 -7.25 26.18 -25.22
C LEU D 274 -5.74 26.35 -25.04
N ASN D 275 -4.97 25.62 -25.85
CA ASN D 275 -3.51 25.71 -25.84
C ASN D 275 -3.11 27.16 -26.07
N LEU D 276 -3.69 27.74 -27.11
CA LEU D 276 -3.40 29.11 -27.50
C LEU D 276 -3.87 30.14 -26.49
N PHE D 277 -5.04 29.91 -25.92
CA PHE D 277 -5.63 30.82 -24.94
C PHE D 277 -4.79 30.87 -23.69
N ILE D 278 -4.41 29.70 -23.18
CA ILE D 278 -3.61 29.61 -21.95
C ILE D 278 -2.19 30.06 -22.26
N GLY D 279 -1.61 29.49 -23.29
CA GLY D 279 -0.25 29.83 -23.63
C GLY D 279 0.01 31.27 -24.00
N GLY D 280 -0.96 31.88 -24.67
CA GLY D 280 -0.76 33.25 -25.09
C GLY D 280 -1.11 34.25 -24.02
N THR D 281 -1.60 33.75 -22.90
CA THR D 281 -2.00 34.59 -21.78
C THR D 281 -1.06 34.56 -20.58
N GLU D 282 -1.03 33.43 -19.89
CA GLU D 282 -0.25 33.31 -18.67
C GLU D 282 1.26 33.58 -18.73
N THR D 283 1.92 33.19 -19.81
CA THR D 283 3.36 33.42 -19.97
C THR D 283 3.72 34.88 -20.12
N VAL D 284 3.05 35.60 -21.03
CA VAL D 284 3.35 37.01 -21.21
C VAL D 284 2.97 37.79 -19.92
N SER D 285 1.82 37.42 -19.35
CA SER D 285 1.29 38.05 -18.14
C SER D 285 2.28 37.93 -16.99
N THR D 286 2.80 36.73 -16.82
CA THR D 286 3.76 36.47 -15.76
C THR D 286 5.02 37.26 -16.02
N THR D 287 5.45 37.30 -17.28
CA THR D 287 6.66 38.05 -17.63
C THR D 287 6.54 39.54 -17.32
N LEU D 288 5.41 40.12 -17.68
CA LEU D 288 5.16 41.53 -17.43
C LEU D 288 5.10 41.78 -15.93
N ARG D 289 4.39 40.91 -15.22
CA ARG D 289 4.27 41.10 -13.78
C ARG D 289 5.64 41.07 -13.09
N TYR D 290 6.49 40.13 -13.50
CA TYR D 290 7.81 40.02 -12.92
C TYR D 290 8.66 41.22 -13.32
N GLY D 291 8.51 41.67 -14.57
CA GLY D 291 9.28 42.81 -15.06
C GLY D 291 9.04 44.11 -14.30
N PHE D 292 7.78 44.38 -13.95
CA PHE D 292 7.50 45.61 -13.21
C PHE D 292 8.05 45.50 -11.80
N LEU D 293 8.02 44.30 -11.23
CA LEU D 293 8.56 44.15 -9.89
C LEU D 293 10.08 44.33 -9.91
N LEU D 294 10.70 43.97 -11.04
CA LEU D 294 12.15 44.09 -11.18
C LEU D 294 12.54 45.57 -11.31
N LEU D 295 11.71 46.33 -12.00
CA LEU D 295 11.95 47.76 -12.19
C LEU D 295 11.91 48.55 -10.88
N MET D 296 11.00 48.21 -9.98
CA MET D 296 10.92 48.92 -8.72
C MET D 296 12.08 48.53 -7.81
N LYS D 297 12.60 47.31 -8.00
CA LYS D 297 13.72 46.85 -7.21
C LYS D 297 14.97 47.61 -7.69
N HIS D 298 15.00 47.94 -8.97
CA HIS D 298 16.14 48.65 -9.54
C HIS D 298 15.74 50.05 -10.06
N PRO D 299 15.52 51.01 -9.12
CA PRO D 299 15.13 52.37 -9.50
C PRO D 299 16.03 52.93 -10.59
N GLU D 300 17.33 52.74 -10.42
CA GLU D 300 18.29 53.22 -11.42
C GLU D 300 18.02 52.72 -12.83
N VAL D 301 17.48 51.51 -12.98
CA VAL D 301 17.19 50.98 -14.31
C VAL D 301 15.89 51.59 -14.84
N GLU D 302 14.95 51.87 -13.93
CA GLU D 302 13.70 52.47 -14.35
C GLU D 302 14.04 53.85 -14.95
N ALA D 303 14.76 54.65 -14.17
CA ALA D 303 15.17 55.97 -14.59
C ALA D 303 15.83 55.92 -15.98
N LYS D 304 16.72 54.96 -16.17
CA LYS D 304 17.42 54.80 -17.45
C LYS D 304 16.44 54.60 -18.58
N VAL D 305 15.42 53.79 -18.34
CA VAL D 305 14.42 53.51 -19.36
C VAL D 305 13.57 54.72 -19.71
N HIS D 306 13.26 55.54 -18.70
CA HIS D 306 12.49 56.75 -18.94
C HIS D 306 13.28 57.65 -19.88
N GLU D 307 14.54 57.90 -19.50
CA GLU D 307 15.43 58.76 -20.28
C GLU D 307 15.41 58.39 -21.76
N GLU D 308 15.47 57.10 -22.05
CA GLU D 308 15.48 56.66 -23.45
C GLU D 308 14.12 56.78 -24.13
N ILE D 309 13.05 56.47 -23.40
CA ILE D 309 11.72 56.55 -24.00
C ILE D 309 11.37 57.99 -24.33
N ASP D 310 11.66 58.89 -23.40
CA ASP D 310 11.38 60.29 -23.63
C ASP D 310 12.22 60.77 -24.81
N ARG D 311 13.53 60.53 -24.73
CA ARG D 311 14.45 60.93 -25.78
C ARG D 311 14.16 60.35 -27.16
N VAL D 312 13.71 59.12 -27.22
CA VAL D 312 13.44 58.48 -28.51
C VAL D 312 11.98 58.51 -28.94
N ILE D 313 11.07 58.30 -27.99
CA ILE D 313 9.65 58.27 -28.30
C ILE D 313 8.89 59.57 -28.01
N GLY D 314 8.96 60.04 -26.77
CA GLY D 314 8.29 61.26 -26.42
C GLY D 314 7.24 61.09 -25.35
N LYS D 315 6.21 61.94 -25.40
CA LYS D 315 5.14 61.89 -24.42
C LYS D 315 3.78 61.91 -25.09
N ASN D 316 3.75 61.94 -26.42
CA ASN D 316 2.49 61.98 -27.14
C ASN D 316 2.26 60.77 -28.02
N ARG D 317 3.21 60.52 -28.92
CA ARG D 317 3.11 59.38 -29.84
C ARG D 317 3.20 58.06 -29.09
N GLN D 318 2.26 57.16 -29.35
CA GLN D 318 2.30 55.86 -28.69
C GLN D 318 3.33 55.00 -29.43
N PRO D 319 4.14 54.23 -28.68
CA PRO D 319 5.17 53.37 -29.26
C PRO D 319 4.63 52.44 -30.35
N LYS D 320 5.44 52.20 -31.37
CA LYS D 320 5.09 51.30 -32.46
C LYS D 320 6.22 50.28 -32.34
N PHE D 321 6.06 49.08 -32.87
CA PHE D 321 7.12 48.09 -32.73
C PHE D 321 8.49 48.62 -33.24
N GLU D 322 8.44 49.50 -34.23
CA GLU D 322 9.65 50.08 -34.80
C GLU D 322 10.59 50.73 -33.78
N ASP D 323 10.03 51.46 -32.82
CA ASP D 323 10.82 52.16 -31.81
C ASP D 323 11.84 51.34 -31.02
N ARG D 324 11.91 50.04 -31.32
CA ARG D 324 12.84 49.16 -30.61
C ARG D 324 14.26 49.29 -31.16
N ALA D 325 14.36 49.43 -32.48
CA ALA D 325 15.65 49.57 -33.13
C ALA D 325 16.44 50.73 -32.54
N LYS D 326 15.74 51.71 -31.98
CA LYS D 326 16.38 52.88 -31.40
C LYS D 326 16.43 52.89 -29.87
N MET D 327 15.96 51.81 -29.25
CA MET D 327 15.96 51.75 -27.80
C MET D 327 16.72 50.52 -27.29
N PRO D 328 18.05 50.51 -27.48
CA PRO D 328 18.89 49.38 -27.05
C PRO D 328 18.79 49.08 -25.56
N TYR D 329 18.61 50.10 -24.72
CA TYR D 329 18.51 49.83 -23.29
C TYR D 329 17.17 49.17 -22.92
N MET D 330 16.12 49.46 -23.68
CA MET D 330 14.80 48.86 -23.41
C MET D 330 14.86 47.39 -23.79
N GLU D 331 15.36 47.10 -25.00
CA GLU D 331 15.51 45.72 -25.43
C GLU D 331 16.39 44.99 -24.40
N ALA D 332 17.42 45.66 -23.92
CA ALA D 332 18.28 45.06 -22.91
C ALA D 332 17.45 44.70 -21.68
N VAL D 333 16.65 45.64 -21.19
CA VAL D 333 15.82 45.40 -20.03
C VAL D 333 14.77 44.28 -20.25
N ILE D 334 14.15 44.24 -21.43
CA ILE D 334 13.13 43.23 -21.70
C ILE D 334 13.76 41.85 -21.72
N HIS D 335 14.84 41.69 -22.49
CA HIS D 335 15.58 40.43 -22.55
C HIS D 335 16.07 40.04 -21.15
N GLU D 336 16.56 41.00 -20.37
CA GLU D 336 17.05 40.70 -19.03
C GLU D 336 15.87 40.36 -18.10
N ILE D 337 14.68 40.85 -18.43
CA ILE D 337 13.55 40.50 -17.61
C ILE D 337 13.20 39.05 -17.97
N GLN D 338 13.16 38.74 -19.25
CA GLN D 338 12.88 37.38 -19.69
C GLN D 338 13.95 36.41 -19.19
N ARG D 339 15.22 36.78 -19.31
CA ARG D 339 16.31 35.91 -18.85
C ARG D 339 16.24 35.65 -17.34
N PHE D 340 16.01 36.70 -16.57
CA PHE D 340 15.96 36.60 -15.12
C PHE D 340 14.70 35.91 -14.58
N GLY D 341 13.58 36.18 -15.23
CA GLY D 341 12.31 35.61 -14.83
C GLY D 341 12.21 34.14 -15.15
N ASP D 342 12.96 33.67 -16.14
CA ASP D 342 12.99 32.27 -16.53
C ASP D 342 11.60 31.68 -16.29
N VAL D 343 10.61 32.18 -17.03
CA VAL D 343 9.23 31.77 -16.84
C VAL D 343 8.84 30.28 -16.94
N ILE D 344 9.47 29.54 -17.86
CA ILE D 344 9.23 28.10 -18.02
C ILE D 344 10.67 27.54 -17.91
N PRO D 345 11.15 27.37 -16.67
CA PRO D 345 12.50 26.89 -16.36
C PRO D 345 12.96 25.52 -16.86
N MET D 346 12.00 24.61 -17.07
CA MET D 346 12.33 23.29 -17.59
C MET D 346 11.61 23.03 -18.93
N SER D 347 11.19 24.12 -19.59
CA SER D 347 10.53 24.05 -20.89
C SER D 347 9.31 23.14 -20.76
N LEU D 348 8.86 22.64 -21.90
CA LEU D 348 7.81 21.66 -21.96
C LEU D 348 8.69 20.44 -22.30
N ALA D 349 8.53 19.32 -21.61
CA ALA D 349 9.36 18.16 -21.90
C ALA D 349 9.31 17.69 -23.36
N ARG D 350 10.46 17.22 -23.86
CA ARG D 350 10.55 16.68 -25.21
C ARG D 350 10.61 15.16 -25.04
N ARG D 351 10.80 14.44 -26.14
CA ARG D 351 10.89 12.97 -26.13
C ARG D 351 11.66 12.54 -27.39
N VAL D 352 12.64 11.63 -27.28
CA VAL D 352 13.40 11.22 -28.47
C VAL D 352 12.51 10.39 -29.40
N LYS D 353 12.47 10.77 -30.66
CA LYS D 353 11.63 10.10 -31.67
C LYS D 353 12.00 8.64 -31.99
N LYS D 354 13.26 8.27 -31.79
CA LYS D 354 13.74 6.90 -32.05
C LYS D 354 15.01 6.67 -31.24
N ASP D 355 15.53 5.45 -31.23
CA ASP D 355 16.77 5.20 -30.50
C ASP D 355 17.71 6.27 -30.99
N THR D 356 18.38 6.94 -30.07
CA THR D 356 19.27 8.03 -30.42
C THR D 356 20.61 7.96 -29.68
N LYS D 357 21.68 8.34 -30.38
CA LYS D 357 22.99 8.40 -29.74
C LYS D 357 23.20 9.87 -29.49
N PHE D 358 23.48 10.23 -28.24
CA PHE D 358 23.71 11.62 -27.89
C PHE D 358 24.96 11.59 -27.08
N ARG D 359 25.98 12.29 -27.58
CA ARG D 359 27.28 12.28 -26.92
C ARG D 359 27.66 10.82 -26.74
N ASP D 360 28.20 10.45 -25.59
CA ASP D 360 28.58 9.05 -25.41
C ASP D 360 27.42 8.25 -24.83
N PHE D 361 26.20 8.70 -25.05
CA PHE D 361 25.07 7.99 -24.47
C PHE D 361 24.09 7.41 -25.48
N PHE D 362 23.26 6.47 -25.02
CA PHE D 362 22.27 5.87 -25.87
C PHE D 362 20.92 6.17 -25.23
N LEU D 363 20.03 6.80 -26.01
CA LEU D 363 18.71 7.12 -25.50
C LEU D 363 17.66 6.32 -26.26
N PRO D 364 17.01 5.36 -25.56
CA PRO D 364 15.97 4.49 -26.13
C PRO D 364 14.83 5.32 -26.69
N LYS D 365 14.28 4.88 -27.81
CA LYS D 365 13.16 5.57 -28.42
C LYS D 365 12.08 5.80 -27.36
N GLY D 366 11.55 7.02 -27.30
CA GLY D 366 10.50 7.33 -26.34
C GLY D 366 11.00 7.89 -25.02
N THR D 367 12.31 7.95 -24.84
CA THR D 367 12.88 8.50 -23.63
C THR D 367 12.47 9.97 -23.46
N GLU D 368 11.93 10.33 -22.30
CA GLU D 368 11.50 11.71 -22.06
C GLU D 368 12.71 12.59 -21.80
N VAL D 369 12.64 13.85 -22.21
CA VAL D 369 13.76 14.77 -22.04
C VAL D 369 13.37 16.11 -21.47
N TYR D 370 14.16 16.55 -20.49
CA TYR D 370 13.93 17.84 -19.84
C TYR D 370 14.97 18.88 -20.25
N PRO D 371 14.65 19.79 -21.19
CA PRO D 371 15.67 20.81 -21.54
C PRO D 371 15.60 21.89 -20.45
N MET D 372 16.63 21.96 -19.61
CA MET D 372 16.62 22.93 -18.53
C MET D 372 16.93 24.37 -18.96
N LEU D 373 15.97 25.01 -19.64
CA LEU D 373 16.13 26.37 -20.12
C LEU D 373 16.71 27.32 -19.09
N GLY D 374 16.23 27.20 -17.87
CA GLY D 374 16.72 28.06 -16.83
C GLY D 374 18.23 27.94 -16.65
N SER D 375 18.78 26.75 -16.88
CA SER D 375 20.22 26.56 -16.71
C SER D 375 20.97 27.19 -17.87
N VAL D 376 20.26 27.41 -18.98
CA VAL D 376 20.86 28.07 -20.13
C VAL D 376 20.81 29.58 -19.86
N LEU D 377 19.65 30.06 -19.42
CA LEU D 377 19.47 31.48 -19.12
C LEU D 377 20.43 31.95 -18.07
N ARG D 378 20.93 31.02 -17.25
CA ARG D 378 21.87 31.39 -16.21
C ARG D 378 23.23 30.71 -16.38
N ASP D 379 23.51 30.30 -17.61
CA ASP D 379 24.76 29.63 -17.92
C ASP D 379 25.85 30.69 -17.78
N PRO D 380 26.71 30.55 -16.76
CA PRO D 380 27.79 31.50 -16.49
C PRO D 380 28.82 31.73 -17.61
N SER D 381 28.82 30.89 -18.63
CA SER D 381 29.78 31.11 -19.71
C SER D 381 29.18 32.07 -20.72
N PHE D 382 28.00 32.59 -20.39
CA PHE D 382 27.32 33.56 -21.26
C PHE D 382 26.83 34.80 -20.50
N PHE D 383 26.86 34.77 -19.18
CA PHE D 383 26.40 35.90 -18.40
C PHE D 383 27.30 36.05 -17.16
N SER D 384 27.90 37.23 -17.00
CA SER D 384 28.83 37.49 -15.90
C SER D 384 28.23 37.37 -14.50
N ASN D 385 26.98 37.75 -14.35
CA ASN D 385 26.34 37.66 -13.06
C ASN D 385 24.94 37.14 -13.32
N PRO D 386 24.85 35.88 -13.78
CA PRO D 386 23.60 35.20 -14.11
C PRO D 386 22.59 35.26 -12.96
N GLN D 387 23.07 35.32 -11.73
CA GLN D 387 22.18 35.38 -10.59
C GLN D 387 21.68 36.80 -10.29
N ASP D 388 22.17 37.79 -11.05
CA ASP D 388 21.78 39.19 -10.82
C ASP D 388 20.97 39.77 -11.98
N PHE D 389 20.08 40.71 -11.66
CA PHE D 389 19.30 41.39 -12.69
C PHE D 389 20.26 42.48 -13.20
N ASN D 390 20.64 42.40 -14.47
CA ASN D 390 21.58 43.36 -15.02
C ASN D 390 21.48 43.44 -16.54
N PRO D 391 20.73 44.43 -17.05
CA PRO D 391 20.50 44.67 -18.47
C PRO D 391 21.76 44.73 -19.32
N GLN D 392 22.90 44.96 -18.68
CA GLN D 392 24.17 45.02 -19.41
C GLN D 392 24.50 43.65 -20.02
N HIS D 393 23.81 42.59 -19.58
CA HIS D 393 24.04 41.24 -20.11
C HIS D 393 23.76 41.23 -21.60
N PHE D 394 22.94 42.18 -22.04
CA PHE D 394 22.58 42.26 -23.45
C PHE D 394 23.01 43.61 -24.04
N LEU D 395 24.12 44.16 -23.56
CA LEU D 395 24.61 45.46 -24.05
C LEU D 395 26.11 45.53 -24.30
N ASN D 396 26.48 46.27 -25.36
CA ASN D 396 27.89 46.46 -25.71
C ASN D 396 28.58 47.37 -24.70
N GLU D 397 29.89 47.48 -24.83
CA GLU D 397 30.66 48.38 -23.98
C GLU D 397 30.30 49.75 -24.54
N LYS D 398 29.68 49.72 -25.72
CA LYS D 398 29.24 50.90 -26.44
C LYS D 398 27.84 51.33 -25.97
N GLY D 399 26.93 50.37 -25.90
CA GLY D 399 25.57 50.68 -25.49
C GLY D 399 24.60 50.16 -26.52
N GLN D 400 25.08 49.30 -27.40
CA GLN D 400 24.26 48.70 -28.45
C GLN D 400 23.75 47.36 -27.88
N PHE D 401 22.54 46.97 -28.24
CA PHE D 401 22.00 45.72 -27.76
C PHE D 401 22.80 44.53 -28.30
N LYS D 402 23.16 43.62 -27.39
CA LYS D 402 23.95 42.45 -27.74
C LYS D 402 23.23 41.11 -27.50
N LYS D 403 22.95 40.38 -28.58
CA LYS D 403 22.29 39.08 -28.49
C LYS D 403 23.11 38.06 -27.69
N SER D 404 22.50 36.89 -27.45
CA SER D 404 23.15 35.81 -26.72
C SER D 404 22.61 34.49 -27.25
N ASP D 405 23.49 33.54 -27.48
CA ASP D 405 23.07 32.24 -27.99
C ASP D 405 22.32 31.50 -26.87
N ALA D 406 22.55 31.94 -25.63
CA ALA D 406 21.94 31.34 -24.45
C ALA D 406 20.60 31.98 -24.01
N PHE D 407 20.07 32.91 -24.80
CA PHE D 407 18.78 33.52 -24.46
C PHE D 407 17.77 32.60 -25.13
N VAL D 408 17.26 31.64 -24.38
CA VAL D 408 16.32 30.66 -24.92
C VAL D 408 14.99 30.50 -24.16
N PRO D 409 14.39 31.60 -23.68
CA PRO D 409 13.12 31.48 -22.93
C PRO D 409 11.97 30.86 -23.71
N PHE D 410 12.07 30.90 -25.04
CA PHE D 410 11.04 30.34 -25.92
C PHE D 410 11.55 28.99 -26.40
N SER D 411 12.66 28.55 -25.83
CA SER D 411 13.30 27.30 -26.19
C SER D 411 13.85 27.36 -27.61
N ILE D 412 14.25 26.22 -28.13
CA ILE D 412 14.82 26.13 -29.47
C ILE D 412 14.50 24.79 -30.09
N GLY D 413 14.62 24.72 -31.41
CA GLY D 413 14.37 23.47 -32.06
C GLY D 413 13.07 23.37 -32.80
N LYS D 414 12.75 22.14 -33.15
CA LYS D 414 11.58 21.80 -33.92
C LYS D 414 10.23 22.06 -33.28
N ARG D 415 10.14 21.93 -31.95
CA ARG D 415 8.87 22.17 -31.27
C ARG D 415 8.94 23.45 -30.40
N ASN D 416 9.79 24.39 -30.82
CA ASN D 416 9.96 25.64 -30.10
C ASN D 416 8.68 26.46 -30.17
N CYS D 417 8.60 27.49 -29.34
CA CYS D 417 7.41 28.33 -29.28
C CYS D 417 7.16 29.10 -30.56
N PHE D 418 6.02 28.86 -31.22
CA PHE D 418 5.74 29.62 -32.42
C PHE D 418 4.91 30.84 -32.06
N GLY D 419 4.84 31.12 -30.76
CA GLY D 419 4.13 32.28 -30.29
C GLY D 419 5.15 33.37 -29.99
N GLU D 420 6.43 33.07 -30.20
CA GLU D 420 7.52 34.02 -29.90
C GLU D 420 7.30 35.40 -30.52
N GLY D 421 7.01 35.43 -31.81
CA GLY D 421 6.77 36.70 -32.48
C GLY D 421 5.72 37.53 -31.77
N LEU D 422 4.55 36.94 -31.56
CA LEU D 422 3.47 37.64 -30.89
C LEU D 422 3.94 38.11 -29.50
N ALA D 423 4.56 37.22 -28.75
CA ALA D 423 5.02 37.56 -27.39
C ALA D 423 6.04 38.69 -27.32
N ARG D 424 6.96 38.74 -28.28
CA ARG D 424 7.98 39.79 -28.32
C ARG D 424 7.31 41.14 -28.57
N MET D 425 6.36 41.15 -29.50
CA MET D 425 5.66 42.38 -29.84
C MET D 425 4.87 42.86 -28.63
N GLU D 426 4.18 41.94 -27.95
CA GLU D 426 3.39 42.30 -26.79
C GLU D 426 4.29 42.84 -25.71
N LEU D 427 5.39 42.15 -25.45
CA LEU D 427 6.32 42.61 -24.40
C LEU D 427 6.88 44.02 -24.66
N PHE D 428 7.41 44.26 -25.86
CA PHE D 428 7.96 45.57 -26.17
C PHE D 428 6.90 46.67 -26.11
N LEU D 429 5.75 46.43 -26.72
CA LEU D 429 4.68 47.41 -26.71
C LEU D 429 4.05 47.65 -25.33
N PHE D 430 3.74 46.61 -24.58
CA PHE D 430 3.14 46.84 -23.27
C PHE D 430 4.12 47.50 -22.28
N PHE D 431 5.39 47.05 -22.30
CA PHE D 431 6.42 47.62 -21.41
C PHE D 431 6.65 49.10 -21.73
N THR D 432 7.00 49.40 -22.98
CA THR D 432 7.28 50.77 -23.35
C THR D 432 6.07 51.67 -23.09
N THR D 433 4.91 51.28 -23.61
CA THR D 433 3.69 52.07 -23.42
C THR D 433 3.37 52.30 -21.95
N VAL D 434 3.66 51.33 -21.09
CA VAL D 434 3.37 51.54 -19.69
C VAL D 434 4.41 52.47 -19.07
N MET D 435 5.69 52.20 -19.34
CA MET D 435 6.75 53.03 -18.78
C MET D 435 6.66 54.46 -19.29
N GLN D 436 6.27 54.62 -20.55
CA GLN D 436 6.12 55.94 -21.15
C GLN D 436 5.14 56.81 -20.35
N ASN D 437 4.06 56.18 -19.91
CA ASN D 437 3.00 56.88 -19.18
C ASN D 437 3.10 56.94 -17.66
N PHE D 438 3.80 56.01 -17.04
CA PHE D 438 3.89 56.03 -15.59
C PHE D 438 5.28 55.74 -15.03
N ARG D 439 5.44 56.10 -13.75
CA ARG D 439 6.66 55.83 -13.02
C ARG D 439 6.16 54.88 -11.94
N LEU D 440 7.02 53.95 -11.52
CA LEU D 440 6.61 52.94 -10.54
C LEU D 440 6.98 53.19 -9.11
N LYS D 441 6.06 52.89 -8.22
CA LYS D 441 6.30 53.09 -6.81
C LYS D 441 5.71 51.93 -6.04
N SER D 442 6.57 51.20 -5.34
CA SER D 442 6.08 50.08 -4.57
C SER D 442 5.82 50.49 -3.15
N SER D 443 5.11 49.63 -2.44
CA SER D 443 4.76 49.90 -1.06
C SER D 443 5.92 49.64 -0.12
N GLN D 444 7.14 49.54 -0.65
CA GLN D 444 8.30 49.25 0.18
C GLN D 444 9.59 49.79 -0.44
N SER D 445 10.65 49.85 0.35
CA SER D 445 11.95 50.34 -0.11
C SER D 445 12.58 49.38 -1.12
N PRO D 446 13.21 49.91 -2.17
CA PRO D 446 13.85 49.09 -3.21
C PRO D 446 14.77 48.02 -2.62
N LYS D 447 15.18 48.24 -1.38
CA LYS D 447 16.06 47.32 -0.68
C LYS D 447 15.29 46.11 -0.16
N ASP D 448 14.10 46.35 0.40
CA ASP D 448 13.26 45.29 0.96
C ASP D 448 12.48 44.43 -0.05
N ILE D 449 12.38 44.88 -1.29
CA ILE D 449 11.63 44.12 -2.30
C ILE D 449 12.30 42.79 -2.64
N ASP D 450 11.58 41.69 -2.48
CA ASP D 450 12.10 40.35 -2.77
C ASP D 450 11.82 39.93 -4.21
N VAL D 451 12.86 39.91 -5.01
CA VAL D 451 12.75 39.53 -6.40
C VAL D 451 12.91 38.01 -6.63
N SER D 452 13.09 37.25 -5.55
CA SER D 452 13.22 35.80 -5.66
C SER D 452 11.81 35.24 -5.84
N PRO D 453 11.67 34.16 -6.63
CA PRO D 453 10.36 33.57 -6.87
C PRO D 453 9.63 33.00 -5.67
N LYS D 454 8.31 33.02 -5.76
CA LYS D 454 7.45 32.47 -4.72
C LYS D 454 7.35 30.96 -4.95
N HIS D 455 7.15 30.57 -6.22
CA HIS D 455 7.04 29.15 -6.59
C HIS D 455 7.86 28.89 -7.84
N VAL D 456 8.50 27.71 -7.90
CA VAL D 456 9.24 27.30 -9.10
C VAL D 456 9.02 25.81 -9.36
N GLY D 457 8.48 25.51 -10.52
CA GLY D 457 8.25 24.14 -10.90
C GLY D 457 8.08 24.18 -12.40
N PHE D 458 6.87 23.94 -12.87
CA PHE D 458 6.62 24.05 -14.28
C PHE D 458 6.98 25.50 -14.68
N ALA D 459 6.51 26.48 -13.90
CA ALA D 459 6.80 27.88 -14.18
C ALA D 459 7.50 28.53 -12.99
N THR D 460 7.92 29.78 -13.17
CA THR D 460 8.54 30.55 -12.08
C THR D 460 7.48 31.62 -11.76
N ILE D 461 7.05 31.67 -10.52
CA ILE D 461 6.02 32.61 -10.10
C ILE D 461 6.58 33.65 -9.15
N PRO D 462 6.51 34.94 -9.51
CA PRO D 462 7.04 35.96 -8.59
C PRO D 462 6.12 36.13 -7.39
N ARG D 463 6.66 36.60 -6.28
CA ARG D 463 5.87 36.82 -5.06
C ARG D 463 4.73 37.81 -5.27
N ASN D 464 3.70 37.71 -4.43
CA ASN D 464 2.56 38.60 -4.51
C ASN D 464 3.01 39.99 -4.09
N TYR D 465 2.52 41.01 -4.80
CA TYR D 465 2.89 42.38 -4.45
C TYR D 465 1.89 43.41 -4.97
N THR D 466 1.92 44.59 -4.33
CA THR D 466 1.08 45.71 -4.70
C THR D 466 2.00 46.84 -5.12
N MET D 467 1.48 47.80 -5.87
CA MET D 467 2.28 48.94 -6.32
C MET D 467 1.36 50.10 -6.76
N SER D 468 1.97 51.21 -7.15
CA SER D 468 1.23 52.37 -7.61
C SER D 468 1.83 52.79 -8.93
N PHE D 469 0.98 53.14 -9.90
CA PHE D 469 1.45 53.61 -11.21
C PHE D 469 1.23 55.13 -11.19
N LEU D 470 2.26 55.88 -10.83
CA LEU D 470 2.17 57.32 -10.71
C LEU D 470 2.33 58.03 -12.04
N PRO D 471 1.36 58.86 -12.43
CA PRO D 471 1.45 59.58 -13.70
C PRO D 471 2.76 60.33 -13.75
N ARG D 472 3.43 60.25 -14.89
CA ARG D 472 4.71 60.93 -15.09
C ARG D 472 4.51 62.42 -15.30
CHA HEM E . -11.32 -14.66 -27.03
CHB HEM E . -12.50 -18.54 -24.59
CHC HEM E . -9.86 -21.18 -27.51
CHD HEM E . -8.68 -17.27 -29.90
C1A HEM E . -11.98 -15.46 -26.12
C2A HEM E . -12.89 -15.04 -25.15
C3A HEM E . -13.23 -16.18 -24.44
C4A HEM E . -12.52 -17.23 -25.03
CMA HEM E . -14.23 -16.34 -23.22
CAA HEM E . -13.40 -13.62 -24.94
CBA HEM E . -14.64 -13.35 -25.78
CGA HEM E . -15.29 -12.00 -25.60
O1A HEM E . -16.51 -11.97 -25.57
O2A HEM E . -14.67 -10.96 -25.47
C1B HEM E . -11.93 -19.67 -25.13
C2B HEM E . -12.05 -20.98 -24.64
C3B HEM E . -11.27 -21.78 -25.51
C4B HEM E . -10.74 -20.86 -26.47
CMB HEM E . -12.87 -21.38 -23.40
CAB HEM E . -11.01 -23.19 -25.50
CBB HEM E . -11.62 -24.32 -24.72
C1C HEM E . -9.36 -20.40 -28.53
C2C HEM E . -8.50 -20.83 -29.52
C3C HEM E . -8.02 -19.69 -30.17
C4C HEM E . -8.66 -18.60 -29.51
CMC HEM E . -8.11 -22.31 -29.85
CAC HEM E . -7.15 -19.53 -31.20
CBC HEM E . -7.34 -19.77 -32.58
C1D HEM E . -9.29 -16.21 -29.34
C2D HEM E . -9.13 -14.88 -29.75
C3D HEM E . -9.93 -14.12 -28.97
C4D HEM E . -10.55 -15.02 -28.10
CMD HEM E . -8.21 -14.34 -30.89
CAD HEM E . -10.11 -12.58 -29.02
CBD HEM E . -11.28 -12.16 -29.97
CGD HEM E . -11.54 -10.65 -30.12
O1D HEM E . -12.08 -10.18 -31.13
O2D HEM E . -11.17 -9.89 -29.19
NA HEM E . -11.77 -16.79 -26.03
NB HEM E . -11.15 -19.62 -26.24
NC HEM E . -9.47 -19.07 -28.53
ND HEM E . -10.15 -16.27 -28.36
FE HEM E . -10.73 -17.97 -27.36
C1 8MO F . -5.44 -14.66 -23.61
C2 8MO F . -9.29 -17.05 -24.05
C3 8MO F . -8.74 -16.45 -22.99
C4 8MO F . -6.18 -14.99 -27.94
C5 8MO F . -3.24 -13.78 -25.23
C6 8MO F . -3.30 -13.47 -23.83
C7 8MO F . -4.34 -13.88 -23.07
C8 8MO F . -6.51 -15.10 -22.83
C9 8MO F . -7.53 -15.86 -23.44
C10 8MO F . -7.45 -16.14 -24.83
C11 8MO F . -6.41 -15.73 -25.65
C12 8MO F . -5.39 -14.97 -25.00
O1 8MO F . -4.29 -14.53 -25.77
O2 8MO F . -8.53 -16.88 -25.22
O3 8MO F . -6.36 -16.05 -27.01
O4 8MO F . -2.36 -13.45 -25.97
CHA HEM G . 12.73 -24.36 17.53
CHB HEM G . 14.59 -26.38 13.71
CHC HEM G . 12.39 -30.43 14.78
CHD HEM G . 10.43 -28.32 18.51
C1A HEM G . 13.60 -24.54 16.46
C2A HEM G . 14.47 -23.60 15.87
C3A HEM G . 15.01 -24.22 14.77
C4A HEM G . 14.47 -25.50 14.75
CMA HEM G . 16.04 -23.64 13.73
CAA HEM G . 14.74 -22.17 16.36
CBA HEM G . 15.89 -22.13 17.35
CGA HEM G . 16.27 -20.76 17.87
O1A HEM G . 17.44 -20.42 17.80
O2A HEM G . 15.46 -19.99 18.33
C1B HEM G . 14.26 -27.72 13.66
C2B HEM G . 14.59 -28.61 12.59
C3B HEM G . 13.88 -29.79 12.89
C4B HEM G . 13.19 -29.52 14.11
CMB HEM G . 15.52 -28.29 11.43
CAB HEM G . 13.82 -31.04 12.16
CBB HEM G . 14.67 -31.59 11.07
C1C HEM G . 11.73 -30.30 15.97
C2C HEM G . 10.95 -31.29 16.57
C3C HEM G . 10.28 -30.67 17.62
C4C HEM G . 10.72 -29.33 17.59
CMC HEM G . 10.84 -32.78 16.14
CAC HEM G . 9.39 -31.15 18.55
CBC HEM G . 9.61 -31.93 19.71
C1D HEM G . 10.95 -27.09 18.63
C2D HEM G . 10.58 -26.20 19.62
C3D HEM G . 11.26 -25.04 19.38
C4D HEM G . 12.01 -25.30 18.23
CMD HEM G . 9.59 -26.45 20.79
CAD HEM G . 11.21 -23.70 20.19
CBD HEM G . 12.32 -23.68 21.32
CGD HEM G . 12.43 -22.41 22.18
O1D HEM G . 12.99 -22.43 23.26
O2D HEM G . 11.95 -21.34 21.76
NA HEM G . 13.63 -25.70 15.75
NB HEM G . 13.44 -28.28 14.54
NC HEM G . 11.59 -29.13 16.59
ND HEM G . 11.81 -26.53 17.82
FE HEM G . 12.69 -27.45 16.22
C1 8MO H . 7.10 -23.42 14.05
C2 8MO H . 11.31 -25.03 13.58
C3 8MO H . 10.65 -24.12 12.89
C4 8MO H . 7.67 -25.87 17.66
C5 8MO H . 4.83 -23.80 15.74
C6 8MO H . 4.80 -22.85 14.65
C7 8MO H . 5.87 -22.68 13.86
C8 8MO H . 8.21 -23.25 13.24
C9 8MO H . 9.37 -24.03 13.49
C10 8MO H . 9.37 -24.95 14.57
C11 8MO H . 8.31 -25.16 15.41
C12 8MO H . 7.14 -24.37 15.14
O1 8MO H . 5.99 -24.52 15.94
O2 8MO H . 10.57 -25.57 14.63
O3 8MO H . 8.38 -26.10 16.46
O4 8MO H . 3.92 -24.02 16.49
CHA HEM I . -7.54 10.64 35.84
CHB HEM I . -9.74 14.70 34.87
CHC HEM I . -6.70 17.00 37.68
CHD HEM I . -4.45 12.96 38.46
C1A HEM I . -8.46 11.51 35.29
C2A HEM I . -9.55 11.18 34.46
C3A HEM I . -10.19 12.35 34.20
C4A HEM I . -9.47 13.36 34.88
CMA HEM I . -11.49 12.57 33.31
CAA HEM I . -9.92 9.75 33.99
CBA HEM I . -10.84 9.02 34.95
CGA HEM I . -11.29 7.64 34.53
O1A HEM I . -12.43 7.29 34.78
O2A HEM I . -10.54 6.86 33.93
C1B HEM I . -9.13 15.77 35.50
C2B HEM I . -9.52 17.12 35.42
C3B HEM I . -8.58 17.81 36.26
C4B HEM I . -7.73 16.81 36.75
CMB HEM I . -10.68 17.65 34.61
CAB HEM I . -8.47 19.20 36.58
CBB HEM I . -9.52 20.24 36.66
C1C HEM I . -5.77 16.13 38.19
C2C HEM I . -4.73 16.48 39.04
C3C HEM I . -4.00 15.29 39.25
C4C HEM I . -4.68 14.31 38.49
CMC HEM I . -4.45 17.91 39.63
CAC HEM I . -2.87 14.96 39.98
CBC HEM I . -2.16 15.68 40.97
C1D HEM I . -5.09 11.97 37.85
C2D HEM I . -4.63 10.66 37.80
C3D HEM I . -5.51 9.95 37.04
C4D HEM I . -6.48 10.89 36.66
CMD HEM I . -3.35 10.10 38.47
CAD HEM I . -5.47 8.45 36.66
CBD HEM I . -6.25 7.58 37.71
CGD HEM I . -6.30 6.06 37.49
O1D HEM I . -6.52 5.34 38.41
O2D HEM I . -6.12 5.57 36.34
NA HEM I . -8.44 12.86 35.53
NB HEM I . -8.07 15.61 36.29
NC HEM I . -5.72 14.84 37.86
ND HEM I . -6.18 12.08 37.17
FE HEM I . -7.16 13.84 36.79
C1 8MO J . -2.82 12.38 30.94
C2 8MO J . -6.63 13.74 33.03
C3 8MO J . -6.38 13.49 31.75
C4 8MO J . -2.47 11.67 35.28
C5 8MO J . -0.13 11.75 31.70
C6 8MO J . -0.56 11.66 30.32
C7 8MO J . -1.84 11.97 29.96
C8 8MO J . -4.15 12.70 30.62
C9 8MO J . -5.03 13.09 31.67
C10 8MO J . -4.53 13.16 33.01
C11 8MO J . -3.21 12.85 33.36
C12 8MO J . -2.37 12.46 32.30
O1 8MO J . -1.06 12.15 32.62
O2 8MO J . -5.52 13.56 33.85
O3 8MO J . -2.72 12.90 34.65
O4 8MO J . 0.96 11.51 32.13
CHA HEM K . 5.55 26.35 -26.52
CHB HEM K . 7.51 29.65 -23.81
CHC HEM K . 4.35 32.81 -25.35
CHD HEM K . 2.17 29.37 -27.66
C1A HEM K . 6.57 26.99 -25.83
C2A HEM K . 7.65 26.37 -25.17
C3A HEM K . 8.17 27.33 -24.32
C4A HEM K . 7.40 28.49 -24.51
CMA HEM K . 9.40 27.18 -23.33
CAA HEM K . 8.13 24.91 -25.39
CBA HEM K . 9.16 24.82 -26.48
CGA HEM K . 9.79 23.47 -26.77
O1A HEM K . 10.96 23.45 -27.15
O2A HEM K . 9.17 22.41 -26.64
C1B HEM K . 6.84 30.87 -23.91
C2B HEM K . 7.13 32.05 -23.20
C3B HEM K . 6.23 33.03 -23.75
C4B HEM K . 5.49 32.33 -24.73
CMB HEM K . 8.18 32.17 -22.11
CAB HEM K . 6.07 34.41 -23.41
CBB HEM K . 7.06 35.37 -22.91
C1C HEM K . 3.44 32.21 -26.19
C2C HEM K . 2.40 32.84 -26.84
C3C HEM K . 1.73 31.84 -27.56
C4C HEM K . 2.44 30.67 -27.27
CMC HEM K . 2.07 34.37 -26.77
CAC HEM K . 0.63 31.86 -28.38
CBC HEM K . 0.30 32.73 -29.45
C1D HEM K . 3.01 28.33 -27.77
C2D HEM K . 2.67 27.11 -28.39
C3D HEM K . 3.60 26.19 -28.00
C4D HEM K . 4.47 26.90 -27.16
CMD HEM K . 1.46 26.82 -29.33
CAD HEM K . 3.68 24.69 -28.38
CBD HEM K . 4.52 24.43 -29.65
CGD HEM K . 4.63 22.95 -30.09
O1D HEM K . 4.94 22.67 -31.23
O2D HEM K . 4.40 22.04 -29.26
NA HEM K . 6.45 28.28 -25.40
NB HEM K . 5.87 31.07 -24.81
NC HEM K . 3.46 30.93 -26.45
ND HEM K . 4.08 28.18 -27.05
FE HEM K . 5.02 29.65 -26.02
C1 8MO L . 0.97 25.44 -21.43
C2 8MO L . 4.71 27.82 -22.52
C3 8MO L . 4.46 27.02 -21.49
C4 8MO L . 0.57 26.67 -25.62
C5 8MO L . -1.65 24.99 -22.48
C6 8MO L . -1.23 24.35 -21.26
C7 8MO L . 0.01 24.57 -20.77
C8 8MO L . 2.27 25.68 -20.93
C9 8MO L . 3.13 26.54 -21.65
C10 8MO L . 2.66 27.14 -22.87
C11 8MO L . 1.40 26.92 -23.39
C12 8MO L . 0.54 26.06 -22.65
O1 8MO L . -0.75 25.81 -23.13
O2 8MO L . 3.65 27.93 -23.40
O3 8MO L . 0.96 27.51 -24.57
O4 8MO L . -2.72 24.85 -22.98
#